data_6TDG
# 
_entry.id   6TDG 
# 
_audit_conform.dict_name       mmcif_pdbx.dic 
_audit_conform.dict_version    5.383 
_audit_conform.dict_location   http://mmcif.pdb.org/dictionaries/ascii/mmcif_pdbx.dic 
# 
loop_
_database_2.database_id 
_database_2.database_code 
_database_2.pdbx_database_accession 
_database_2.pdbx_DOI 
PDB   6TDG         pdb_00006tdg 10.2210/pdb6tdg/pdb 
WWPDB D_1292105260 ?            ?                   
# 
loop_
_pdbx_audit_revision_history.ordinal 
_pdbx_audit_revision_history.data_content_type 
_pdbx_audit_revision_history.major_revision 
_pdbx_audit_revision_history.minor_revision 
_pdbx_audit_revision_history.revision_date 
1 'Structure model' 1 0 2020-04-29 
2 'Structure model' 1 1 2020-05-13 
3 'Structure model' 1 2 2020-07-08 
4 'Structure model' 1 3 2024-01-24 
# 
_pdbx_audit_revision_details.ordinal             1 
_pdbx_audit_revision_details.revision_ordinal    1 
_pdbx_audit_revision_details.data_content_type   'Structure model' 
_pdbx_audit_revision_details.provider            repository 
_pdbx_audit_revision_details.type                'Initial release' 
_pdbx_audit_revision_details.description         ? 
_pdbx_audit_revision_details.details             ? 
# 
loop_
_pdbx_audit_revision_group.ordinal 
_pdbx_audit_revision_group.revision_ordinal 
_pdbx_audit_revision_group.data_content_type 
_pdbx_audit_revision_group.group 
1 2 'Structure model' 'Database references'    
2 3 'Structure model' 'Database references'    
3 4 'Structure model' 'Data collection'        
4 4 'Structure model' 'Database references'    
5 4 'Structure model' 'Refinement description' 
# 
loop_
_pdbx_audit_revision_category.ordinal 
_pdbx_audit_revision_category.revision_ordinal 
_pdbx_audit_revision_category.data_content_type 
_pdbx_audit_revision_category.category 
1 2 'Structure model' citation                      
2 2 'Structure model' citation_author               
3 3 'Structure model' citation                      
4 3 'Structure model' citation_author               
5 4 'Structure model' chem_comp_atom                
6 4 'Structure model' chem_comp_bond                
7 4 'Structure model' database_2                    
8 4 'Structure model' pdbx_initial_refinement_model 
# 
loop_
_pdbx_audit_revision_item.ordinal 
_pdbx_audit_revision_item.revision_ordinal 
_pdbx_audit_revision_item.data_content_type 
_pdbx_audit_revision_item.item 
1  2 'Structure model' '_citation.pdbx_database_id_DOI'      
2  2 'Structure model' '_citation.pdbx_database_id_PubMed'   
3  2 'Structure model' '_citation.title'                     
4  2 'Structure model' '_citation_author.identifier_ORCID'   
5  2 'Structure model' '_citation_author.name'               
6  3 'Structure model' '_citation.journal_volume'            
7  3 'Structure model' '_citation.page_first'                
8  3 'Structure model' '_citation.page_last'                 
9  3 'Structure model' '_citation_author.identifier_ORCID'   
10 4 'Structure model' '_database_2.pdbx_DOI'                
11 4 'Structure model' '_database_2.pdbx_database_accession' 
# 
_pdbx_database_status.status_code                     REL 
_pdbx_database_status.status_code_sf                  REL 
_pdbx_database_status.status_code_mr                  ? 
_pdbx_database_status.entry_id                        6TDG 
_pdbx_database_status.recvd_initial_deposition_date   2019-11-08 
_pdbx_database_status.SG_entry                        N 
_pdbx_database_status.deposit_site                    PDBE 
_pdbx_database_status.process_site                    PDBE 
_pdbx_database_status.status_code_cs                  ? 
_pdbx_database_status.methods_development_category    ? 
_pdbx_database_status.pdb_format_compatible           Y 
_pdbx_database_status.status_code_nmr_data            ? 
# 
loop_
_audit_author.name 
_audit_author.pdbx_ordinal 
_audit_author.identifier_ORCID 
'Raimi, O.G.'  1 ? 
'Stanley, M.'  2 ? 
'Lockhart, D.' 3 ? 
# 
_citation.abstract                  ? 
_citation.abstract_id_CAS           ? 
_citation.book_id_ISBN              ? 
_citation.book_publisher            ? 
_citation.book_publisher_city       ? 
_citation.book_title                ? 
_citation.coordinate_linkage        ? 
_citation.country                   US 
_citation.database_id_Medline       ? 
_citation.details                   ? 
_citation.id                        primary 
_citation.journal_abbrev            J.Biol.Chem. 
_citation.journal_id_ASTM           JBCHA3 
_citation.journal_id_CSD            0071 
_citation.journal_id_ISSN           1083-351X 
_citation.journal_full              ? 
_citation.journal_issue             ? 
_citation.journal_volume            295 
_citation.language                  ? 
_citation.page_first                8678 
_citation.page_last                 8691 
_citation.title                     'Targeting a critical step in fungal hexosamine biosynthesis.' 
_citation.year                      2020 
_citation.database_id_CSD           ? 
_citation.pdbx_database_id_DOI      10.1074/jbc.RA120.012985 
_citation.pdbx_database_id_PubMed   32341126 
_citation.unpublished_flag          ? 
# 
loop_
_citation_author.citation_id 
_citation_author.name 
_citation_author.ordinal 
_citation_author.identifier_ORCID 
primary 'Lockhart, D.E.A.'   1 0000-0002-4262-3842 
primary 'Stanley, M.'        2 0000-0002-0631-8306 
primary 'Raimi, O.G.'        3 0000-0003-2782-7318 
primary 'Robinson, D.A.'     4 0000-0003-1979-5918 
primary 'Boldovjakova, D.'   5 ?                   
primary 'Squair, D.R.'       6 ?                   
primary 'Ferenbach, A.T.'    7 ?                   
primary 'Fang, W.'           8 ?                   
primary 'van Aalten, D.M.F.' 9 0000-0002-1499-6908 
# 
loop_
_entity.id 
_entity.type 
_entity.src_method 
_entity.pdbx_description 
_entity.formula_weight 
_entity.pdbx_number_of_molecules 
_entity.pdbx_ec 
_entity.pdbx_mutation 
_entity.pdbx_fragment 
_entity.details 
1 polymer     man 'Glucosamine 6-phosphate N-acetyltransferase'     21126.113 1  2.3.1.4 ? ? ? 
2 non-polymer syn 'ACETYL COENZYME *A'                              809.571   1  ?       ? ? ? 
3 non-polymer syn '2-chloranyl-3-(4~{H}-1,2,4-triazol-3-yl)aniline' 194.621   1  ?       ? ? ? 
4 water       nat water                                             18.015    88 ?       ? ? ? 
# 
_entity_poly.entity_id                      1 
_entity_poly.type                           'polypeptide(L)' 
_entity_poly.nstd_linkage                   no 
_entity_poly.nstd_monomer                   no 
_entity_poly.pdbx_seq_one_letter_code       
;MTNATIAPTTTAAPVTKSVDAPTADENTPLFSPSLISPDVLAVLPADYTIRPLCRSDYKRGYLDVLRVLTTVGDINEEQW
NSRYEWIRARSDEYYLLVVCDGEGRIVGTGSLVVERKFIHSLGMVGHIEDIAVEKGQQGKKLGLRIIQALDYVAEKVGCY
KTILDCSEANEGFYIKCGFKRAGLEMAHYY
;
_entity_poly.pdbx_seq_one_letter_code_can   
;MTNATIAPTTTAAPVTKSVDAPTADENTPLFSPSLISPDVLAVLPADYTIRPLCRSDYKRGYLDVLRVLTTVGDINEEQW
NSRYEWIRARSDEYYLLVVCDGEGRIVGTGSLVVERKFIHSLGMVGHIEDIAVEKGQQGKKLGLRIIQALDYVAEKVGCY
KTILDCSEANEGFYIKCGFKRAGLEMAHYY
;
_entity_poly.pdbx_strand_id                 A 
_entity_poly.pdbx_target_identifier         ? 
# 
loop_
_pdbx_entity_nonpoly.entity_id 
_pdbx_entity_nonpoly.name 
_pdbx_entity_nonpoly.comp_id 
2 'ACETYL COENZYME *A'                              ACO 
3 '2-chloranyl-3-(4~{H}-1,2,4-triazol-3-yl)aniline' N3W 
4 water                                             HOH 
# 
loop_
_entity_poly_seq.entity_id 
_entity_poly_seq.num 
_entity_poly_seq.mon_id 
_entity_poly_seq.hetero 
1 1   MET n 
1 2   THR n 
1 3   ASN n 
1 4   ALA n 
1 5   THR n 
1 6   ILE n 
1 7   ALA n 
1 8   PRO n 
1 9   THR n 
1 10  THR n 
1 11  THR n 
1 12  ALA n 
1 13  ALA n 
1 14  PRO n 
1 15  VAL n 
1 16  THR n 
1 17  LYS n 
1 18  SER n 
1 19  VAL n 
1 20  ASP n 
1 21  ALA n 
1 22  PRO n 
1 23  THR n 
1 24  ALA n 
1 25  ASP n 
1 26  GLU n 
1 27  ASN n 
1 28  THR n 
1 29  PRO n 
1 30  LEU n 
1 31  PHE n 
1 32  SER n 
1 33  PRO n 
1 34  SER n 
1 35  LEU n 
1 36  ILE n 
1 37  SER n 
1 38  PRO n 
1 39  ASP n 
1 40  VAL n 
1 41  LEU n 
1 42  ALA n 
1 43  VAL n 
1 44  LEU n 
1 45  PRO n 
1 46  ALA n 
1 47  ASP n 
1 48  TYR n 
1 49  THR n 
1 50  ILE n 
1 51  ARG n 
1 52  PRO n 
1 53  LEU n 
1 54  CYS n 
1 55  ARG n 
1 56  SER n 
1 57  ASP n 
1 58  TYR n 
1 59  LYS n 
1 60  ARG n 
1 61  GLY n 
1 62  TYR n 
1 63  LEU n 
1 64  ASP n 
1 65  VAL n 
1 66  LEU n 
1 67  ARG n 
1 68  VAL n 
1 69  LEU n 
1 70  THR n 
1 71  THR n 
1 72  VAL n 
1 73  GLY n 
1 74  ASP n 
1 75  ILE n 
1 76  ASN n 
1 77  GLU n 
1 78  GLU n 
1 79  GLN n 
1 80  TRP n 
1 81  ASN n 
1 82  SER n 
1 83  ARG n 
1 84  TYR n 
1 85  GLU n 
1 86  TRP n 
1 87  ILE n 
1 88  ARG n 
1 89  ALA n 
1 90  ARG n 
1 91  SER n 
1 92  ASP n 
1 93  GLU n 
1 94  TYR n 
1 95  TYR n 
1 96  LEU n 
1 97  LEU n 
1 98  VAL n 
1 99  VAL n 
1 100 CYS n 
1 101 ASP n 
1 102 GLY n 
1 103 GLU n 
1 104 GLY n 
1 105 ARG n 
1 106 ILE n 
1 107 VAL n 
1 108 GLY n 
1 109 THR n 
1 110 GLY n 
1 111 SER n 
1 112 LEU n 
1 113 VAL n 
1 114 VAL n 
1 115 GLU n 
1 116 ARG n 
1 117 LYS n 
1 118 PHE n 
1 119 ILE n 
1 120 HIS n 
1 121 SER n 
1 122 LEU n 
1 123 GLY n 
1 124 MET n 
1 125 VAL n 
1 126 GLY n 
1 127 HIS n 
1 128 ILE n 
1 129 GLU n 
1 130 ASP n 
1 131 ILE n 
1 132 ALA n 
1 133 VAL n 
1 134 GLU n 
1 135 LYS n 
1 136 GLY n 
1 137 GLN n 
1 138 GLN n 
1 139 GLY n 
1 140 LYS n 
1 141 LYS n 
1 142 LEU n 
1 143 GLY n 
1 144 LEU n 
1 145 ARG n 
1 146 ILE n 
1 147 ILE n 
1 148 GLN n 
1 149 ALA n 
1 150 LEU n 
1 151 ASP n 
1 152 TYR n 
1 153 VAL n 
1 154 ALA n 
1 155 GLU n 
1 156 LYS n 
1 157 VAL n 
1 158 GLY n 
1 159 CYS n 
1 160 TYR n 
1 161 LYS n 
1 162 THR n 
1 163 ILE n 
1 164 LEU n 
1 165 ASP n 
1 166 CYS n 
1 167 SER n 
1 168 GLU n 
1 169 ALA n 
1 170 ASN n 
1 171 GLU n 
1 172 GLY n 
1 173 PHE n 
1 174 TYR n 
1 175 ILE n 
1 176 LYS n 
1 177 CYS n 
1 178 GLY n 
1 179 PHE n 
1 180 LYS n 
1 181 ARG n 
1 182 ALA n 
1 183 GLY n 
1 184 LEU n 
1 185 GLU n 
1 186 MET n 
1 187 ALA n 
1 188 HIS n 
1 189 TYR n 
1 190 TYR n 
# 
_entity_src_gen.entity_id                          1 
_entity_src_gen.pdbx_src_id                        1 
_entity_src_gen.pdbx_alt_source_flag               sample 
_entity_src_gen.pdbx_seq_type                      'Biological sequence' 
_entity_src_gen.pdbx_beg_seq_num                   1 
_entity_src_gen.pdbx_end_seq_num                   190 
_entity_src_gen.gene_src_common_name               ? 
_entity_src_gen.gene_src_genus                     ? 
_entity_src_gen.pdbx_gene_src_gene                 AFUA_6G02460 
_entity_src_gen.gene_src_species                   ? 
_entity_src_gen.gene_src_strain                    ? 
_entity_src_gen.gene_src_tissue                    ? 
_entity_src_gen.gene_src_tissue_fraction           ? 
_entity_src_gen.gene_src_details                   ? 
_entity_src_gen.pdbx_gene_src_fragment             ? 
_entity_src_gen.pdbx_gene_src_scientific_name      'Aspergillus fumigatus Af293' 
_entity_src_gen.pdbx_gene_src_ncbi_taxonomy_id     330879 
_entity_src_gen.pdbx_gene_src_variant              ? 
_entity_src_gen.pdbx_gene_src_cell_line            ? 
_entity_src_gen.pdbx_gene_src_atcc                 ? 
_entity_src_gen.pdbx_gene_src_organ                ? 
_entity_src_gen.pdbx_gene_src_organelle            ? 
_entity_src_gen.pdbx_gene_src_cell                 ? 
_entity_src_gen.pdbx_gene_src_cellular_location    ? 
_entity_src_gen.host_org_common_name               ? 
_entity_src_gen.pdbx_host_org_scientific_name      'Escherichia coli' 
_entity_src_gen.pdbx_host_org_ncbi_taxonomy_id     562 
_entity_src_gen.host_org_genus                     ? 
_entity_src_gen.pdbx_host_org_gene                 ? 
_entity_src_gen.pdbx_host_org_organ                ? 
_entity_src_gen.host_org_species                   ? 
_entity_src_gen.pdbx_host_org_tissue               ? 
_entity_src_gen.pdbx_host_org_tissue_fraction      ? 
_entity_src_gen.pdbx_host_org_strain               ? 
_entity_src_gen.pdbx_host_org_variant              ? 
_entity_src_gen.pdbx_host_org_cell_line            ? 
_entity_src_gen.pdbx_host_org_atcc                 ? 
_entity_src_gen.pdbx_host_org_culture_collection   ? 
_entity_src_gen.pdbx_host_org_cell                 ? 
_entity_src_gen.pdbx_host_org_organelle            ? 
_entity_src_gen.pdbx_host_org_cellular_location    ? 
_entity_src_gen.pdbx_host_org_vector_type          ? 
_entity_src_gen.pdbx_host_org_vector               ? 
_entity_src_gen.host_org_details                   ? 
_entity_src_gen.expression_system_id               ? 
_entity_src_gen.plasmid_name                       ? 
_entity_src_gen.plasmid_details                    ? 
_entity_src_gen.pdbx_description                   ? 
# 
loop_
_chem_comp.id 
_chem_comp.type 
_chem_comp.mon_nstd_flag 
_chem_comp.name 
_chem_comp.pdbx_synonyms 
_chem_comp.formula 
_chem_comp.formula_weight 
ACO non-polymer         . 'ACETYL COENZYME *A'                              ? 'C23 H38 N7 O17 P3 S' 809.571 
ALA 'L-peptide linking' y ALANINE                                           ? 'C3 H7 N O2'          89.093  
ARG 'L-peptide linking' y ARGININE                                          ? 'C6 H15 N4 O2 1'      175.209 
ASN 'L-peptide linking' y ASPARAGINE                                        ? 'C4 H8 N2 O3'         132.118 
ASP 'L-peptide linking' y 'ASPARTIC ACID'                                   ? 'C4 H7 N O4'          133.103 
CYS 'L-peptide linking' y CYSTEINE                                          ? 'C3 H7 N O2 S'        121.158 
GLN 'L-peptide linking' y GLUTAMINE                                         ? 'C5 H10 N2 O3'        146.144 
GLU 'L-peptide linking' y 'GLUTAMIC ACID'                                   ? 'C5 H9 N O4'          147.129 
GLY 'peptide linking'   y GLYCINE                                           ? 'C2 H5 N O2'          75.067  
HIS 'L-peptide linking' y HISTIDINE                                         ? 'C6 H10 N3 O2 1'      156.162 
HOH non-polymer         . WATER                                             ? 'H2 O'                18.015  
ILE 'L-peptide linking' y ISOLEUCINE                                        ? 'C6 H13 N O2'         131.173 
LEU 'L-peptide linking' y LEUCINE                                           ? 'C6 H13 N O2'         131.173 
LYS 'L-peptide linking' y LYSINE                                            ? 'C6 H15 N2 O2 1'      147.195 
MET 'L-peptide linking' y METHIONINE                                        ? 'C5 H11 N O2 S'       149.211 
N3W non-polymer         . '2-chloranyl-3-(4~{H}-1,2,4-triazol-3-yl)aniline' ? 'C8 H7 Cl N4'         194.621 
PHE 'L-peptide linking' y PHENYLALANINE                                     ? 'C9 H11 N O2'         165.189 
PRO 'L-peptide linking' y PROLINE                                           ? 'C5 H9 N O2'          115.130 
SER 'L-peptide linking' y SERINE                                            ? 'C3 H7 N O3'          105.093 
THR 'L-peptide linking' y THREONINE                                         ? 'C4 H9 N O3'          119.119 
TRP 'L-peptide linking' y TRYPTOPHAN                                        ? 'C11 H12 N2 O2'       204.225 
TYR 'L-peptide linking' y TYROSINE                                          ? 'C9 H11 N O3'         181.189 
VAL 'L-peptide linking' y VALINE                                            ? 'C5 H11 N O2'         117.146 
# 
loop_
_pdbx_poly_seq_scheme.asym_id 
_pdbx_poly_seq_scheme.entity_id 
_pdbx_poly_seq_scheme.seq_id 
_pdbx_poly_seq_scheme.mon_id 
_pdbx_poly_seq_scheme.ndb_seq_num 
_pdbx_poly_seq_scheme.pdb_seq_num 
_pdbx_poly_seq_scheme.auth_seq_num 
_pdbx_poly_seq_scheme.pdb_mon_id 
_pdbx_poly_seq_scheme.auth_mon_id 
_pdbx_poly_seq_scheme.pdb_strand_id 
_pdbx_poly_seq_scheme.pdb_ins_code 
_pdbx_poly_seq_scheme.hetero 
A 1 1   MET 1   1   ?   ?   ?   A . n 
A 1 2   THR 2   2   ?   ?   ?   A . n 
A 1 3   ASN 3   3   ?   ?   ?   A . n 
A 1 4   ALA 4   4   ?   ?   ?   A . n 
A 1 5   THR 5   5   ?   ?   ?   A . n 
A 1 6   ILE 6   6   ?   ?   ?   A . n 
A 1 7   ALA 7   7   ?   ?   ?   A . n 
A 1 8   PRO 8   8   ?   ?   ?   A . n 
A 1 9   THR 9   9   ?   ?   ?   A . n 
A 1 10  THR 10  10  ?   ?   ?   A . n 
A 1 11  THR 11  11  ?   ?   ?   A . n 
A 1 12  ALA 12  12  ?   ?   ?   A . n 
A 1 13  ALA 13  13  ?   ?   ?   A . n 
A 1 14  PRO 14  14  ?   ?   ?   A . n 
A 1 15  VAL 15  15  ?   ?   ?   A . n 
A 1 16  THR 16  16  ?   ?   ?   A . n 
A 1 17  LYS 17  17  ?   ?   ?   A . n 
A 1 18  SER 18  18  ?   ?   ?   A . n 
A 1 19  VAL 19  19  ?   ?   ?   A . n 
A 1 20  ASP 20  20  ?   ?   ?   A . n 
A 1 21  ALA 21  21  ?   ?   ?   A . n 
A 1 22  PRO 22  22  ?   ?   ?   A . n 
A 1 23  THR 23  23  ?   ?   ?   A . n 
A 1 24  ALA 24  24  ?   ?   ?   A . n 
A 1 25  ASP 25  25  ?   ?   ?   A . n 
A 1 26  GLU 26  26  26  GLU GLU A . n 
A 1 27  ASN 27  27  27  ASN ASN A . n 
A 1 28  THR 28  28  28  THR THR A . n 
A 1 29  PRO 29  29  29  PRO PRO A . n 
A 1 30  LEU 30  30  30  LEU LEU A . n 
A 1 31  PHE 31  31  31  PHE PHE A . n 
A 1 32  SER 32  32  32  SER SER A . n 
A 1 33  PRO 33  33  33  PRO PRO A . n 
A 1 34  SER 34  34  34  SER SER A . n 
A 1 35  LEU 35  35  35  LEU LEU A . n 
A 1 36  ILE 36  36  36  ILE ILE A . n 
A 1 37  SER 37  37  37  SER SER A . n 
A 1 38  PRO 38  38  38  PRO PRO A . n 
A 1 39  ASP 39  39  39  ASP ASP A . n 
A 1 40  VAL 40  40  40  VAL VAL A . n 
A 1 41  LEU 41  41  41  LEU LEU A . n 
A 1 42  ALA 42  42  42  ALA ALA A . n 
A 1 43  VAL 43  43  43  VAL VAL A . n 
A 1 44  LEU 44  44  44  LEU LEU A . n 
A 1 45  PRO 45  45  45  PRO PRO A . n 
A 1 46  ALA 46  46  46  ALA ALA A . n 
A 1 47  ASP 47  47  47  ASP ASP A . n 
A 1 48  TYR 48  48  48  TYR TYR A . n 
A 1 49  THR 49  49  49  THR THR A . n 
A 1 50  ILE 50  50  50  ILE ILE A . n 
A 1 51  ARG 51  51  51  ARG ARG A . n 
A 1 52  PRO 52  52  52  PRO PRO A . n 
A 1 53  LEU 53  53  53  LEU LEU A . n 
A 1 54  CYS 54  54  54  CYS CYS A . n 
A 1 55  ARG 55  55  55  ARG ARG A . n 
A 1 56  SER 56  56  56  SER SER A . n 
A 1 57  ASP 57  57  57  ASP ASP A . n 
A 1 58  TYR 58  58  58  TYR TYR A . n 
A 1 59  LYS 59  59  59  LYS LYS A . n 
A 1 60  ARG 60  60  60  ARG ARG A . n 
A 1 61  GLY 61  61  61  GLY GLY A . n 
A 1 62  TYR 62  62  62  TYR TYR A . n 
A 1 63  LEU 63  63  63  LEU LEU A . n 
A 1 64  ASP 64  64  64  ASP ASP A . n 
A 1 65  VAL 65  65  65  VAL VAL A . n 
A 1 66  LEU 66  66  66  LEU LEU A . n 
A 1 67  ARG 67  67  67  ARG ARG A . n 
A 1 68  VAL 68  68  68  VAL VAL A . n 
A 1 69  LEU 69  69  69  LEU LEU A . n 
A 1 70  THR 70  70  70  THR THR A . n 
A 1 71  THR 71  71  71  THR THR A . n 
A 1 72  VAL 72  72  72  VAL VAL A . n 
A 1 73  GLY 73  73  73  GLY GLY A . n 
A 1 74  ASP 74  74  74  ASP ASP A . n 
A 1 75  ILE 75  75  75  ILE ILE A . n 
A 1 76  ASN 76  76  76  ASN ASN A . n 
A 1 77  GLU 77  77  77  GLU GLU A . n 
A 1 78  GLU 78  78  78  GLU GLU A . n 
A 1 79  GLN 79  79  79  GLN GLN A . n 
A 1 80  TRP 80  80  80  TRP TRP A . n 
A 1 81  ASN 81  81  81  ASN ASN A . n 
A 1 82  SER 82  82  82  SER SER A . n 
A 1 83  ARG 83  83  83  ARG ARG A . n 
A 1 84  TYR 84  84  84  TYR TYR A . n 
A 1 85  GLU 85  85  85  GLU GLU A . n 
A 1 86  TRP 86  86  86  TRP TRP A . n 
A 1 87  ILE 87  87  87  ILE ILE A . n 
A 1 88  ARG 88  88  88  ARG ARG A . n 
A 1 89  ALA 89  89  89  ALA ALA A . n 
A 1 90  ARG 90  90  90  ARG ARG A . n 
A 1 91  SER 91  91  91  SER SER A . n 
A 1 92  ASP 92  92  92  ASP ASP A . n 
A 1 93  GLU 93  93  93  GLU GLU A . n 
A 1 94  TYR 94  94  94  TYR TYR A . n 
A 1 95  TYR 95  95  95  TYR TYR A . n 
A 1 96  LEU 96  96  96  LEU LEU A . n 
A 1 97  LEU 97  97  97  LEU LEU A . n 
A 1 98  VAL 98  98  98  VAL VAL A . n 
A 1 99  VAL 99  99  99  VAL VAL A . n 
A 1 100 CYS 100 100 100 CYS CYS A . n 
A 1 101 ASP 101 101 101 ASP ASP A . n 
A 1 102 GLY 102 102 102 GLY GLY A . n 
A 1 103 GLU 103 103 103 GLU GLU A . n 
A 1 104 GLY 104 104 104 GLY GLY A . n 
A 1 105 ARG 105 105 105 ARG ARG A . n 
A 1 106 ILE 106 106 106 ILE ILE A . n 
A 1 107 VAL 107 107 107 VAL VAL A . n 
A 1 108 GLY 108 108 108 GLY GLY A . n 
A 1 109 THR 109 109 109 THR THR A . n 
A 1 110 GLY 110 110 110 GLY GLY A . n 
A 1 111 SER 111 111 111 SER SER A . n 
A 1 112 LEU 112 112 112 LEU LEU A . n 
A 1 113 VAL 113 113 113 VAL VAL A . n 
A 1 114 VAL 114 114 114 VAL VAL A . n 
A 1 115 GLU 115 115 115 GLU GLU A . n 
A 1 116 ARG 116 116 116 ARG ARG A . n 
A 1 117 LYS 117 117 117 LYS LYS A . n 
A 1 118 PHE 118 118 118 PHE PHE A . n 
A 1 119 ILE 119 119 119 ILE ILE A . n 
A 1 120 HIS 120 120 120 HIS HIS A . n 
A 1 121 SER 121 121 121 SER SER A . n 
A 1 122 LEU 122 122 122 LEU LEU A . n 
A 1 123 GLY 123 123 123 GLY GLY A . n 
A 1 124 MET 124 124 124 MET MET A . n 
A 1 125 VAL 125 125 125 VAL VAL A . n 
A 1 126 GLY 126 126 126 GLY GLY A . n 
A 1 127 HIS 127 127 127 HIS HIS A . n 
A 1 128 ILE 128 128 128 ILE ILE A . n 
A 1 129 GLU 129 129 129 GLU GLU A . n 
A 1 130 ASP 130 130 130 ASP ASP A . n 
A 1 131 ILE 131 131 131 ILE ILE A . n 
A 1 132 ALA 132 132 132 ALA ALA A . n 
A 1 133 VAL 133 133 133 VAL VAL A . n 
A 1 134 GLU 134 134 134 GLU GLU A . n 
A 1 135 LYS 135 135 135 LYS LYS A . n 
A 1 136 GLY 136 136 136 GLY GLY A . n 
A 1 137 GLN 137 137 137 GLN GLN A . n 
A 1 138 GLN 138 138 138 GLN GLN A . n 
A 1 139 GLY 139 139 139 GLY GLY A . n 
A 1 140 LYS 140 140 140 LYS LYS A . n 
A 1 141 LYS 141 141 141 LYS LYS A . n 
A 1 142 LEU 142 142 142 LEU LEU A . n 
A 1 143 GLY 143 143 143 GLY GLY A . n 
A 1 144 LEU 144 144 144 LEU LEU A . n 
A 1 145 ARG 145 145 145 ARG ARG A . n 
A 1 146 ILE 146 146 146 ILE ILE A . n 
A 1 147 ILE 147 147 147 ILE ILE A . n 
A 1 148 GLN 148 148 148 GLN GLN A . n 
A 1 149 ALA 149 149 149 ALA ALA A . n 
A 1 150 LEU 150 150 150 LEU LEU A . n 
A 1 151 ASP 151 151 151 ASP ASP A . n 
A 1 152 TYR 152 152 152 TYR TYR A . n 
A 1 153 VAL 153 153 153 VAL VAL A . n 
A 1 154 ALA 154 154 154 ALA ALA A . n 
A 1 155 GLU 155 155 155 GLU GLU A . n 
A 1 156 LYS 156 156 156 LYS LYS A . n 
A 1 157 VAL 157 157 157 VAL VAL A . n 
A 1 158 GLY 158 158 158 GLY GLY A . n 
A 1 159 CYS 159 159 159 CYS CYS A . n 
A 1 160 TYR 160 160 160 TYR TYR A . n 
A 1 161 LYS 161 161 161 LYS LYS A . n 
A 1 162 THR 162 162 162 THR THR A . n 
A 1 163 ILE 163 163 163 ILE ILE A . n 
A 1 164 LEU 164 164 164 LEU LEU A . n 
A 1 165 ASP 165 165 165 ASP ASP A . n 
A 1 166 CYS 166 166 166 CYS CYS A . n 
A 1 167 SER 167 167 167 SER SER A . n 
A 1 168 GLU 168 168 168 GLU GLU A . n 
A 1 169 ALA 169 169 169 ALA ALA A . n 
A 1 170 ASN 170 170 170 ASN ASN A . n 
A 1 171 GLU 171 171 171 GLU GLU A . n 
A 1 172 GLY 172 172 172 GLY GLY A . n 
A 1 173 PHE 173 173 173 PHE PHE A . n 
A 1 174 TYR 174 174 174 TYR TYR A . n 
A 1 175 ILE 175 175 175 ILE ILE A . n 
A 1 176 LYS 176 176 176 LYS LYS A . n 
A 1 177 CYS 177 177 177 CYS CYS A . n 
A 1 178 GLY 178 178 178 GLY GLY A . n 
A 1 179 PHE 179 179 179 PHE PHE A . n 
A 1 180 LYS 180 180 180 LYS LYS A . n 
A 1 181 ARG 181 181 181 ARG ARG A . n 
A 1 182 ALA 182 182 182 ALA ALA A . n 
A 1 183 GLY 183 183 183 GLY GLY A . n 
A 1 184 LEU 184 184 184 LEU LEU A . n 
A 1 185 GLU 185 185 185 GLU GLU A . n 
A 1 186 MET 186 186 186 MET MET A . n 
A 1 187 ALA 187 187 187 ALA ALA A . n 
A 1 188 HIS 188 188 188 HIS HIS A . n 
A 1 189 TYR 189 189 189 TYR TYR A . n 
A 1 190 TYR 190 190 190 TYR TYR A . n 
# 
loop_
_pdbx_nonpoly_scheme.asym_id 
_pdbx_nonpoly_scheme.entity_id 
_pdbx_nonpoly_scheme.mon_id 
_pdbx_nonpoly_scheme.ndb_seq_num 
_pdbx_nonpoly_scheme.pdb_seq_num 
_pdbx_nonpoly_scheme.auth_seq_num 
_pdbx_nonpoly_scheme.pdb_mon_id 
_pdbx_nonpoly_scheme.auth_mon_id 
_pdbx_nonpoly_scheme.pdb_strand_id 
_pdbx_nonpoly_scheme.pdb_ins_code 
B 2 ACO 1  201 201 ACO ACO A . 
C 3 N3W 1  202 1   N3W DRG A . 
D 4 HOH 1  301 4   HOH HOH A . 
D 4 HOH 2  302 86  HOH HOH A . 
D 4 HOH 3  303 26  HOH HOH A . 
D 4 HOH 4  304 5   HOH HOH A . 
D 4 HOH 5  305 50  HOH HOH A . 
D 4 HOH 6  306 8   HOH HOH A . 
D 4 HOH 7  307 45  HOH HOH A . 
D 4 HOH 8  308 24  HOH HOH A . 
D 4 HOH 9  309 73  HOH HOH A . 
D 4 HOH 10 310 29  HOH HOH A . 
D 4 HOH 11 311 19  HOH HOH A . 
D 4 HOH 12 312 38  HOH HOH A . 
D 4 HOH 13 313 18  HOH HOH A . 
D 4 HOH 14 314 37  HOH HOH A . 
D 4 HOH 15 315 66  HOH HOH A . 
D 4 HOH 16 316 36  HOH HOH A . 
D 4 HOH 17 317 33  HOH HOH A . 
D 4 HOH 18 318 53  HOH HOH A . 
D 4 HOH 19 319 65  HOH HOH A . 
D 4 HOH 20 320 85  HOH HOH A . 
D 4 HOH 21 321 13  HOH HOH A . 
D 4 HOH 22 322 17  HOH HOH A . 
D 4 HOH 23 323 72  HOH HOH A . 
D 4 HOH 24 324 43  HOH HOH A . 
D 4 HOH 25 325 54  HOH HOH A . 
D 4 HOH 26 326 84  HOH HOH A . 
D 4 HOH 27 327 79  HOH HOH A . 
D 4 HOH 28 328 34  HOH HOH A . 
D 4 HOH 29 329 39  HOH HOH A . 
D 4 HOH 30 330 14  HOH HOH A . 
D 4 HOH 31 331 44  HOH HOH A . 
D 4 HOH 32 332 1   HOH HOH A . 
D 4 HOH 33 333 41  HOH HOH A . 
D 4 HOH 34 334 60  HOH HOH A . 
D 4 HOH 35 335 63  HOH HOH A . 
D 4 HOH 36 336 55  HOH HOH A . 
D 4 HOH 37 337 31  HOH HOH A . 
D 4 HOH 38 338 21  HOH HOH A . 
D 4 HOH 39 339 46  HOH HOH A . 
D 4 HOH 40 340 35  HOH HOH A . 
D 4 HOH 41 341 11  HOH HOH A . 
D 4 HOH 42 342 40  HOH HOH A . 
D 4 HOH 43 343 48  HOH HOH A . 
D 4 HOH 44 344 52  HOH HOH A . 
D 4 HOH 45 345 30  HOH HOH A . 
D 4 HOH 46 346 56  HOH HOH A . 
D 4 HOH 47 347 80  HOH HOH A . 
D 4 HOH 48 348 6   HOH HOH A . 
D 4 HOH 49 349 22  HOH HOH A . 
D 4 HOH 50 350 81  HOH HOH A . 
D 4 HOH 51 351 42  HOH HOH A . 
D 4 HOH 52 352 12  HOH HOH A . 
D 4 HOH 53 353 23  HOH HOH A . 
D 4 HOH 54 354 51  HOH HOH A . 
D 4 HOH 55 355 62  HOH HOH A . 
D 4 HOH 56 356 83  HOH HOH A . 
D 4 HOH 57 357 32  HOH HOH A . 
D 4 HOH 58 358 68  HOH HOH A . 
D 4 HOH 59 359 64  HOH HOH A . 
D 4 HOH 60 360 27  HOH HOH A . 
D 4 HOH 61 361 16  HOH HOH A . 
D 4 HOH 62 362 67  HOH HOH A . 
D 4 HOH 63 363 77  HOH HOH A . 
D 4 HOH 64 364 28  HOH HOH A . 
D 4 HOH 65 365 78  HOH HOH A . 
D 4 HOH 66 366 49  HOH HOH A . 
D 4 HOH 67 367 15  HOH HOH A . 
D 4 HOH 68 368 3   HOH HOH A . 
D 4 HOH 69 369 59  HOH HOH A . 
D 4 HOH 70 370 74  HOH HOH A . 
D 4 HOH 71 371 69  HOH HOH A . 
D 4 HOH 72 372 82  HOH HOH A . 
D 4 HOH 73 373 58  HOH HOH A . 
D 4 HOH 74 374 20  HOH HOH A . 
D 4 HOH 75 375 7   HOH HOH A . 
D 4 HOH 76 376 25  HOH HOH A . 
D 4 HOH 77 377 88  HOH HOH A . 
D 4 HOH 78 378 9   HOH HOH A . 
D 4 HOH 79 379 61  HOH HOH A . 
D 4 HOH 80 380 57  HOH HOH A . 
D 4 HOH 81 381 71  HOH HOH A . 
D 4 HOH 82 382 87  HOH HOH A . 
D 4 HOH 83 383 75  HOH HOH A . 
D 4 HOH 84 384 47  HOH HOH A . 
D 4 HOH 85 385 70  HOH HOH A . 
D 4 HOH 86 386 10  HOH HOH A . 
D 4 HOH 87 387 76  HOH HOH A . 
D 4 HOH 88 388 2   HOH HOH A . 
# 
loop_
_software.citation_id 
_software.classification 
_software.compiler_name 
_software.compiler_version 
_software.contact_author 
_software.contact_author_email 
_software.date 
_software.description 
_software.dependencies 
_software.hardware 
_software.language 
_software.location 
_software.mods 
_software.name 
_software.os 
_software.os_version 
_software.type 
_software.version 
_software.pdbx_ordinal 
? 'data scaling'    ? ? ? ? ? ? ? ? ? ? ? Aimless     ? ? ? .        1 
? refinement        ? ? ? ? ? ? ? ? ? ? ? REFMAC      ? ? ? 5.8.0257 2 
? 'data extraction' ? ? ? ? ? ? ? ? ? ? ? PDB_EXTRACT ? ? ? 3.25     3 
? 'data reduction'  ? ? ? ? ? ? ? ? ? ? ? XDS         ? ? ? .        4 
? phasing           ? ? ? ? ? ? ? ? ? ? ? MOLREP      ? ? ? .        5 
# 
_cell.angle_alpha                  90.000 
_cell.angle_alpha_esd              ? 
_cell.angle_beta                   90.000 
_cell.angle_beta_esd               ? 
_cell.angle_gamma                  90.000 
_cell.angle_gamma_esd              ? 
_cell.entry_id                     6TDG 
_cell.details                      ? 
_cell.formula_units_Z              ? 
_cell.length_a                     70.210 
_cell.length_a_esd                 ? 
_cell.length_b                     101.200 
_cell.length_b_esd                 ? 
_cell.length_c                     56.370 
_cell.length_c_esd                 ? 
_cell.volume                       ? 
_cell.volume_esd                   ? 
_cell.Z_PDB                        8 
_cell.reciprocal_angle_alpha       ? 
_cell.reciprocal_angle_beta        ? 
_cell.reciprocal_angle_gamma       ? 
_cell.reciprocal_angle_alpha_esd   ? 
_cell.reciprocal_angle_beta_esd    ? 
_cell.reciprocal_angle_gamma_esd   ? 
_cell.reciprocal_length_a          ? 
_cell.reciprocal_length_b          ? 
_cell.reciprocal_length_c          ? 
_cell.reciprocal_length_a_esd      ? 
_cell.reciprocal_length_b_esd      ? 
_cell.reciprocal_length_c_esd      ? 
_cell.pdbx_unique_axis             ? 
# 
_symmetry.entry_id                         6TDG 
_symmetry.cell_setting                     ? 
_symmetry.Int_Tables_number                20 
_symmetry.space_group_name_Hall            ? 
_symmetry.space_group_name_H-M             'C 2 2 21' 
_symmetry.pdbx_full_space_group_name_H-M   ? 
# 
_exptl.absorpt_coefficient_mu     ? 
_exptl.absorpt_correction_T_max   ? 
_exptl.absorpt_correction_T_min   ? 
_exptl.absorpt_correction_type    ? 
_exptl.absorpt_process_details    ? 
_exptl.entry_id                   6TDG 
_exptl.crystals_number            1 
_exptl.details                    ? 
_exptl.method                     'X-RAY DIFFRACTION' 
_exptl.method_details             ? 
# 
_exptl_crystal.colour                      ? 
_exptl_crystal.density_diffrn              ? 
_exptl_crystal.density_Matthews            2.37 
_exptl_crystal.density_method              ? 
_exptl_crystal.density_percent_sol         48.10 
_exptl_crystal.description                 ? 
_exptl_crystal.F_000                       ? 
_exptl_crystal.id                          1 
_exptl_crystal.preparation                 ? 
_exptl_crystal.size_max                    ? 
_exptl_crystal.size_mid                    ? 
_exptl_crystal.size_min                    ? 
_exptl_crystal.size_rad                    ? 
_exptl_crystal.colour_lustre               ? 
_exptl_crystal.colour_modifier             ? 
_exptl_crystal.colour_primary              ? 
_exptl_crystal.density_meas                ? 
_exptl_crystal.density_meas_esd            ? 
_exptl_crystal.density_meas_gt             ? 
_exptl_crystal.density_meas_lt             ? 
_exptl_crystal.density_meas_temp           ? 
_exptl_crystal.density_meas_temp_esd       ? 
_exptl_crystal.density_meas_temp_gt        ? 
_exptl_crystal.density_meas_temp_lt        ? 
_exptl_crystal.pdbx_crystal_image_url      ? 
_exptl_crystal.pdbx_crystal_image_format   ? 
_exptl_crystal.pdbx_mosaicity              ? 
_exptl_crystal.pdbx_mosaicity_esd          ? 
# 
_exptl_crystal_grow.apparatus       ? 
_exptl_crystal_grow.atmosphere      ? 
_exptl_crystal_grow.crystal_id      1 
_exptl_crystal_grow.details         ? 
_exptl_crystal_grow.method          'VAPOR DIFFUSION, SITTING DROP' 
_exptl_crystal_grow.method_ref      ? 
_exptl_crystal_grow.pH              ? 
_exptl_crystal_grow.pressure        ? 
_exptl_crystal_grow.pressure_esd    ? 
_exptl_crystal_grow.seeding         ? 
_exptl_crystal_grow.seeding_ref     ? 
_exptl_crystal_grow.temp            277 
_exptl_crystal_grow.temp_details    ? 
_exptl_crystal_grow.temp_esd        ? 
_exptl_crystal_grow.time            ? 
_exptl_crystal_grow.pdbx_details    
;1. 10% peg 1000, 10% peg 8000
2. 30% peg 1500
;
_exptl_crystal_grow.pdbx_pH_range   ? 
# 
_diffrn.ambient_environment              ? 
_diffrn.ambient_temp                     277 
_diffrn.ambient_temp_details             ? 
_diffrn.ambient_temp_esd                 ? 
_diffrn.crystal_id                       1 
_diffrn.crystal_support                  ? 
_diffrn.crystal_treatment                ? 
_diffrn.details                          ? 
_diffrn.id                               1 
_diffrn.ambient_pressure                 ? 
_diffrn.ambient_pressure_esd             ? 
_diffrn.ambient_pressure_gt              ? 
_diffrn.ambient_pressure_lt              ? 
_diffrn.ambient_temp_gt                  ? 
_diffrn.ambient_temp_lt                  ? 
_diffrn.pdbx_serial_crystal_experiment   N 
# 
_diffrn_detector.details                      ? 
_diffrn_detector.detector                     PIXEL 
_diffrn_detector.diffrn_id                    1 
_diffrn_detector.type                         'DECTRIS EIGER R 4M' 
_diffrn_detector.area_resol_mean              ? 
_diffrn_detector.dtime                        ? 
_diffrn_detector.pdbx_frames_total            ? 
_diffrn_detector.pdbx_collection_time_total   ? 
_diffrn_detector.pdbx_collection_date         2017-08-31 
_diffrn_detector.pdbx_frequency               ? 
# 
_diffrn_radiation.collimation                      ? 
_diffrn_radiation.diffrn_id                        1 
_diffrn_radiation.filter_edge                      ? 
_diffrn_radiation.inhomogeneity                    ? 
_diffrn_radiation.monochromator                    ? 
_diffrn_radiation.polarisn_norm                    ? 
_diffrn_radiation.polarisn_ratio                   ? 
_diffrn_radiation.probe                            ? 
_diffrn_radiation.type                             ? 
_diffrn_radiation.xray_symbol                      ? 
_diffrn_radiation.wavelength_id                    1 
_diffrn_radiation.pdbx_monochromatic_or_laue_m_l   M 
_diffrn_radiation.pdbx_wavelength_list             ? 
_diffrn_radiation.pdbx_wavelength                  ? 
_diffrn_radiation.pdbx_diffrn_protocol             'SINGLE WAVELENGTH' 
_diffrn_radiation.pdbx_analyzer                    ? 
_diffrn_radiation.pdbx_scattering_type             x-ray 
# 
_diffrn_radiation_wavelength.id           1 
_diffrn_radiation_wavelength.wavelength   0.9677 
_diffrn_radiation_wavelength.wt           1.0 
# 
_diffrn_source.current                     ? 
_diffrn_source.details                     ? 
_diffrn_source.diffrn_id                   1 
_diffrn_source.power                       ? 
_diffrn_source.size                        ? 
_diffrn_source.source                      SYNCHROTRON 
_diffrn_source.target                      ? 
_diffrn_source.type                        'ESRF BEAMLINE ID30B' 
_diffrn_source.voltage                     ? 
_diffrn_source.take-off_angle              ? 
_diffrn_source.pdbx_wavelength_list        0.9677 
_diffrn_source.pdbx_wavelength             ? 
_diffrn_source.pdbx_synchrotron_beamline   ID30B 
_diffrn_source.pdbx_synchrotron_site       ESRF 
# 
_reflns.B_iso_Wilson_estimate            ? 
_reflns.entry_id                         6TDG 
_reflns.data_reduction_details           ? 
_reflns.data_reduction_method            ? 
_reflns.d_resolution_high                1.74 
_reflns.d_resolution_low                 57.7 
_reflns.details                          ? 
_reflns.limit_h_max                      ? 
_reflns.limit_h_min                      ? 
_reflns.limit_k_max                      ? 
_reflns.limit_k_min                      ? 
_reflns.limit_l_max                      ? 
_reflns.limit_l_min                      ? 
_reflns.number_all                       ? 
_reflns.number_obs                       20528 
_reflns.observed_criterion               ? 
_reflns.observed_criterion_F_max         ? 
_reflns.observed_criterion_F_min         ? 
_reflns.observed_criterion_I_max         ? 
_reflns.observed_criterion_I_min         ? 
_reflns.observed_criterion_sigma_F       ? 
_reflns.observed_criterion_sigma_I       ? 
_reflns.percent_possible_obs             97 
_reflns.R_free_details                   ? 
_reflns.Rmerge_F_all                     ? 
_reflns.Rmerge_F_obs                     ? 
_reflns.Friedel_coverage                 ? 
_reflns.number_gt                        ? 
_reflns.threshold_expression             ? 
_reflns.pdbx_redundancy                  4.6 
_reflns.pdbx_Rmerge_I_obs                ? 
_reflns.pdbx_Rmerge_I_all                ? 
_reflns.pdbx_Rsym_value                  0.041 
_reflns.pdbx_netI_over_av_sigmaI         ? 
_reflns.pdbx_netI_over_sigmaI            16.2 
_reflns.pdbx_res_netI_over_av_sigmaI_2   ? 
_reflns.pdbx_res_netI_over_sigmaI_2      ? 
_reflns.pdbx_chi_squared                 ? 
_reflns.pdbx_scaling_rejects             ? 
_reflns.pdbx_d_res_high_opt              ? 
_reflns.pdbx_d_res_low_opt               ? 
_reflns.pdbx_d_res_opt_method            ? 
_reflns.phase_calculation_details        ? 
_reflns.pdbx_Rrim_I_all                  ? 
_reflns.pdbx_Rpim_I_all                  ? 
_reflns.pdbx_d_opt                       ? 
_reflns.pdbx_number_measured_all         ? 
_reflns.pdbx_diffrn_id                   1 
_reflns.pdbx_ordinal                     1 
_reflns.pdbx_CC_half                     0.99 
_reflns.pdbx_CC_star                     ? 
_reflns.pdbx_R_split                     ? 
# 
_reflns_shell.d_res_high                  1.74 
_reflns_shell.d_res_low                   1.77 
_reflns_shell.meanI_over_sigI_all         ? 
_reflns_shell.meanI_over_sigI_obs         2.3 
_reflns_shell.number_measured_all         ? 
_reflns_shell.number_measured_obs         ? 
_reflns_shell.number_possible             ? 
_reflns_shell.number_unique_all           ? 
_reflns_shell.number_unique_obs           26623 
_reflns_shell.percent_possible_all        ? 
_reflns_shell.percent_possible_obs        ? 
_reflns_shell.Rmerge_F_all                ? 
_reflns_shell.Rmerge_F_obs                ? 
_reflns_shell.Rmerge_I_all                ? 
_reflns_shell.Rmerge_I_obs                ? 
_reflns_shell.meanI_over_sigI_gt          ? 
_reflns_shell.meanI_over_uI_all           ? 
_reflns_shell.meanI_over_uI_gt            ? 
_reflns_shell.number_measured_gt          ? 
_reflns_shell.number_unique_gt            ? 
_reflns_shell.percent_possible_gt         ? 
_reflns_shell.Rmerge_F_gt                 ? 
_reflns_shell.Rmerge_I_gt                 ? 
_reflns_shell.pdbx_redundancy             ? 
_reflns_shell.pdbx_Rsym_value             0.49 
_reflns_shell.pdbx_chi_squared            ? 
_reflns_shell.pdbx_netI_over_sigmaI_all   ? 
_reflns_shell.pdbx_netI_over_sigmaI_obs   ? 
_reflns_shell.pdbx_Rrim_I_all             ? 
_reflns_shell.pdbx_Rpim_I_all             ? 
_reflns_shell.pdbx_rejects                ? 
_reflns_shell.pdbx_ordinal                1 
_reflns_shell.pdbx_diffrn_id              1 
_reflns_shell.pdbx_CC_half                0.99 
_reflns_shell.pdbx_CC_star                ? 
_reflns_shell.pdbx_R_split                ? 
# 
_refine.aniso_B[1][1]                            0.2500 
_refine.aniso_B[1][2]                            0.0000 
_refine.aniso_B[1][3]                            0.0000 
_refine.aniso_B[2][2]                            -1.5900 
_refine.aniso_B[2][3]                            0.0000 
_refine.aniso_B[3][3]                            1.3400 
_refine.B_iso_max                                97.540 
_refine.B_iso_mean                               33.0540 
_refine.B_iso_min                                21.290 
_refine.correlation_coeff_Fo_to_Fc               0.9670 
_refine.correlation_coeff_Fo_to_Fc_free          0.9390 
_refine.details                                  
'HYDROGENS HAVE BEEN ADDED IN THE RIDING POSITIONS U VALUES      : REFINED INDIVIDUALLY' 
_refine.diff_density_max                         ? 
_refine.diff_density_max_esd                     ? 
_refine.diff_density_min                         ? 
_refine.diff_density_min_esd                     ? 
_refine.diff_density_rms                         ? 
_refine.diff_density_rms_esd                     ? 
_refine.entry_id                                 6TDG 
_refine.pdbx_refine_id                           'X-RAY DIFFRACTION' 
_refine.ls_abs_structure_details                 ? 
_refine.ls_abs_structure_Flack                   ? 
_refine.ls_abs_structure_Flack_esd               ? 
_refine.ls_abs_structure_Rogers                  ? 
_refine.ls_abs_structure_Rogers_esd              ? 
_refine.ls_d_res_high                            1.7400 
_refine.ls_d_res_low                             57.6900 
_refine.ls_extinction_coef                       ? 
_refine.ls_extinction_coef_esd                   ? 
_refine.ls_extinction_expression                 ? 
_refine.ls_extinction_method                     ? 
_refine.ls_goodness_of_fit_all                   ? 
_refine.ls_goodness_of_fit_all_esd               ? 
_refine.ls_goodness_of_fit_obs                   ? 
_refine.ls_goodness_of_fit_obs_esd               ? 
_refine.ls_hydrogen_treatment                    ? 
_refine.ls_matrix_type                           ? 
_refine.ls_number_constraints                    ? 
_refine.ls_number_parameters                     ? 
_refine.ls_number_reflns_all                     ? 
_refine.ls_number_reflns_obs                     19503 
_refine.ls_number_reflns_R_free                  1026 
_refine.ls_number_reflns_R_work                  ? 
_refine.ls_number_restraints                     ? 
_refine.ls_percent_reflns_obs                    97.9000 
_refine.ls_percent_reflns_R_free                 5.0000 
_refine.ls_R_factor_all                          ? 
_refine.ls_R_factor_obs                          0.1920 
_refine.ls_R_factor_R_free                       0.2354 
_refine.ls_R_factor_R_free_error                 ? 
_refine.ls_R_factor_R_free_error_details         ? 
_refine.ls_R_factor_R_work                       0.1898 
_refine.ls_R_Fsqd_factor_obs                     ? 
_refine.ls_R_I_factor_obs                        ? 
_refine.ls_redundancy_reflns_all                 ? 
_refine.ls_redundancy_reflns_obs                 ? 
_refine.ls_restrained_S_all                      ? 
_refine.ls_restrained_S_obs                      ? 
_refine.ls_shift_over_esd_max                    ? 
_refine.ls_shift_over_esd_mean                   ? 
_refine.ls_structure_factor_coef                 ? 
_refine.ls_weighting_details                     ? 
_refine.ls_weighting_scheme                      ? 
_refine.ls_wR_factor_all                         ? 
_refine.ls_wR_factor_obs                         ? 
_refine.ls_wR_factor_R_free                      ? 
_refine.ls_wR_factor_R_work                      ? 
_refine.occupancy_max                            ? 
_refine.occupancy_min                            ? 
_refine.solvent_model_details                    ? 
_refine.solvent_model_param_bsol                 ? 
_refine.solvent_model_param_ksol                 ? 
_refine.pdbx_R_complete                          ? 
_refine.ls_R_factor_gt                           ? 
_refine.ls_goodness_of_fit_gt                    ? 
_refine.ls_goodness_of_fit_ref                   ? 
_refine.ls_shift_over_su_max                     ? 
_refine.ls_shift_over_su_max_lt                  ? 
_refine.ls_shift_over_su_mean                    ? 
_refine.ls_shift_over_su_mean_lt                 ? 
_refine.pdbx_ls_sigma_I                          ? 
_refine.pdbx_ls_sigma_F                          0.000 
_refine.pdbx_ls_sigma_Fsqd                       ? 
_refine.pdbx_data_cutoff_high_absF               ? 
_refine.pdbx_data_cutoff_high_rms_absF           ? 
_refine.pdbx_data_cutoff_low_absF                ? 
_refine.pdbx_isotropic_thermal_model             ? 
_refine.pdbx_ls_cross_valid_method               THROUGHOUT 
_refine.pdbx_method_to_determine_struct          'MOLECULAR REPLACEMENT' 
_refine.pdbx_starting_model                      2vez 
_refine.pdbx_stereochemistry_target_values       ? 
_refine.pdbx_R_Free_selection_details            RANDOM 
_refine.pdbx_stereochem_target_val_spec_case     ? 
_refine.pdbx_overall_ESU_R                       0.1110 
_refine.pdbx_overall_ESU_R_Free                  0.1150 
_refine.pdbx_solvent_vdw_probe_radii             1.2000 
_refine.pdbx_solvent_ion_probe_radii             0.8000 
_refine.pdbx_solvent_shrinkage_radii             0.8000 
_refine.pdbx_real_space_R                        ? 
_refine.pdbx_density_correlation                 ? 
_refine.pdbx_pd_number_of_powder_patterns        ? 
_refine.pdbx_pd_number_of_points                 ? 
_refine.pdbx_pd_meas_number_of_points            ? 
_refine.pdbx_pd_proc_ls_prof_R_factor            ? 
_refine.pdbx_pd_proc_ls_prof_wR_factor           ? 
_refine.pdbx_pd_Marquardt_correlation_coeff      ? 
_refine.pdbx_pd_Fsqrd_R_factor                   ? 
_refine.pdbx_pd_ls_matrix_band_width             ? 
_refine.pdbx_overall_phase_error                 ? 
_refine.pdbx_overall_SU_R_free_Cruickshank_DPI   ? 
_refine.pdbx_overall_SU_R_free_Blow_DPI          ? 
_refine.pdbx_overall_SU_R_Blow_DPI               ? 
_refine.pdbx_TLS_residual_ADP_flag               ? 
_refine.pdbx_diffrn_id                           1 
_refine.overall_SU_B                             2.7170 
_refine.overall_SU_ML                            0.0850 
_refine.overall_SU_R_Cruickshank_DPI             ? 
_refine.overall_SU_R_free                        ? 
_refine.overall_FOM_free_R_set                   ? 
_refine.overall_FOM_work_R_set                   ? 
_refine.pdbx_average_fsc_overall                 ? 
_refine.pdbx_average_fsc_work                    ? 
_refine.pdbx_average_fsc_free                    ? 
# 
_refine_hist.pdbx_refine_id                   'X-RAY DIFFRACTION' 
_refine_hist.cycle_id                         final 
_refine_hist.details                          ? 
_refine_hist.d_res_high                       1.7400 
_refine_hist.d_res_low                        57.6900 
_refine_hist.number_atoms_solvent             88 
_refine_hist.number_atoms_total               1466 
_refine_hist.number_reflns_all                ? 
_refine_hist.number_reflns_obs                ? 
_refine_hist.number_reflns_R_free             ? 
_refine_hist.number_reflns_R_work             ? 
_refine_hist.R_factor_all                     ? 
_refine_hist.R_factor_obs                     ? 
_refine_hist.R_factor_R_free                  ? 
_refine_hist.R_factor_R_work                  ? 
_refine_hist.pdbx_number_residues_total       165 
_refine_hist.pdbx_B_iso_mean_ligand           29.84 
_refine_hist.pdbx_B_iso_mean_solvent          42.93 
_refine_hist.pdbx_number_atoms_protein        1314 
_refine_hist.pdbx_number_atoms_nucleic_acid   0 
_refine_hist.pdbx_number_atoms_ligand         64 
_refine_hist.pdbx_number_atoms_lipid          ? 
_refine_hist.pdbx_number_atoms_carb           ? 
_refine_hist.pdbx_pseudo_atom_details         ? 
# 
loop_
_refine_ls_restr.pdbx_refine_id 
_refine_ls_restr.criterion 
_refine_ls_restr.dev_ideal 
_refine_ls_restr.dev_ideal_target 
_refine_ls_restr.number 
_refine_ls_restr.rejects 
_refine_ls_restr.type 
_refine_ls_restr.weight 
_refine_ls_restr.pdbx_restraint_function 
'X-RAY DIFFRACTION' ? 0.013  0.013  1407 ? r_bond_refined_d       ? ? 
'X-RAY DIFFRACTION' ? 0.001  0.017  1299 ? r_bond_other_d         ? ? 
'X-RAY DIFFRACTION' ? 1.895  1.711  1910 ? r_angle_refined_deg    ? ? 
'X-RAY DIFFRACTION' ? 1.455  1.620  2999 ? r_angle_other_deg      ? ? 
'X-RAY DIFFRACTION' ? 6.639  5.000  164  ? r_dihedral_angle_1_deg ? ? 
'X-RAY DIFFRACTION' ? 23.468 21.233 73   ? r_dihedral_angle_2_deg ? ? 
'X-RAY DIFFRACTION' ? 14.669 15.000 235  ? r_dihedral_angle_3_deg ? ? 
'X-RAY DIFFRACTION' ? 21.806 15.000 11   ? r_dihedral_angle_4_deg ? ? 
'X-RAY DIFFRACTION' ? 0.097  0.200  174  ? r_chiral_restr         ? ? 
'X-RAY DIFFRACTION' ? 0.009  0.020  1551 ? r_gen_planes_refined   ? ? 
'X-RAY DIFFRACTION' ? 0.001  0.020  311  ? r_gen_planes_other     ? ? 
# 
_refine_ls_shell.pdbx_refine_id                   'X-RAY DIFFRACTION' 
_refine_ls_shell.d_res_high                       1.7410 
_refine_ls_shell.d_res_low                        1.7860 
_refine_ls_shell.number_reflns_all                1501 
_refine_ls_shell.number_reflns_obs                ? 
_refine_ls_shell.number_reflns_R_free             69 
_refine_ls_shell.number_reflns_R_work             1432 
_refine_ls_shell.percent_reflns_obs               99.6000 
_refine_ls_shell.percent_reflns_R_free            ? 
_refine_ls_shell.R_factor_all                     ? 
_refine_ls_shell.R_factor_obs                     ? 
_refine_ls_shell.R_factor_R_free                  0.3070 
_refine_ls_shell.R_factor_R_free_error            0.0000 
_refine_ls_shell.R_factor_R_work                  0.2580 
_refine_ls_shell.redundancy_reflns_all            ? 
_refine_ls_shell.redundancy_reflns_obs            ? 
_refine_ls_shell.wR_factor_all                    ? 
_refine_ls_shell.wR_factor_obs                    ? 
_refine_ls_shell.wR_factor_R_free                 ? 
_refine_ls_shell.wR_factor_R_work                 ? 
_refine_ls_shell.pdbx_R_complete                  ? 
_refine_ls_shell.pdbx_total_number_of_bins_used   20 
_refine_ls_shell.pdbx_phase_error                 ? 
_refine_ls_shell.pdbx_fsc_work                    ? 
_refine_ls_shell.pdbx_fsc_free                    ? 
# 
_struct.entry_id                     6TDG 
_struct.title                        
'Crystal structure of Aspergillus fumigatus Glucosamine-6-phosphate N-acetyltransferase 1 in complex with compound 2' 
_struct.pdbx_model_details           ? 
_struct.pdbx_formula_weight          ? 
_struct.pdbx_formula_weight_method   ? 
_struct.pdbx_model_type_details      ? 
_struct.pdbx_CASP_flag               N 
# 
_struct_keywords.entry_id        6TDG 
_struct_keywords.text            'fragment screening, anti fungal, Aspergillus fumigatus, inhibitor, TRANSFERASE' 
_struct_keywords.pdbx_keywords   TRANSFERASE 
# 
loop_
_struct_asym.id 
_struct_asym.pdbx_blank_PDB_chainid_flag 
_struct_asym.pdbx_modified 
_struct_asym.entity_id 
_struct_asym.details 
A N N 1 ? 
B N N 2 ? 
C N N 3 ? 
D N N 4 ? 
# 
_struct_ref.id                         1 
_struct_ref.db_name                    UNP 
_struct_ref.db_code                    Q4WCU5_ASPFU 
_struct_ref.pdbx_db_accession          Q4WCU5 
_struct_ref.pdbx_db_isoform            ? 
_struct_ref.entity_id                  1 
_struct_ref.pdbx_seq_one_letter_code   
;MTNATIAPTTTAAPVTKSVDAPTADENTPLFSPSLISPDVLAVLPADYTIRPLCRSDYKRGYLDVLRVLTTVGDINEEQW
NSRYEWIRARSDEYYLLVVCDGEGRIVGTGSLVVERKFIHSLGMVGHIEDIAVEKGQQGKKLGLRIIQALDYVAEKVGCY
KTILDCSEANEGFYIKCGFKRAGLEMAHYY
;
_struct_ref.pdbx_align_begin           1 
# 
_struct_ref_seq.align_id                      1 
_struct_ref_seq.ref_id                        1 
_struct_ref_seq.pdbx_PDB_id_code              6TDG 
_struct_ref_seq.pdbx_strand_id                A 
_struct_ref_seq.seq_align_beg                 1 
_struct_ref_seq.pdbx_seq_align_beg_ins_code   ? 
_struct_ref_seq.seq_align_end                 190 
_struct_ref_seq.pdbx_seq_align_end_ins_code   ? 
_struct_ref_seq.pdbx_db_accession             Q4WCU5 
_struct_ref_seq.db_align_beg                  1 
_struct_ref_seq.pdbx_db_align_beg_ins_code    ? 
_struct_ref_seq.db_align_end                  190 
_struct_ref_seq.pdbx_db_align_end_ins_code    ? 
_struct_ref_seq.pdbx_auth_seq_align_beg       1 
_struct_ref_seq.pdbx_auth_seq_align_end       190 
# 
_pdbx_struct_assembly.id                   1 
_pdbx_struct_assembly.details              author_and_software_defined_assembly 
_pdbx_struct_assembly.method_details       PISA 
_pdbx_struct_assembly.oligomeric_details   dimeric 
_pdbx_struct_assembly.oligomeric_count     2 
# 
loop_
_pdbx_struct_assembly_prop.biol_id 
_pdbx_struct_assembly_prop.type 
_pdbx_struct_assembly_prop.value 
_pdbx_struct_assembly_prop.details 
1 'ABSA (A^2)' 8180  ? 
1 MORE         -36   ? 
1 'SSA (A^2)'  13990 ? 
# 
_pdbx_struct_assembly_gen.assembly_id       1 
_pdbx_struct_assembly_gen.oper_expression   1,2 
_pdbx_struct_assembly_gen.asym_id_list      A,B,C,D 
# 
_pdbx_struct_assembly_auth_evidence.id                     1 
_pdbx_struct_assembly_auth_evidence.assembly_id            1 
_pdbx_struct_assembly_auth_evidence.experimental_support   'gel filtration' 
_pdbx_struct_assembly_auth_evidence.details                ? 
# 
loop_
_pdbx_struct_oper_list.id 
_pdbx_struct_oper_list.type 
_pdbx_struct_oper_list.name 
_pdbx_struct_oper_list.symmetry_operation 
_pdbx_struct_oper_list.matrix[1][1] 
_pdbx_struct_oper_list.matrix[1][2] 
_pdbx_struct_oper_list.matrix[1][3] 
_pdbx_struct_oper_list.vector[1] 
_pdbx_struct_oper_list.matrix[2][1] 
_pdbx_struct_oper_list.matrix[2][2] 
_pdbx_struct_oper_list.matrix[2][3] 
_pdbx_struct_oper_list.vector[2] 
_pdbx_struct_oper_list.matrix[3][1] 
_pdbx_struct_oper_list.matrix[3][2] 
_pdbx_struct_oper_list.matrix[3][3] 
_pdbx_struct_oper_list.vector[3] 
1 'identity operation'         1_555 x,y,z       1.0000000000  0.0000000000  0.0000000000  0.0000000000   0.0000000000  1.0000000000 0.0000000000 0.0000000000  0.0000000000  0.0000000000 1.0000000000  0.0000000000  
2 'crystal symmetry operation' 3_554 -x,y,-z-1/2 -0.9385982653 -0.3444953471 -0.0188746441 -25.8377284230 -0.3444953471 0.9327962763 0.1058964718 -4.5794518965 -0.0188746441 0.1058964718 -0.9941980110 -0.4705505930 
# 
loop_
_struct_conf.conf_type_id 
_struct_conf.id 
_struct_conf.pdbx_PDB_helix_id 
_struct_conf.beg_label_comp_id 
_struct_conf.beg_label_asym_id 
_struct_conf.beg_label_seq_id 
_struct_conf.pdbx_beg_PDB_ins_code 
_struct_conf.end_label_comp_id 
_struct_conf.end_label_asym_id 
_struct_conf.end_label_seq_id 
_struct_conf.pdbx_end_PDB_ins_code 
_struct_conf.beg_auth_comp_id 
_struct_conf.beg_auth_asym_id 
_struct_conf.beg_auth_seq_id 
_struct_conf.end_auth_comp_id 
_struct_conf.end_auth_asym_id 
_struct_conf.end_auth_seq_id 
_struct_conf.pdbx_PDB_helix_class 
_struct_conf.details 
_struct_conf.pdbx_PDB_helix_length 
HELX_P HELX_P1  AA1 SER A 32  ? ILE A 36  ? SER A 32  ILE A 36  5 ? 5  
HELX_P HELX_P2  AA2 SER A 37  ? LEU A 44  ? SER A 37  LEU A 44  1 ? 8  
HELX_P HELX_P3  AA3 CYS A 54  ? ARG A 60  ? CYS A 54  ARG A 60  5 ? 7  
HELX_P HELX_P4  AA4 GLY A 61  ? ARG A 67  ? GLY A 61  ARG A 67  1 ? 7  
HELX_P HELX_P5  AA5 ASN A 76  ? ALA A 89  ? ASN A 76  ALA A 89  1 ? 14 
HELX_P HELX_P6  AA6 PHE A 118 ? GLY A 123 ? PHE A 118 GLY A 123 1 ? 6  
HELX_P HELX_P7  AA7 LYS A 135 ? GLN A 138 ? LYS A 135 GLN A 138 5 ? 4  
HELX_P HELX_P8  AA8 LYS A 141 ? VAL A 157 ? LYS A 141 VAL A 157 1 ? 17 
HELX_P HELX_P9  AA9 SER A 167 ? ALA A 169 ? SER A 167 ALA A 169 5 ? 3  
HELX_P HELX_P10 AB1 ASN A 170 ? CYS A 177 ? ASN A 170 CYS A 177 1 ? 8  
# 
_struct_conf_type.id          HELX_P 
_struct_conf_type.criteria    ? 
_struct_conf_type.reference   ? 
# 
_struct_sheet.id               AA1 
_struct_sheet.type             ? 
_struct_sheet.number_strands   5 
_struct_sheet.details          ? 
# 
loop_
_struct_sheet_order.sheet_id 
_struct_sheet_order.range_id_1 
_struct_sheet_order.range_id_2 
_struct_sheet_order.offset 
_struct_sheet_order.sense 
AA1 1 2 ? anti-parallel 
AA1 2 3 ? anti-parallel 
AA1 3 4 ? anti-parallel 
AA1 4 5 ? parallel      
# 
loop_
_struct_sheet_range.sheet_id 
_struct_sheet_range.id 
_struct_sheet_range.beg_label_comp_id 
_struct_sheet_range.beg_label_asym_id 
_struct_sheet_range.beg_label_seq_id 
_struct_sheet_range.pdbx_beg_PDB_ins_code 
_struct_sheet_range.end_label_comp_id 
_struct_sheet_range.end_label_asym_id 
_struct_sheet_range.end_label_seq_id 
_struct_sheet_range.pdbx_end_PDB_ins_code 
_struct_sheet_range.beg_auth_comp_id 
_struct_sheet_range.beg_auth_asym_id 
_struct_sheet_range.beg_auth_seq_id 
_struct_sheet_range.end_auth_comp_id 
_struct_sheet_range.end_auth_asym_id 
_struct_sheet_range.end_auth_seq_id 
AA1 1 THR A 49  ? PRO A 52  ? THR A 49  PRO A 52  
AA1 2 TYR A 94  ? CYS A 100 ? TYR A 94  CYS A 100 
AA1 3 ILE A 106 ? ARG A 116 ? ILE A 106 ARG A 116 
AA1 4 MET A 124 ? VAL A 133 ? MET A 124 VAL A 133 
AA1 5 LYS A 161 ? ILE A 163 ? LYS A 161 ILE A 163 
# 
loop_
_pdbx_struct_sheet_hbond.sheet_id 
_pdbx_struct_sheet_hbond.range_id_1 
_pdbx_struct_sheet_hbond.range_id_2 
_pdbx_struct_sheet_hbond.range_1_label_atom_id 
_pdbx_struct_sheet_hbond.range_1_label_comp_id 
_pdbx_struct_sheet_hbond.range_1_label_asym_id 
_pdbx_struct_sheet_hbond.range_1_label_seq_id 
_pdbx_struct_sheet_hbond.range_1_PDB_ins_code 
_pdbx_struct_sheet_hbond.range_1_auth_atom_id 
_pdbx_struct_sheet_hbond.range_1_auth_comp_id 
_pdbx_struct_sheet_hbond.range_1_auth_asym_id 
_pdbx_struct_sheet_hbond.range_1_auth_seq_id 
_pdbx_struct_sheet_hbond.range_2_label_atom_id 
_pdbx_struct_sheet_hbond.range_2_label_comp_id 
_pdbx_struct_sheet_hbond.range_2_label_asym_id 
_pdbx_struct_sheet_hbond.range_2_label_seq_id 
_pdbx_struct_sheet_hbond.range_2_PDB_ins_code 
_pdbx_struct_sheet_hbond.range_2_auth_atom_id 
_pdbx_struct_sheet_hbond.range_2_auth_comp_id 
_pdbx_struct_sheet_hbond.range_2_auth_asym_id 
_pdbx_struct_sheet_hbond.range_2_auth_seq_id 
AA1 1 2 N THR A 49  ? N THR A 49  O CYS A 100 ? O CYS A 100 
AA1 2 3 N TYR A 95  ? N TYR A 95  O LEU A 112 ? O LEU A 112 
AA1 3 4 N GLU A 115 ? N GLU A 115 O VAL A 125 ? O VAL A 125 
AA1 4 5 N GLY A 126 ? N GLY A 126 O LYS A 161 ? O LYS A 161 
# 
loop_
_struct_site.id 
_struct_site.pdbx_evidence_code 
_struct_site.pdbx_auth_asym_id 
_struct_site.pdbx_auth_comp_id 
_struct_site.pdbx_auth_seq_id 
_struct_site.pdbx_auth_ins_code 
_struct_site.pdbx_num_residues 
_struct_site.details 
AC1 Software A ACO 201 ? 27 'binding site for residue ACO A 201' 
AC2 Software A N3W 202 ? 8  'binding site for residue N3W A 202' 
# 
loop_
_struct_site_gen.id 
_struct_site_gen.site_id 
_struct_site_gen.pdbx_num_res 
_struct_site_gen.label_comp_id 
_struct_site_gen.label_asym_id 
_struct_site_gen.label_seq_id 
_struct_site_gen.pdbx_auth_ins_code 
_struct_site_gen.auth_comp_id 
_struct_site_gen.auth_asym_id 
_struct_site_gen.auth_seq_id 
_struct_site_gen.label_atom_id 
_struct_site_gen.label_alt_id 
_struct_site_gen.symmetry 
_struct_site_gen.details 
1  AC1 27 LEU A 69  ? LEU A 69  . ? 1_555 ? 
2  AC1 27 ASP A 130 ? ASP A 130 . ? 1_555 ? 
3  AC1 27 ILE A 131 ? ILE A 131 . ? 1_555 ? 
4  AC1 27 ALA A 132 ? ALA A 132 . ? 1_555 ? 
5  AC1 27 VAL A 133 ? VAL A 133 . ? 1_555 ? 
6  AC1 27 GLN A 138 ? GLN A 138 . ? 1_555 ? 
7  AC1 27 GLY A 139 ? GLY A 139 . ? 1_555 ? 
8  AC1 27 LYS A 140 ? LYS A 140 . ? 1_555 ? 
9  AC1 27 LYS A 141 ? LYS A 141 . ? 1_555 ? 
10 AC1 27 LEU A 142 ? LEU A 142 . ? 1_555 ? 
11 AC1 27 GLY A 143 ? GLY A 143 . ? 1_555 ? 
12 AC1 27 LEU A 144 ? LEU A 144 . ? 1_555 ? 
13 AC1 27 ASP A 165 ? ASP A 165 . ? 1_555 ? 
14 AC1 27 ALA A 169 ? ALA A 169 . ? 1_555 ? 
15 AC1 27 ASN A 170 ? ASN A 170 . ? 1_555 ? 
16 AC1 27 GLY A 172 ? GLY A 172 . ? 1_555 ? 
17 AC1 27 PHE A 173 ? PHE A 173 . ? 1_555 ? 
18 AC1 27 TYR A 174 ? TYR A 174 . ? 1_555 ? 
19 AC1 27 LYS A 176 ? LYS A 176 . ? 1_555 ? 
20 AC1 27 LYS A 176 ? LYS A 176 . ? 4_555 ? 
21 AC1 27 HOH D .   ? HOH A 302 . ? 1_555 ? 
22 AC1 27 HOH D .   ? HOH A 314 . ? 1_555 ? 
23 AC1 27 HOH D .   ? HOH A 316 . ? 1_555 ? 
24 AC1 27 HOH D .   ? HOH A 335 . ? 1_555 ? 
25 AC1 27 HOH D .   ? HOH A 345 . ? 4_555 ? 
26 AC1 27 HOH D .   ? HOH A 345 . ? 1_555 ? 
27 AC1 27 HOH D .   ? HOH A 347 . ? 1_555 ? 
28 AC2 8  VAL A 113 ? VAL A 113 . ? 1_555 ? 
29 AC2 8  VAL A 113 ? VAL A 113 . ? 3_554 ? 
30 AC2 8  GLU A 115 ? GLU A 115 . ? 1_555 ? 
31 AC2 8  GLU A 115 ? GLU A 115 . ? 3_554 ? 
32 AC2 8  HIS A 127 ? HIS A 127 . ? 1_555 ? 
33 AC2 8  HIS A 127 ? HIS A 127 . ? 3_554 ? 
34 AC2 8  GLU A 129 ? GLU A 129 . ? 1_555 ? 
35 AC2 8  GLU A 129 ? GLU A 129 . ? 3_554 ? 
# 
loop_
_pdbx_validate_torsion.id 
_pdbx_validate_torsion.PDB_model_num 
_pdbx_validate_torsion.auth_comp_id 
_pdbx_validate_torsion.auth_asym_id 
_pdbx_validate_torsion.auth_seq_id 
_pdbx_validate_torsion.PDB_ins_code 
_pdbx_validate_torsion.label_alt_id 
_pdbx_validate_torsion.phi 
_pdbx_validate_torsion.psi 
1 1 ASP A 47 ? ? 75.17   -4.31   
2 1 THR A 70 ? ? -174.45 -179.97 
# 
_pdbx_struct_special_symmetry.id              1 
_pdbx_struct_special_symmetry.PDB_model_num   1 
_pdbx_struct_special_symmetry.auth_asym_id    A 
_pdbx_struct_special_symmetry.auth_comp_id    N3W 
_pdbx_struct_special_symmetry.auth_seq_id     202 
_pdbx_struct_special_symmetry.PDB_ins_code    ? 
_pdbx_struct_special_symmetry.label_asym_id   C 
_pdbx_struct_special_symmetry.label_comp_id   N3W 
_pdbx_struct_special_symmetry.label_seq_id    . 
# 
_pdbx_entry_details.entry_id                 6TDG 
_pdbx_entry_details.has_ligand_of_interest   Y 
_pdbx_entry_details.compound_details         ? 
_pdbx_entry_details.source_details           ? 
_pdbx_entry_details.nonpolymer_details       ? 
_pdbx_entry_details.sequence_details         ? 
# 
loop_
_pdbx_unobs_or_zero_occ_residues.id 
_pdbx_unobs_or_zero_occ_residues.PDB_model_num 
_pdbx_unobs_or_zero_occ_residues.polymer_flag 
_pdbx_unobs_or_zero_occ_residues.occupancy_flag 
_pdbx_unobs_or_zero_occ_residues.auth_asym_id 
_pdbx_unobs_or_zero_occ_residues.auth_comp_id 
_pdbx_unobs_or_zero_occ_residues.auth_seq_id 
_pdbx_unobs_or_zero_occ_residues.PDB_ins_code 
_pdbx_unobs_or_zero_occ_residues.label_asym_id 
_pdbx_unobs_or_zero_occ_residues.label_comp_id 
_pdbx_unobs_or_zero_occ_residues.label_seq_id 
1  1 Y 1 A MET 1  ? A MET 1  
2  1 Y 1 A THR 2  ? A THR 2  
3  1 Y 1 A ASN 3  ? A ASN 3  
4  1 Y 1 A ALA 4  ? A ALA 4  
5  1 Y 1 A THR 5  ? A THR 5  
6  1 Y 1 A ILE 6  ? A ILE 6  
7  1 Y 1 A ALA 7  ? A ALA 7  
8  1 Y 1 A PRO 8  ? A PRO 8  
9  1 Y 1 A THR 9  ? A THR 9  
10 1 Y 1 A THR 10 ? A THR 10 
11 1 Y 1 A THR 11 ? A THR 11 
12 1 Y 1 A ALA 12 ? A ALA 12 
13 1 Y 1 A ALA 13 ? A ALA 13 
14 1 Y 1 A PRO 14 ? A PRO 14 
15 1 Y 1 A VAL 15 ? A VAL 15 
16 1 Y 1 A THR 16 ? A THR 16 
17 1 Y 1 A LYS 17 ? A LYS 17 
18 1 Y 1 A SER 18 ? A SER 18 
19 1 Y 1 A VAL 19 ? A VAL 19 
20 1 Y 1 A ASP 20 ? A ASP 20 
21 1 Y 1 A ALA 21 ? A ALA 21 
22 1 Y 1 A PRO 22 ? A PRO 22 
23 1 Y 1 A THR 23 ? A THR 23 
24 1 Y 1 A ALA 24 ? A ALA 24 
25 1 Y 1 A ASP 25 ? A ASP 25 
# 
loop_
_chem_comp_atom.comp_id 
_chem_comp_atom.atom_id 
_chem_comp_atom.type_symbol 
_chem_comp_atom.pdbx_aromatic_flag 
_chem_comp_atom.pdbx_stereo_config 
_chem_comp_atom.pdbx_ordinal 
ACO N1A  N  Y N 1   
ACO C2A  C  Y N 2   
ACO N3A  N  Y N 3   
ACO C4A  C  Y N 4   
ACO C5A  C  Y N 5   
ACO C6A  C  Y N 6   
ACO N6A  N  N N 7   
ACO N7A  N  Y N 8   
ACO C8A  C  Y N 9   
ACO N9A  N  Y N 10  
ACO C1B  C  N R 11  
ACO C2B  C  N R 12  
ACO O2B  O  N N 13  
ACO C3B  C  N S 14  
ACO O3B  O  N N 15  
ACO P3B  P  N N 16  
ACO O7A  O  N N 17  
ACO O8A  O  N N 18  
ACO O9A  O  N N 19  
ACO C4B  C  N R 20  
ACO O4B  O  N N 21  
ACO C5B  C  N N 22  
ACO O5B  O  N N 23  
ACO P1A  P  N S 24  
ACO O1A  O  N N 25  
ACO O2A  O  N N 26  
ACO O3A  O  N N 27  
ACO P2A  P  N S 28  
ACO O4A  O  N N 29  
ACO O5A  O  N N 30  
ACO O6A  O  N N 31  
ACO CBP  C  N N 32  
ACO CCP  C  N N 33  
ACO CDP  C  N N 34  
ACO CEP  C  N N 35  
ACO CAP  C  N R 36  
ACO OAP  O  N N 37  
ACO C9P  C  N N 38  
ACO O9P  O  N N 39  
ACO N8P  N  N N 40  
ACO C7P  C  N N 41  
ACO C6P  C  N N 42  
ACO C5P  C  N N 43  
ACO O5P  O  N N 44  
ACO N4P  N  N N 45  
ACO C3P  C  N N 46  
ACO C2P  C  N N 47  
ACO S1P  S  N N 48  
ACO C    C  N N 49  
ACO O    O  N N 50  
ACO CH3  C  N N 51  
ACO H2A  H  N N 52  
ACO H61A H  N N 53  
ACO H62A H  N N 54  
ACO H8A  H  N N 55  
ACO H1B  H  N N 56  
ACO H2B  H  N N 57  
ACO HO2A H  N N 58  
ACO H3B  H  N N 59  
ACO HOA8 H  N N 60  
ACO HOA9 H  N N 61  
ACO H4B  H  N N 62  
ACO H51A H  N N 63  
ACO H52A H  N N 64  
ACO HOA2 H  N N 65  
ACO HOA5 H  N N 66  
ACO H121 H  N N 67  
ACO H122 H  N N 68  
ACO H131 H  N N 69  
ACO H132 H  N N 70  
ACO H133 H  N N 71  
ACO H141 H  N N 72  
ACO H142 H  N N 73  
ACO H143 H  N N 74  
ACO H10  H  N N 75  
ACO HO1  H  N N 76  
ACO HN8  H  N N 77  
ACO H71  H  N N 78  
ACO H72  H  N N 79  
ACO H61  H  N N 80  
ACO H62  H  N N 81  
ACO HN4  H  N N 82  
ACO H31  H  N N 83  
ACO H32  H  N N 84  
ACO H21  H  N N 85  
ACO H22  H  N N 86  
ACO HH31 H  N N 87  
ACO HH32 H  N N 88  
ACO HH33 H  N N 89  
ALA N    N  N N 90  
ALA CA   C  N S 91  
ALA C    C  N N 92  
ALA O    O  N N 93  
ALA CB   C  N N 94  
ALA OXT  O  N N 95  
ALA H    H  N N 96  
ALA H2   H  N N 97  
ALA HA   H  N N 98  
ALA HB1  H  N N 99  
ALA HB2  H  N N 100 
ALA HB3  H  N N 101 
ALA HXT  H  N N 102 
ARG N    N  N N 103 
ARG CA   C  N S 104 
ARG C    C  N N 105 
ARG O    O  N N 106 
ARG CB   C  N N 107 
ARG CG   C  N N 108 
ARG CD   C  N N 109 
ARG NE   N  N N 110 
ARG CZ   C  N N 111 
ARG NH1  N  N N 112 
ARG NH2  N  N N 113 
ARG OXT  O  N N 114 
ARG H    H  N N 115 
ARG H2   H  N N 116 
ARG HA   H  N N 117 
ARG HB2  H  N N 118 
ARG HB3  H  N N 119 
ARG HG2  H  N N 120 
ARG HG3  H  N N 121 
ARG HD2  H  N N 122 
ARG HD3  H  N N 123 
ARG HE   H  N N 124 
ARG HH11 H  N N 125 
ARG HH12 H  N N 126 
ARG HH21 H  N N 127 
ARG HH22 H  N N 128 
ARG HXT  H  N N 129 
ASN N    N  N N 130 
ASN CA   C  N S 131 
ASN C    C  N N 132 
ASN O    O  N N 133 
ASN CB   C  N N 134 
ASN CG   C  N N 135 
ASN OD1  O  N N 136 
ASN ND2  N  N N 137 
ASN OXT  O  N N 138 
ASN H    H  N N 139 
ASN H2   H  N N 140 
ASN HA   H  N N 141 
ASN HB2  H  N N 142 
ASN HB3  H  N N 143 
ASN HD21 H  N N 144 
ASN HD22 H  N N 145 
ASN HXT  H  N N 146 
ASP N    N  N N 147 
ASP CA   C  N S 148 
ASP C    C  N N 149 
ASP O    O  N N 150 
ASP CB   C  N N 151 
ASP CG   C  N N 152 
ASP OD1  O  N N 153 
ASP OD2  O  N N 154 
ASP OXT  O  N N 155 
ASP H    H  N N 156 
ASP H2   H  N N 157 
ASP HA   H  N N 158 
ASP HB2  H  N N 159 
ASP HB3  H  N N 160 
ASP HD2  H  N N 161 
ASP HXT  H  N N 162 
CYS N    N  N N 163 
CYS CA   C  N R 164 
CYS C    C  N N 165 
CYS O    O  N N 166 
CYS CB   C  N N 167 
CYS SG   S  N N 168 
CYS OXT  O  N N 169 
CYS H    H  N N 170 
CYS H2   H  N N 171 
CYS HA   H  N N 172 
CYS HB2  H  N N 173 
CYS HB3  H  N N 174 
CYS HG   H  N N 175 
CYS HXT  H  N N 176 
GLN N    N  N N 177 
GLN CA   C  N S 178 
GLN C    C  N N 179 
GLN O    O  N N 180 
GLN CB   C  N N 181 
GLN CG   C  N N 182 
GLN CD   C  N N 183 
GLN OE1  O  N N 184 
GLN NE2  N  N N 185 
GLN OXT  O  N N 186 
GLN H    H  N N 187 
GLN H2   H  N N 188 
GLN HA   H  N N 189 
GLN HB2  H  N N 190 
GLN HB3  H  N N 191 
GLN HG2  H  N N 192 
GLN HG3  H  N N 193 
GLN HE21 H  N N 194 
GLN HE22 H  N N 195 
GLN HXT  H  N N 196 
GLU N    N  N N 197 
GLU CA   C  N S 198 
GLU C    C  N N 199 
GLU O    O  N N 200 
GLU CB   C  N N 201 
GLU CG   C  N N 202 
GLU CD   C  N N 203 
GLU OE1  O  N N 204 
GLU OE2  O  N N 205 
GLU OXT  O  N N 206 
GLU H    H  N N 207 
GLU H2   H  N N 208 
GLU HA   H  N N 209 
GLU HB2  H  N N 210 
GLU HB3  H  N N 211 
GLU HG2  H  N N 212 
GLU HG3  H  N N 213 
GLU HE2  H  N N 214 
GLU HXT  H  N N 215 
GLY N    N  N N 216 
GLY CA   C  N N 217 
GLY C    C  N N 218 
GLY O    O  N N 219 
GLY OXT  O  N N 220 
GLY H    H  N N 221 
GLY H2   H  N N 222 
GLY HA2  H  N N 223 
GLY HA3  H  N N 224 
GLY HXT  H  N N 225 
HIS N    N  N N 226 
HIS CA   C  N S 227 
HIS C    C  N N 228 
HIS O    O  N N 229 
HIS CB   C  N N 230 
HIS CG   C  Y N 231 
HIS ND1  N  Y N 232 
HIS CD2  C  Y N 233 
HIS CE1  C  Y N 234 
HIS NE2  N  Y N 235 
HIS OXT  O  N N 236 
HIS H    H  N N 237 
HIS H2   H  N N 238 
HIS HA   H  N N 239 
HIS HB2  H  N N 240 
HIS HB3  H  N N 241 
HIS HD1  H  N N 242 
HIS HD2  H  N N 243 
HIS HE1  H  N N 244 
HIS HE2  H  N N 245 
HIS HXT  H  N N 246 
HOH O    O  N N 247 
HOH H1   H  N N 248 
HOH H2   H  N N 249 
ILE N    N  N N 250 
ILE CA   C  N S 251 
ILE C    C  N N 252 
ILE O    O  N N 253 
ILE CB   C  N S 254 
ILE CG1  C  N N 255 
ILE CG2  C  N N 256 
ILE CD1  C  N N 257 
ILE OXT  O  N N 258 
ILE H    H  N N 259 
ILE H2   H  N N 260 
ILE HA   H  N N 261 
ILE HB   H  N N 262 
ILE HG12 H  N N 263 
ILE HG13 H  N N 264 
ILE HG21 H  N N 265 
ILE HG22 H  N N 266 
ILE HG23 H  N N 267 
ILE HD11 H  N N 268 
ILE HD12 H  N N 269 
ILE HD13 H  N N 270 
ILE HXT  H  N N 271 
LEU N    N  N N 272 
LEU CA   C  N S 273 
LEU C    C  N N 274 
LEU O    O  N N 275 
LEU CB   C  N N 276 
LEU CG   C  N N 277 
LEU CD1  C  N N 278 
LEU CD2  C  N N 279 
LEU OXT  O  N N 280 
LEU H    H  N N 281 
LEU H2   H  N N 282 
LEU HA   H  N N 283 
LEU HB2  H  N N 284 
LEU HB3  H  N N 285 
LEU HG   H  N N 286 
LEU HD11 H  N N 287 
LEU HD12 H  N N 288 
LEU HD13 H  N N 289 
LEU HD21 H  N N 290 
LEU HD22 H  N N 291 
LEU HD23 H  N N 292 
LEU HXT  H  N N 293 
LYS N    N  N N 294 
LYS CA   C  N S 295 
LYS C    C  N N 296 
LYS O    O  N N 297 
LYS CB   C  N N 298 
LYS CG   C  N N 299 
LYS CD   C  N N 300 
LYS CE   C  N N 301 
LYS NZ   N  N N 302 
LYS OXT  O  N N 303 
LYS H    H  N N 304 
LYS H2   H  N N 305 
LYS HA   H  N N 306 
LYS HB2  H  N N 307 
LYS HB3  H  N N 308 
LYS HG2  H  N N 309 
LYS HG3  H  N N 310 
LYS HD2  H  N N 311 
LYS HD3  H  N N 312 
LYS HE2  H  N N 313 
LYS HE3  H  N N 314 
LYS HZ1  H  N N 315 
LYS HZ2  H  N N 316 
LYS HZ3  H  N N 317 
LYS HXT  H  N N 318 
MET N    N  N N 319 
MET CA   C  N S 320 
MET C    C  N N 321 
MET O    O  N N 322 
MET CB   C  N N 323 
MET CG   C  N N 324 
MET SD   S  N N 325 
MET CE   C  N N 326 
MET OXT  O  N N 327 
MET H    H  N N 328 
MET H2   H  N N 329 
MET HA   H  N N 330 
MET HB2  H  N N 331 
MET HB3  H  N N 332 
MET HG2  H  N N 333 
MET HG3  H  N N 334 
MET HE1  H  N N 335 
MET HE2  H  N N 336 
MET HE3  H  N N 337 
MET HXT  H  N N 338 
N3W CL1  CL N N 339 
N3W CAD  C  Y N 340 
N3W CAE  C  Y N 341 
N3W NAM  N  N N 342 
N3W CAF  C  Y N 343 
N3W CAA  C  Y N 344 
N3W CAB  C  Y N 345 
N3W CAC  C  Y N 346 
N3W CAG  C  Y N 347 
N3W NAK  N  Y N 348 
N3W CAJ  C  Y N 349 
N3W NAI  N  Y N 350 
N3W NAH  N  Y N 351 
N3W H1   H  N N 352 
N3W H2   H  N N 353 
N3W H3   H  N N 354 
N3W H4   H  N N 355 
N3W H5   H  N N 356 
N3W H6   H  N N 357 
N3W H7   H  N N 358 
PHE N    N  N N 359 
PHE CA   C  N S 360 
PHE C    C  N N 361 
PHE O    O  N N 362 
PHE CB   C  N N 363 
PHE CG   C  Y N 364 
PHE CD1  C  Y N 365 
PHE CD2  C  Y N 366 
PHE CE1  C  Y N 367 
PHE CE2  C  Y N 368 
PHE CZ   C  Y N 369 
PHE OXT  O  N N 370 
PHE H    H  N N 371 
PHE H2   H  N N 372 
PHE HA   H  N N 373 
PHE HB2  H  N N 374 
PHE HB3  H  N N 375 
PHE HD1  H  N N 376 
PHE HD2  H  N N 377 
PHE HE1  H  N N 378 
PHE HE2  H  N N 379 
PHE HZ   H  N N 380 
PHE HXT  H  N N 381 
PRO N    N  N N 382 
PRO CA   C  N S 383 
PRO C    C  N N 384 
PRO O    O  N N 385 
PRO CB   C  N N 386 
PRO CG   C  N N 387 
PRO CD   C  N N 388 
PRO OXT  O  N N 389 
PRO H    H  N N 390 
PRO HA   H  N N 391 
PRO HB2  H  N N 392 
PRO HB3  H  N N 393 
PRO HG2  H  N N 394 
PRO HG3  H  N N 395 
PRO HD2  H  N N 396 
PRO HD3  H  N N 397 
PRO HXT  H  N N 398 
SER N    N  N N 399 
SER CA   C  N S 400 
SER C    C  N N 401 
SER O    O  N N 402 
SER CB   C  N N 403 
SER OG   O  N N 404 
SER OXT  O  N N 405 
SER H    H  N N 406 
SER H2   H  N N 407 
SER HA   H  N N 408 
SER HB2  H  N N 409 
SER HB3  H  N N 410 
SER HG   H  N N 411 
SER HXT  H  N N 412 
THR N    N  N N 413 
THR CA   C  N S 414 
THR C    C  N N 415 
THR O    O  N N 416 
THR CB   C  N R 417 
THR OG1  O  N N 418 
THR CG2  C  N N 419 
THR OXT  O  N N 420 
THR H    H  N N 421 
THR H2   H  N N 422 
THR HA   H  N N 423 
THR HB   H  N N 424 
THR HG1  H  N N 425 
THR HG21 H  N N 426 
THR HG22 H  N N 427 
THR HG23 H  N N 428 
THR HXT  H  N N 429 
TRP N    N  N N 430 
TRP CA   C  N S 431 
TRP C    C  N N 432 
TRP O    O  N N 433 
TRP CB   C  N N 434 
TRP CG   C  Y N 435 
TRP CD1  C  Y N 436 
TRP CD2  C  Y N 437 
TRP NE1  N  Y N 438 
TRP CE2  C  Y N 439 
TRP CE3  C  Y N 440 
TRP CZ2  C  Y N 441 
TRP CZ3  C  Y N 442 
TRP CH2  C  Y N 443 
TRP OXT  O  N N 444 
TRP H    H  N N 445 
TRP H2   H  N N 446 
TRP HA   H  N N 447 
TRP HB2  H  N N 448 
TRP HB3  H  N N 449 
TRP HD1  H  N N 450 
TRP HE1  H  N N 451 
TRP HE3  H  N N 452 
TRP HZ2  H  N N 453 
TRP HZ3  H  N N 454 
TRP HH2  H  N N 455 
TRP HXT  H  N N 456 
TYR N    N  N N 457 
TYR CA   C  N S 458 
TYR C    C  N N 459 
TYR O    O  N N 460 
TYR CB   C  N N 461 
TYR CG   C  Y N 462 
TYR CD1  C  Y N 463 
TYR CD2  C  Y N 464 
TYR CE1  C  Y N 465 
TYR CE2  C  Y N 466 
TYR CZ   C  Y N 467 
TYR OH   O  N N 468 
TYR OXT  O  N N 469 
TYR H    H  N N 470 
TYR H2   H  N N 471 
TYR HA   H  N N 472 
TYR HB2  H  N N 473 
TYR HB3  H  N N 474 
TYR HD1  H  N N 475 
TYR HD2  H  N N 476 
TYR HE1  H  N N 477 
TYR HE2  H  N N 478 
TYR HH   H  N N 479 
TYR HXT  H  N N 480 
VAL N    N  N N 481 
VAL CA   C  N S 482 
VAL C    C  N N 483 
VAL O    O  N N 484 
VAL CB   C  N N 485 
VAL CG1  C  N N 486 
VAL CG2  C  N N 487 
VAL OXT  O  N N 488 
VAL H    H  N N 489 
VAL H2   H  N N 490 
VAL HA   H  N N 491 
VAL HB   H  N N 492 
VAL HG11 H  N N 493 
VAL HG12 H  N N 494 
VAL HG13 H  N N 495 
VAL HG21 H  N N 496 
VAL HG22 H  N N 497 
VAL HG23 H  N N 498 
VAL HXT  H  N N 499 
# 
loop_
_chem_comp_bond.comp_id 
_chem_comp_bond.atom_id_1 
_chem_comp_bond.atom_id_2 
_chem_comp_bond.value_order 
_chem_comp_bond.pdbx_aromatic_flag 
_chem_comp_bond.pdbx_stereo_config 
_chem_comp_bond.pdbx_ordinal 
ACO N1A C2A  sing Y N 1   
ACO N1A C6A  doub Y N 2   
ACO C2A N3A  doub Y N 3   
ACO C2A H2A  sing N N 4   
ACO N3A C4A  sing Y N 5   
ACO C4A C5A  doub Y N 6   
ACO C4A N9A  sing Y N 7   
ACO C5A C6A  sing Y N 8   
ACO C5A N7A  sing Y N 9   
ACO C6A N6A  sing N N 10  
ACO N6A H61A sing N N 11  
ACO N6A H62A sing N N 12  
ACO N7A C8A  doub Y N 13  
ACO C8A N9A  sing Y N 14  
ACO C8A H8A  sing N N 15  
ACO N9A C1B  sing N N 16  
ACO C1B C2B  sing N N 17  
ACO C1B O4B  sing N N 18  
ACO C1B H1B  sing N N 19  
ACO C2B O2B  sing N N 20  
ACO C2B C3B  sing N N 21  
ACO C2B H2B  sing N N 22  
ACO O2B HO2A sing N N 23  
ACO C3B O3B  sing N N 24  
ACO C3B C4B  sing N N 25  
ACO C3B H3B  sing N N 26  
ACO O3B P3B  sing N N 27  
ACO P3B O7A  doub N N 28  
ACO P3B O8A  sing N N 29  
ACO P3B O9A  sing N N 30  
ACO O8A HOA8 sing N N 31  
ACO O9A HOA9 sing N N 32  
ACO C4B O4B  sing N N 33  
ACO C4B C5B  sing N N 34  
ACO C4B H4B  sing N N 35  
ACO C5B O5B  sing N N 36  
ACO C5B H51A sing N N 37  
ACO C5B H52A sing N N 38  
ACO O5B P1A  sing N N 39  
ACO P1A O1A  doub N N 40  
ACO P1A O2A  sing N N 41  
ACO P1A O3A  sing N N 42  
ACO O2A HOA2 sing N N 43  
ACO O3A P2A  sing N N 44  
ACO P2A O4A  doub N N 45  
ACO P2A O5A  sing N N 46  
ACO P2A O6A  sing N N 47  
ACO O5A HOA5 sing N N 48  
ACO O6A CCP  sing N N 49  
ACO CBP CCP  sing N N 50  
ACO CBP CDP  sing N N 51  
ACO CBP CEP  sing N N 52  
ACO CBP CAP  sing N N 53  
ACO CCP H121 sing N N 54  
ACO CCP H122 sing N N 55  
ACO CDP H131 sing N N 56  
ACO CDP H132 sing N N 57  
ACO CDP H133 sing N N 58  
ACO CEP H141 sing N N 59  
ACO CEP H142 sing N N 60  
ACO CEP H143 sing N N 61  
ACO CAP OAP  sing N N 62  
ACO CAP C9P  sing N N 63  
ACO CAP H10  sing N N 64  
ACO OAP HO1  sing N N 65  
ACO C9P O9P  doub N N 66  
ACO C9P N8P  sing N N 67  
ACO N8P C7P  sing N N 68  
ACO N8P HN8  sing N N 69  
ACO C7P C6P  sing N N 70  
ACO C7P H71  sing N N 71  
ACO C7P H72  sing N N 72  
ACO C6P C5P  sing N N 73  
ACO C6P H61  sing N N 74  
ACO C6P H62  sing N N 75  
ACO C5P O5P  doub N N 76  
ACO C5P N4P  sing N N 77  
ACO N4P C3P  sing N N 78  
ACO N4P HN4  sing N N 79  
ACO C3P C2P  sing N N 80  
ACO C3P H31  sing N N 81  
ACO C3P H32  sing N N 82  
ACO C2P S1P  sing N N 83  
ACO C2P H21  sing N N 84  
ACO C2P H22  sing N N 85  
ACO S1P C    sing N N 86  
ACO C   O    doub N N 87  
ACO C   CH3  sing N N 88  
ACO CH3 HH31 sing N N 89  
ACO CH3 HH32 sing N N 90  
ACO CH3 HH33 sing N N 91  
ALA N   CA   sing N N 92  
ALA N   H    sing N N 93  
ALA N   H2   sing N N 94  
ALA CA  C    sing N N 95  
ALA CA  CB   sing N N 96  
ALA CA  HA   sing N N 97  
ALA C   O    doub N N 98  
ALA C   OXT  sing N N 99  
ALA CB  HB1  sing N N 100 
ALA CB  HB2  sing N N 101 
ALA CB  HB3  sing N N 102 
ALA OXT HXT  sing N N 103 
ARG N   CA   sing N N 104 
ARG N   H    sing N N 105 
ARG N   H2   sing N N 106 
ARG CA  C    sing N N 107 
ARG CA  CB   sing N N 108 
ARG CA  HA   sing N N 109 
ARG C   O    doub N N 110 
ARG C   OXT  sing N N 111 
ARG CB  CG   sing N N 112 
ARG CB  HB2  sing N N 113 
ARG CB  HB3  sing N N 114 
ARG CG  CD   sing N N 115 
ARG CG  HG2  sing N N 116 
ARG CG  HG3  sing N N 117 
ARG CD  NE   sing N N 118 
ARG CD  HD2  sing N N 119 
ARG CD  HD3  sing N N 120 
ARG NE  CZ   sing N N 121 
ARG NE  HE   sing N N 122 
ARG CZ  NH1  sing N N 123 
ARG CZ  NH2  doub N N 124 
ARG NH1 HH11 sing N N 125 
ARG NH1 HH12 sing N N 126 
ARG NH2 HH21 sing N N 127 
ARG NH2 HH22 sing N N 128 
ARG OXT HXT  sing N N 129 
ASN N   CA   sing N N 130 
ASN N   H    sing N N 131 
ASN N   H2   sing N N 132 
ASN CA  C    sing N N 133 
ASN CA  CB   sing N N 134 
ASN CA  HA   sing N N 135 
ASN C   O    doub N N 136 
ASN C   OXT  sing N N 137 
ASN CB  CG   sing N N 138 
ASN CB  HB2  sing N N 139 
ASN CB  HB3  sing N N 140 
ASN CG  OD1  doub N N 141 
ASN CG  ND2  sing N N 142 
ASN ND2 HD21 sing N N 143 
ASN ND2 HD22 sing N N 144 
ASN OXT HXT  sing N N 145 
ASP N   CA   sing N N 146 
ASP N   H    sing N N 147 
ASP N   H2   sing N N 148 
ASP CA  C    sing N N 149 
ASP CA  CB   sing N N 150 
ASP CA  HA   sing N N 151 
ASP C   O    doub N N 152 
ASP C   OXT  sing N N 153 
ASP CB  CG   sing N N 154 
ASP CB  HB2  sing N N 155 
ASP CB  HB3  sing N N 156 
ASP CG  OD1  doub N N 157 
ASP CG  OD2  sing N N 158 
ASP OD2 HD2  sing N N 159 
ASP OXT HXT  sing N N 160 
CYS N   CA   sing N N 161 
CYS N   H    sing N N 162 
CYS N   H2   sing N N 163 
CYS CA  C    sing N N 164 
CYS CA  CB   sing N N 165 
CYS CA  HA   sing N N 166 
CYS C   O    doub N N 167 
CYS C   OXT  sing N N 168 
CYS CB  SG   sing N N 169 
CYS CB  HB2  sing N N 170 
CYS CB  HB3  sing N N 171 
CYS SG  HG   sing N N 172 
CYS OXT HXT  sing N N 173 
GLN N   CA   sing N N 174 
GLN N   H    sing N N 175 
GLN N   H2   sing N N 176 
GLN CA  C    sing N N 177 
GLN CA  CB   sing N N 178 
GLN CA  HA   sing N N 179 
GLN C   O    doub N N 180 
GLN C   OXT  sing N N 181 
GLN CB  CG   sing N N 182 
GLN CB  HB2  sing N N 183 
GLN CB  HB3  sing N N 184 
GLN CG  CD   sing N N 185 
GLN CG  HG2  sing N N 186 
GLN CG  HG3  sing N N 187 
GLN CD  OE1  doub N N 188 
GLN CD  NE2  sing N N 189 
GLN NE2 HE21 sing N N 190 
GLN NE2 HE22 sing N N 191 
GLN OXT HXT  sing N N 192 
GLU N   CA   sing N N 193 
GLU N   H    sing N N 194 
GLU N   H2   sing N N 195 
GLU CA  C    sing N N 196 
GLU CA  CB   sing N N 197 
GLU CA  HA   sing N N 198 
GLU C   O    doub N N 199 
GLU C   OXT  sing N N 200 
GLU CB  CG   sing N N 201 
GLU CB  HB2  sing N N 202 
GLU CB  HB3  sing N N 203 
GLU CG  CD   sing N N 204 
GLU CG  HG2  sing N N 205 
GLU CG  HG3  sing N N 206 
GLU CD  OE1  doub N N 207 
GLU CD  OE2  sing N N 208 
GLU OE2 HE2  sing N N 209 
GLU OXT HXT  sing N N 210 
GLY N   CA   sing N N 211 
GLY N   H    sing N N 212 
GLY N   H2   sing N N 213 
GLY CA  C    sing N N 214 
GLY CA  HA2  sing N N 215 
GLY CA  HA3  sing N N 216 
GLY C   O    doub N N 217 
GLY C   OXT  sing N N 218 
GLY OXT HXT  sing N N 219 
HIS N   CA   sing N N 220 
HIS N   H    sing N N 221 
HIS N   H2   sing N N 222 
HIS CA  C    sing N N 223 
HIS CA  CB   sing N N 224 
HIS CA  HA   sing N N 225 
HIS C   O    doub N N 226 
HIS C   OXT  sing N N 227 
HIS CB  CG   sing N N 228 
HIS CB  HB2  sing N N 229 
HIS CB  HB3  sing N N 230 
HIS CG  ND1  sing Y N 231 
HIS CG  CD2  doub Y N 232 
HIS ND1 CE1  doub Y N 233 
HIS ND1 HD1  sing N N 234 
HIS CD2 NE2  sing Y N 235 
HIS CD2 HD2  sing N N 236 
HIS CE1 NE2  sing Y N 237 
HIS CE1 HE1  sing N N 238 
HIS NE2 HE2  sing N N 239 
HIS OXT HXT  sing N N 240 
HOH O   H1   sing N N 241 
HOH O   H2   sing N N 242 
ILE N   CA   sing N N 243 
ILE N   H    sing N N 244 
ILE N   H2   sing N N 245 
ILE CA  C    sing N N 246 
ILE CA  CB   sing N N 247 
ILE CA  HA   sing N N 248 
ILE C   O    doub N N 249 
ILE C   OXT  sing N N 250 
ILE CB  CG1  sing N N 251 
ILE CB  CG2  sing N N 252 
ILE CB  HB   sing N N 253 
ILE CG1 CD1  sing N N 254 
ILE CG1 HG12 sing N N 255 
ILE CG1 HG13 sing N N 256 
ILE CG2 HG21 sing N N 257 
ILE CG2 HG22 sing N N 258 
ILE CG2 HG23 sing N N 259 
ILE CD1 HD11 sing N N 260 
ILE CD1 HD12 sing N N 261 
ILE CD1 HD13 sing N N 262 
ILE OXT HXT  sing N N 263 
LEU N   CA   sing N N 264 
LEU N   H    sing N N 265 
LEU N   H2   sing N N 266 
LEU CA  C    sing N N 267 
LEU CA  CB   sing N N 268 
LEU CA  HA   sing N N 269 
LEU C   O    doub N N 270 
LEU C   OXT  sing N N 271 
LEU CB  CG   sing N N 272 
LEU CB  HB2  sing N N 273 
LEU CB  HB3  sing N N 274 
LEU CG  CD1  sing N N 275 
LEU CG  CD2  sing N N 276 
LEU CG  HG   sing N N 277 
LEU CD1 HD11 sing N N 278 
LEU CD1 HD12 sing N N 279 
LEU CD1 HD13 sing N N 280 
LEU CD2 HD21 sing N N 281 
LEU CD2 HD22 sing N N 282 
LEU CD2 HD23 sing N N 283 
LEU OXT HXT  sing N N 284 
LYS N   CA   sing N N 285 
LYS N   H    sing N N 286 
LYS N   H2   sing N N 287 
LYS CA  C    sing N N 288 
LYS CA  CB   sing N N 289 
LYS CA  HA   sing N N 290 
LYS C   O    doub N N 291 
LYS C   OXT  sing N N 292 
LYS CB  CG   sing N N 293 
LYS CB  HB2  sing N N 294 
LYS CB  HB3  sing N N 295 
LYS CG  CD   sing N N 296 
LYS CG  HG2  sing N N 297 
LYS CG  HG3  sing N N 298 
LYS CD  CE   sing N N 299 
LYS CD  HD2  sing N N 300 
LYS CD  HD3  sing N N 301 
LYS CE  NZ   sing N N 302 
LYS CE  HE2  sing N N 303 
LYS CE  HE3  sing N N 304 
LYS NZ  HZ1  sing N N 305 
LYS NZ  HZ2  sing N N 306 
LYS NZ  HZ3  sing N N 307 
LYS OXT HXT  sing N N 308 
MET N   CA   sing N N 309 
MET N   H    sing N N 310 
MET N   H2   sing N N 311 
MET CA  C    sing N N 312 
MET CA  CB   sing N N 313 
MET CA  HA   sing N N 314 
MET C   O    doub N N 315 
MET C   OXT  sing N N 316 
MET CB  CG   sing N N 317 
MET CB  HB2  sing N N 318 
MET CB  HB3  sing N N 319 
MET CG  SD   sing N N 320 
MET CG  HG2  sing N N 321 
MET CG  HG3  sing N N 322 
MET SD  CE   sing N N 323 
MET CE  HE1  sing N N 324 
MET CE  HE2  sing N N 325 
MET CE  HE3  sing N N 326 
MET OXT HXT  sing N N 327 
N3W CL1 CAD  sing N N 328 
N3W NAM CAE  sing N N 329 
N3W NAH NAI  sing Y N 330 
N3W NAH CAG  doub Y N 331 
N3W NAI CAJ  doub Y N 332 
N3W CAD CAE  doub Y N 333 
N3W CAD CAC  sing Y N 334 
N3W CAE CAF  sing Y N 335 
N3W CAG CAC  sing N N 336 
N3W CAG NAK  sing Y N 337 
N3W CAC CAB  doub Y N 338 
N3W CAJ NAK  sing Y N 339 
N3W CAF CAA  doub Y N 340 
N3W CAB CAA  sing Y N 341 
N3W NAM H1   sing N N 342 
N3W NAM H2   sing N N 343 
N3W CAF H3   sing N N 344 
N3W CAA H4   sing N N 345 
N3W CAB H5   sing N N 346 
N3W NAK H6   sing N N 347 
N3W CAJ H7   sing N N 348 
PHE N   CA   sing N N 349 
PHE N   H    sing N N 350 
PHE N   H2   sing N N 351 
PHE CA  C    sing N N 352 
PHE CA  CB   sing N N 353 
PHE CA  HA   sing N N 354 
PHE C   O    doub N N 355 
PHE C   OXT  sing N N 356 
PHE CB  CG   sing N N 357 
PHE CB  HB2  sing N N 358 
PHE CB  HB3  sing N N 359 
PHE CG  CD1  doub Y N 360 
PHE CG  CD2  sing Y N 361 
PHE CD1 CE1  sing Y N 362 
PHE CD1 HD1  sing N N 363 
PHE CD2 CE2  doub Y N 364 
PHE CD2 HD2  sing N N 365 
PHE CE1 CZ   doub Y N 366 
PHE CE1 HE1  sing N N 367 
PHE CE2 CZ   sing Y N 368 
PHE CE2 HE2  sing N N 369 
PHE CZ  HZ   sing N N 370 
PHE OXT HXT  sing N N 371 
PRO N   CA   sing N N 372 
PRO N   CD   sing N N 373 
PRO N   H    sing N N 374 
PRO CA  C    sing N N 375 
PRO CA  CB   sing N N 376 
PRO CA  HA   sing N N 377 
PRO C   O    doub N N 378 
PRO C   OXT  sing N N 379 
PRO CB  CG   sing N N 380 
PRO CB  HB2  sing N N 381 
PRO CB  HB3  sing N N 382 
PRO CG  CD   sing N N 383 
PRO CG  HG2  sing N N 384 
PRO CG  HG3  sing N N 385 
PRO CD  HD2  sing N N 386 
PRO CD  HD3  sing N N 387 
PRO OXT HXT  sing N N 388 
SER N   CA   sing N N 389 
SER N   H    sing N N 390 
SER N   H2   sing N N 391 
SER CA  C    sing N N 392 
SER CA  CB   sing N N 393 
SER CA  HA   sing N N 394 
SER C   O    doub N N 395 
SER C   OXT  sing N N 396 
SER CB  OG   sing N N 397 
SER CB  HB2  sing N N 398 
SER CB  HB3  sing N N 399 
SER OG  HG   sing N N 400 
SER OXT HXT  sing N N 401 
THR N   CA   sing N N 402 
THR N   H    sing N N 403 
THR N   H2   sing N N 404 
THR CA  C    sing N N 405 
THR CA  CB   sing N N 406 
THR CA  HA   sing N N 407 
THR C   O    doub N N 408 
THR C   OXT  sing N N 409 
THR CB  OG1  sing N N 410 
THR CB  CG2  sing N N 411 
THR CB  HB   sing N N 412 
THR OG1 HG1  sing N N 413 
THR CG2 HG21 sing N N 414 
THR CG2 HG22 sing N N 415 
THR CG2 HG23 sing N N 416 
THR OXT HXT  sing N N 417 
TRP N   CA   sing N N 418 
TRP N   H    sing N N 419 
TRP N   H2   sing N N 420 
TRP CA  C    sing N N 421 
TRP CA  CB   sing N N 422 
TRP CA  HA   sing N N 423 
TRP C   O    doub N N 424 
TRP C   OXT  sing N N 425 
TRP CB  CG   sing N N 426 
TRP CB  HB2  sing N N 427 
TRP CB  HB3  sing N N 428 
TRP CG  CD1  doub Y N 429 
TRP CG  CD2  sing Y N 430 
TRP CD1 NE1  sing Y N 431 
TRP CD1 HD1  sing N N 432 
TRP CD2 CE2  doub Y N 433 
TRP CD2 CE3  sing Y N 434 
TRP NE1 CE2  sing Y N 435 
TRP NE1 HE1  sing N N 436 
TRP CE2 CZ2  sing Y N 437 
TRP CE3 CZ3  doub Y N 438 
TRP CE3 HE3  sing N N 439 
TRP CZ2 CH2  doub Y N 440 
TRP CZ2 HZ2  sing N N 441 
TRP CZ3 CH2  sing Y N 442 
TRP CZ3 HZ3  sing N N 443 
TRP CH2 HH2  sing N N 444 
TRP OXT HXT  sing N N 445 
TYR N   CA   sing N N 446 
TYR N   H    sing N N 447 
TYR N   H2   sing N N 448 
TYR CA  C    sing N N 449 
TYR CA  CB   sing N N 450 
TYR CA  HA   sing N N 451 
TYR C   O    doub N N 452 
TYR C   OXT  sing N N 453 
TYR CB  CG   sing N N 454 
TYR CB  HB2  sing N N 455 
TYR CB  HB3  sing N N 456 
TYR CG  CD1  doub Y N 457 
TYR CG  CD2  sing Y N 458 
TYR CD1 CE1  sing Y N 459 
TYR CD1 HD1  sing N N 460 
TYR CD2 CE2  doub Y N 461 
TYR CD2 HD2  sing N N 462 
TYR CE1 CZ   doub Y N 463 
TYR CE1 HE1  sing N N 464 
TYR CE2 CZ   sing Y N 465 
TYR CE2 HE2  sing N N 466 
TYR CZ  OH   sing N N 467 
TYR OH  HH   sing N N 468 
TYR OXT HXT  sing N N 469 
VAL N   CA   sing N N 470 
VAL N   H    sing N N 471 
VAL N   H2   sing N N 472 
VAL CA  C    sing N N 473 
VAL CA  CB   sing N N 474 
VAL CA  HA   sing N N 475 
VAL C   O    doub N N 476 
VAL C   OXT  sing N N 477 
VAL CB  CG1  sing N N 478 
VAL CB  CG2  sing N N 479 
VAL CB  HB   sing N N 480 
VAL CG1 HG11 sing N N 481 
VAL CG1 HG12 sing N N 482 
VAL CG1 HG13 sing N N 483 
VAL CG2 HG21 sing N N 484 
VAL CG2 HG22 sing N N 485 
VAL CG2 HG23 sing N N 486 
VAL OXT HXT  sing N N 487 
# 
_pdbx_audit_support.funding_organization   'Medical Research Council (United Kingdom)' 
_pdbx_audit_support.country                'United Kingdom' 
_pdbx_audit_support.grant_number           M004139 
_pdbx_audit_support.ordinal                1 
# 
_pdbx_entity_instance_feature.ordinal        1 
_pdbx_entity_instance_feature.comp_id        N3W 
_pdbx_entity_instance_feature.asym_id        ? 
_pdbx_entity_instance_feature.seq_num        ? 
_pdbx_entity_instance_feature.auth_comp_id   N3W 
_pdbx_entity_instance_feature.auth_asym_id   ? 
_pdbx_entity_instance_feature.auth_seq_num   ? 
_pdbx_entity_instance_feature.feature_type   'SUBJECT OF INVESTIGATION' 
_pdbx_entity_instance_feature.details        ? 
# 
_pdbx_initial_refinement_model.id               1 
_pdbx_initial_refinement_model.entity_id_list   ? 
_pdbx_initial_refinement_model.type             'experimental model' 
_pdbx_initial_refinement_model.source_name      PDB 
_pdbx_initial_refinement_model.accession_code   2VEZ 
_pdbx_initial_refinement_model.details          ? 
# 
_atom_sites.entry_id                    6TDG 
_atom_sites.Cartn_transf_matrix[1][1]   ? 
_atom_sites.Cartn_transf_matrix[1][2]   ? 
_atom_sites.Cartn_transf_matrix[1][3]   ? 
_atom_sites.Cartn_transf_matrix[2][1]   ? 
_atom_sites.Cartn_transf_matrix[2][2]   ? 
_atom_sites.Cartn_transf_matrix[2][3]   ? 
_atom_sites.Cartn_transf_matrix[3][1]   ? 
_atom_sites.Cartn_transf_matrix[3][2]   ? 
_atom_sites.Cartn_transf_matrix[3][3]   ? 
_atom_sites.Cartn_transf_vector[1]      ? 
_atom_sites.Cartn_transf_vector[2]      ? 
_atom_sites.Cartn_transf_vector[3]      ? 
_atom_sites.fract_transf_matrix[1][1]   -0.00967546 
_atom_sites.fract_transf_matrix[1][2]   -0.00115536 
_atom_sites.fract_transf_matrix[1][3]   -0.01038815 
_atom_sites.fract_transf_matrix[2][1]   -0.00173132 
_atom_sites.fract_transf_matrix[2][2]   0.00971357 
_atom_sites.fract_transf_matrix[2][3]   0.00053220 
_atom_sites.fract_transf_matrix[3][1]   0.01264194 
_atom_sites.fract_transf_matrix[3][2]   0.00291615 
_atom_sites.fract_transf_matrix[3][3]   -0.01209897 
_atom_sites.fract_transf_vector[1]      -0.130086 
_atom_sites.fract_transf_vector[2]      0.178649 
_atom_sites.fract_transf_vector[3]      -0.082851 
_atom_sites.solution_primary            ? 
_atom_sites.solution_secondary          ? 
_atom_sites.solution_hydrogens          ? 
_atom_sites.special_details             ? 
# 
loop_
_atom_type.symbol 
C  
CL 
N  
O  
P  
S  
# 
loop_
_atom_site.group_PDB 
_atom_site.id 
_atom_site.type_symbol 
_atom_site.label_atom_id 
_atom_site.label_alt_id 
_atom_site.label_comp_id 
_atom_site.label_asym_id 
_atom_site.label_entity_id 
_atom_site.label_seq_id 
_atom_site.pdbx_PDB_ins_code 
_atom_site.Cartn_x 
_atom_site.Cartn_y 
_atom_site.Cartn_z 
_atom_site.occupancy 
_atom_site.B_iso_or_equiv 
_atom_site.pdbx_formal_charge 
_atom_site.auth_seq_id 
_atom_site.auth_comp_id 
_atom_site.auth_asym_id 
_atom_site.auth_atom_id 
_atom_site.pdbx_PDB_model_num 
ATOM   1    N  N   . GLU A 1 26  ? 2.080   19.537  -3.214  1.00 65.14 ? 26  GLU A N   1 
ATOM   2    C  CA  . GLU A 1 26  ? 2.818   18.801  -4.292  1.00 61.34 ? 26  GLU A CA  1 
ATOM   3    C  C   . GLU A 1 26  ? 3.817   17.812  -3.682  1.00 52.52 ? 26  GLU A C   1 
ATOM   4    O  O   . GLU A 1 26  ? 3.993   16.719  -4.250  1.00 44.65 ? 26  GLU A O   1 
ATOM   5    C  CB  . GLU A 1 26  ? 3.593   19.747  -5.200  1.00 67.34 ? 26  GLU A CB  1 
ATOM   6    C  CG  . GLU A 1 26  ? 4.075   19.075  -6.474  1.00 73.12 ? 26  GLU A CG  1 
ATOM   7    C  CD  . GLU A 1 26  ? 5.542   19.311  -6.804  1.00 84.95 ? 26  GLU A CD  1 
ATOM   8    O  OE1 . GLU A 1 26  ? 6.342   19.491  -5.861  1.00 95.54 ? 26  GLU A OE1 1 
ATOM   9    O  OE2 . GLU A 1 26  ? 5.885   19.303  -8.006  1.00 97.54 ? 26  GLU A OE2 1 
ATOM   10   N  N   . ASN A 1 27  ? 4.497   18.200  -2.602  1.00 51.76 ? 27  ASN A N   1 
ATOM   11   C  CA  . ASN A 1 27  ? 5.309   17.276  -1.768  1.00 50.47 ? 27  ASN A CA  1 
ATOM   12   C  C   . ASN A 1 27  ? 4.587   17.061  -0.435  1.00 49.20 ? 27  ASN A C   1 
ATOM   13   O  O   . ASN A 1 27  ? 5.139   16.348  0.431   1.00 50.54 ? 27  ASN A O   1 
ATOM   14   C  CB  . ASN A 1 27  ? 6.736   17.796  -1.593  1.00 52.31 ? 27  ASN A CB  1 
ATOM   15   C  CG  . ASN A 1 27  ? 7.412   18.118  -2.912  1.00 60.13 ? 27  ASN A CG  1 
ATOM   16   O  OD1 . ASN A 1 27  ? 7.252   17.408  -3.909  1.00 55.78 ? 27  ASN A OD1 1 
ATOM   17   N  ND2 . ASN A 1 27  ? 8.208   19.178  -2.925  1.00 65.72 ? 27  ASN A ND2 1 
ATOM   18   N  N   . THR A 1 28  ? 3.399   17.646  -0.269  1.00 42.73 ? 28  THR A N   1 
ATOM   19   C  CA  . THR A 1 28  ? 2.546   17.436  0.930   1.00 41.65 ? 28  THR A CA  1 
ATOM   20   C  C   . THR A 1 28  ? 2.182   15.951  1.006   1.00 40.09 ? 28  THR A C   1 
ATOM   21   O  O   . THR A 1 28  ? 1.475   15.444  0.146   1.00 39.26 ? 28  THR A O   1 
ATOM   22   C  CB  . THR A 1 28  ? 1.270   18.288  0.903   1.00 47.42 ? 28  THR A CB  1 
ATOM   23   O  OG1 . THR A 1 28  ? 1.722   19.633  0.758   1.00 51.29 ? 28  THR A OG1 1 
ATOM   24   C  CG2 . THR A 1 28  ? 0.408   18.131  2.142   1.00 44.16 ? 28  THR A CG2 1 
ATOM   25   N  N   . PRO A 1 29  ? 2.591   15.226  2.064   1.00 37.03 ? 29  PRO A N   1 
ATOM   26   C  CA  . PRO A 1 29  ? 2.231   13.804  2.178   1.00 32.57 ? 29  PRO A CA  1 
ATOM   27   C  C   . PRO A 1 29  ? 0.713   13.613  2.136   1.00 34.66 ? 29  PRO A C   1 
ATOM   28   O  O   . PRO A 1 29  ? -0.061  14.419  2.651   1.00 31.27 ? 29  PRO A O   1 
ATOM   29   C  CB  . PRO A 1 29  ? 2.798   13.350  3.520   1.00 35.09 ? 29  PRO A CB  1 
ATOM   30   C  CG  . PRO A 1 29  ? 3.573   14.512  4.087   1.00 37.17 ? 29  PRO A CG  1 
ATOM   31   C  CD  . PRO A 1 29  ? 3.404   15.712  3.188   1.00 37.44 ? 29  PRO A CD  1 
ATOM   32   N  N   . LEU A 1 30  ? 0.281   12.529  1.498   1.00 29.38 ? 30  LEU A N   1 
ATOM   33   C  CA  . LEU A 1 30  ? -1.138  12.147  1.435   1.00 26.43 ? 30  LEU A CA  1 
ATOM   34   C  C   . LEU A 1 30  ? -1.766  12.024  2.819   1.00 27.41 ? 30  LEU A C   1 
ATOM   35   O  O   . LEU A 1 30  ? -2.950  12.367  2.999   1.00 32.06 ? 30  LEU A O   1 
ATOM   36   C  CB  . LEU A 1 30  ? -1.208  10.825  0.679   1.00 27.37 ? 30  LEU A CB  1 
ATOM   37   C  CG  . LEU A 1 30  ? -2.606  10.248  0.497   1.00 27.42 ? 30  LEU A CG  1 
ATOM   38   C  CD1 . LEU A 1 30  ? -3.514  11.213  -0.255  1.00 33.39 ? 30  LEU A CD1 1 
ATOM   39   C  CD2 . LEU A 1 30  ? -2.531  8.941   -0.236  1.00 26.97 ? 30  LEU A CD2 1 
ATOM   40   N  N   . PHE A 1 31  ? -1.027  11.480  3.767   1.00 27.63 ? 31  PHE A N   1 
ATOM   41   C  CA  . PHE A 1 31  ? -1.517  11.239  5.132   1.00 28.04 ? 31  PHE A CA  1 
ATOM   42   C  C   . PHE A 1 31  ? -0.333  11.504  6.053   1.00 28.43 ? 31  PHE A C   1 
ATOM   43   O  O   . PHE A 1 31  ? 0.767   11.653  5.582   1.00 28.28 ? 31  PHE A O   1 
ATOM   44   C  CB  . PHE A 1 31  ? -2.180  9.856   5.285   1.00 29.02 ? 31  PHE A CB  1 
ATOM   45   C  CG  . PHE A 1 31  ? -1.273  8.669   5.115   1.00 26.15 ? 31  PHE A CG  1 
ATOM   46   C  CD1 . PHE A 1 31  ? -0.503  8.193   6.170   1.00 27.67 ? 31  PHE A CD1 1 
ATOM   47   C  CD2 . PHE A 1 31  ? -1.202  7.986   3.905   1.00 27.40 ? 31  PHE A CD2 1 
ATOM   48   C  CE1 . PHE A 1 31  ? 0.344   7.102   6.020   1.00 29.20 ? 31  PHE A CE1 1 
ATOM   49   C  CE2 . PHE A 1 31  ? -0.328  6.915   3.752   1.00 27.05 ? 31  PHE A CE2 1 
ATOM   50   C  CZ  . PHE A 1 31  ? 0.462   6.478   4.788   1.00 26.06 ? 31  PHE A CZ  1 
ATOM   51   N  N   . SER A 1 32  ? -0.597  11.550  7.347   1.00 31.47 ? 32  SER A N   1 
ATOM   52   C  CA  . SER A 1 32  ? 0.388   11.964  8.374   1.00 31.79 ? 32  SER A CA  1 
ATOM   53   C  C   . SER A 1 32  ? 1.538   10.981  8.401   1.00 30.58 ? 32  SER A C   1 
ATOM   54   O  O   . SER A 1 32  ? 1.323   9.785   8.595   1.00 27.85 ? 32  SER A O   1 
ATOM   55   C  CB  . SER A 1 32  ? -0.289  12.057  9.736   1.00 32.07 ? 32  SER A CB  1 
ATOM   56   O  OG  . SER A 1 32  ? 0.689   12.258  10.725  1.00 34.47 ? 32  SER A OG  1 
ATOM   57   N  N   . PRO A 1 33  ? 2.790   11.446  8.248   1.00 31.81 ? 33  PRO A N   1 
ATOM   58   C  CA  . PRO A 1 33  ? 3.970   10.630  8.509   1.00 30.96 ? 33  PRO A CA  1 
ATOM   59   C  C   . PRO A 1 33  ? 3.969   9.945   9.887   1.00 30.23 ? 33  PRO A C   1 
ATOM   60   O  O   . PRO A 1 33  ? 4.580   8.910   10.006  1.00 29.68 ? 33  PRO A O   1 
ATOM   61   C  CB  . PRO A 1 33  ? 5.139   11.599  8.332   1.00 34.01 ? 33  PRO A CB  1 
ATOM   62   C  CG  . PRO A 1 33  ? 4.592   12.638  7.368   1.00 33.90 ? 33  PRO A CG  1 
ATOM   63   C  CD  . PRO A 1 33  ? 3.135   12.787  7.740   1.00 33.38 ? 33  PRO A CD  1 
ATOM   64   N  N   . SER A 1 34  ? 3.169   10.436  10.826  1.00 29.47 ? 34  SER A N   1 
ATOM   65   C  CA  . SER A 1 34  ? 2.935   9.813   12.147  1.00 30.23 ? 34  SER A CA  1 
ATOM   66   C  C   . SER A 1 34  ? 2.309   8.416   12.005  1.00 31.50 ? 34  SER A C   1 
ATOM   67   O  O   . SER A 1 34  ? 2.452   7.577   12.916  1.00 31.82 ? 34  SER A O   1 
ATOM   68   C  CB  . SER A 1 34  ? 2.116   10.728  13.062  1.00 30.57 ? 34  SER A CB  1 
ATOM   69   O  OG  . SER A 1 34  ? 0.706   10.687  12.777  1.00 34.48 ? 34  SER A OG  1 
ATOM   70   N  N   . LEU A 1 35  ? 1.651   8.136   10.891  1.00 29.34 ? 35  LEU A N   1 
ATOM   71   C  CA  . LEU A 1 35  ? 1.067   6.795   10.648  1.00 28.29 ? 35  LEU A CA  1 
ATOM   72   C  C   . LEU A 1 35  ? 2.086   5.809   10.044  1.00 27.25 ? 35  LEU A C   1 
ATOM   73   O  O   . LEU A 1 35  ? 1.687   4.638   9.882   1.00 30.25 ? 35  LEU A O   1 
ATOM   74   C  CB  . LEU A 1 35  ? -0.154  6.985   9.752   1.00 30.48 ? 35  LEU A CB  1 
ATOM   75   C  CG  . LEU A 1 35  ? -1.392  7.433   10.531  1.00 28.97 ? 35  LEU A CG  1 
ATOM   76   C  CD1 . LEU A 1 35  ? -2.421  7.985   9.600   1.00 29.12 ? 35  LEU A CD1 1 
ATOM   77   C  CD2 . LEU A 1 35  ? -1.951  6.276   11.350  1.00 29.98 ? 35  LEU A CD2 1 
ATOM   78   N  N   . ILE A 1 36  ? 3.332   6.200   9.766   1.00 27.25 ? 36  ILE A N   1 
ATOM   79   C  CA  . ILE A 1 36  ? 4.377   5.232   9.329   1.00 27.24 ? 36  ILE A CA  1 
ATOM   80   C  C   . ILE A 1 36  ? 5.008   4.553   10.561  1.00 29.93 ? 36  ILE A C   1 
ATOM   81   O  O   . ILE A 1 36  ? 5.601   5.245   11.426  1.00 27.96 ? 36  ILE A O   1 
ATOM   82   C  CB  . ILE A 1 36  ? 5.435   5.899   8.439   1.00 26.91 ? 36  ILE A CB  1 
ATOM   83   C  CG1 . ILE A 1 36  ? 4.821   6.664   7.267   1.00 30.31 ? 36  ILE A CG1 1 
ATOM   84   C  CG2 . ILE A 1 36  ? 6.459   4.872   8.018   1.00 27.86 ? 36  ILE A CG2 1 
ATOM   85   C  CD1 . ILE A 1 36  ? 4.064   5.759   6.285   1.00 31.33 ? 36  ILE A CD1 1 
ATOM   86   N  N   . SER A 1 37  ? 4.890   3.232   10.628  1.00 28.25 ? 37  SER A N   1 
ATOM   87   C  CA  . SER A 1 37  ? 5.415   2.378   11.713  1.00 31.48 ? 37  SER A CA  1 
ATOM   88   C  C   . SER A 1 37  ? 6.878   2.728   11.980  1.00 28.89 ? 37  SER A C   1 
ATOM   89   O  O   . SER A 1 37  ? 7.774   2.520   11.152  1.00 28.38 ? 37  SER A O   1 
ATOM   90   C  CB  . SER A 1 37  ? 5.308   0.929   11.368  1.00 33.97 ? 37  SER A CB  1 
ATOM   91   O  OG  . SER A 1 37  ? 5.906   0.131   12.382  1.00 33.29 ? 37  SER A OG  1 
ATOM   92   N  N   . PRO A 1 38  ? 7.199   3.240   13.177  1.00 30.70 ? 38  PRO A N   1 
ATOM   93   C  CA  . PRO A 1 38  ? 8.603   3.480   13.492  1.00 30.47 ? 38  PRO A CA  1 
ATOM   94   C  C   . PRO A 1 38  ? 9.490   2.221   13.504  1.00 31.18 ? 38  PRO A C   1 
ATOM   95   O  O   . PRO A 1 38  ? 10.645  2.269   13.028  1.00 32.10 ? 38  PRO A O   1 
ATOM   96   C  CB  . PRO A 1 38  ? 8.523   4.213   14.852  1.00 37.11 ? 38  PRO A CB  1 
ATOM   97   C  CG  . PRO A 1 38  ? 7.132   4.008   15.402  1.00 40.27 ? 38  PRO A CG  1 
ATOM   98   C  CD  . PRO A 1 38  ? 6.247   3.684   14.212  1.00 35.19 ? 38  PRO A CD  1 
ATOM   99   N  N   . ASP A 1 39  ? 8.948   1.086   13.981  1.00 33.66 ? 39  ASP A N   1 
ATOM   100  C  CA  . ASP A 1 39  ? 9.671   -0.211  13.946  1.00 33.52 ? 39  ASP A CA  1 
ATOM   101  C  C   . ASP A 1 39  ? 10.035  -0.586  12.514  1.00 33.26 ? 39  ASP A C   1 
ATOM   102  O  O   . ASP A 1 39  ? 11.158  -1.095  12.280  1.00 31.46 ? 39  ASP A O   1 
ATOM   103  C  CB  . ASP A 1 39  ? 8.849   -1.298  14.629  1.00 34.90 ? 39  ASP A CB  1 
ATOM   104  C  CG  . ASP A 1 39  ? 8.751   -1.140  16.134  1.00 43.47 ? 39  ASP A CG  1 
ATOM   105  O  OD1 . ASP A 1 39  ? 9.390   -0.194  16.679  1.00 40.49 ? 39  ASP A OD1 1 
ATOM   106  O  OD2 . ASP A 1 39  ? 8.030   -1.953  16.736  1.00 39.64 ? 39  ASP A OD2 1 
ATOM   107  N  N   . VAL A 1 40  ? 9.124   -0.369  11.551  1.00 30.71 ? 40  VAL A N   1 
ATOM   108  C  CA  . VAL A 1 40  ? 9.461   -0.658  10.139  1.00 29.98 ? 40  VAL A CA  1 
ATOM   109  C  C   . VAL A 1 40  ? 10.596  0.273   9.701   1.00 29.30 ? 40  VAL A C   1 
ATOM   110  O  O   . VAL A 1 40  ? 11.539  -0.192  9.092   1.00 29.40 ? 40  VAL A O   1 
ATOM   111  C  CB  . VAL A 1 40  ? 8.227   -0.497  9.241   1.00 30.30 ? 40  VAL A CB  1 
ATOM   112  C  CG1 . VAL A 1 40  ? 8.630   -0.601  7.781   1.00 27.94 ? 40  VAL A CG1 1 
ATOM   113  C  CG2 . VAL A 1 40  ? 7.191   -1.550  9.634   1.00 30.71 ? 40  VAL A CG2 1 
ATOM   114  N  N   . LEU A 1 41  ? 10.453  1.571   9.962   1.00 30.20 ? 41  LEU A N   1 
ATOM   115  C  CA  . LEU A 1 41  ? 11.476  2.563   9.544   1.00 32.31 ? 41  LEU A CA  1 
ATOM   116  C  C   . LEU A 1 41  ? 12.847  2.146   10.067  1.00 32.27 ? 41  LEU A C   1 
ATOM   117  O  O   . LEU A 1 41  ? 13.820  2.278   9.308   1.00 34.39 ? 41  LEU A O   1 
ATOM   118  C  CB  . LEU A 1 41  ? 11.070  3.935   10.074  1.00 31.92 ? 41  LEU A CB  1 
ATOM   119  C  CG  . LEU A 1 41  ? 9.925   4.587   9.298   1.00 35.93 ? 41  LEU A CG  1 
ATOM   120  C  CD1 . LEU A 1 41  ? 9.418   5.838   9.998   1.00 39.11 ? 41  LEU A CD1 1 
ATOM   121  C  CD2 . LEU A 1 41  ? 10.333  4.891   7.872   1.00 39.82 ? 41  LEU A CD2 1 
ATOM   122  N  N   . ALA A 1 42  ? 12.864  1.581   11.265  1.00 32.48 ? 42  ALA A N   1 
ATOM   123  C  CA  . ALA A 1 42  ? 14.091  1.233   12.022  1.00 35.15 ? 42  ALA A CA  1 
ATOM   124  C  C   . ALA A 1 42  ? 14.814  0.070   11.348  1.00 36.84 ? 42  ALA A C   1 
ATOM   125  O  O   . ALA A 1 42  ? 16.053  0.063   11.385  1.00 37.42 ? 42  ALA A O   1 
ATOM   126  C  CB  . ALA A 1 42  ? 13.694  0.930   13.431  1.00 33.19 ? 42  ALA A CB  1 
ATOM   127  N  N   . VAL A 1 43  ? 14.083  -0.848  10.690  1.00 33.16 ? 43  VAL A N   1 
ATOM   128  C  CA  . VAL A 1 43  ? 14.674  -2.108  10.149  1.00 33.50 ? 43  VAL A CA  1 
ATOM   129  C  C   . VAL A 1 43  ? 14.784  -2.068  8.617   1.00 33.66 ? 43  VAL A C   1 
ATOM   130  O  O   . VAL A 1 43  ? 15.348  -3.013  8.051   1.00 34.46 ? 43  VAL A O   1 
ATOM   131  C  CB  . VAL A 1 43  ? 13.881  -3.314  10.704  1.00 41.60 ? 43  VAL A CB  1 
ATOM   132  C  CG1 . VAL A 1 43  ? 12.498  -3.470  10.060  1.00 37.93 ? 43  VAL A CG1 1 
ATOM   133  C  CG2 . VAL A 1 43  ? 14.688  -4.596  10.629  1.00 49.07 ? 43  VAL A CG2 1 
ATOM   134  N  N   . LEU A 1 44  ? 14.325  -1.026  7.912   1.00 32.96 ? 44  LEU A N   1 
ATOM   135  C  CA  . LEU A 1 44  ? 14.565  -0.929  6.447   1.00 33.40 ? 44  LEU A CA  1 
ATOM   136  C  C   . LEU A 1 44  ? 16.054  -0.978  6.165   1.00 39.06 ? 44  LEU A C   1 
ATOM   137  O  O   . LEU A 1 44  ? 16.834  -0.533  6.989   1.00 42.37 ? 44  LEU A O   1 
ATOM   138  C  CB  . LEU A 1 44  ? 14.003  0.366   5.838   1.00 35.94 ? 44  LEU A CB  1 
ATOM   139  C  CG  . LEU A 1 44  ? 12.509  0.338   5.496   1.00 38.50 ? 44  LEU A CG  1 
ATOM   140  C  CD1 . LEU A 1 44  ? 12.079  1.713   5.029   1.00 40.08 ? 44  LEU A CD1 1 
ATOM   141  C  CD2 . LEU A 1 44  ? 12.203  -0.686  4.415   1.00 34.48 ? 44  LEU A CD2 1 
ATOM   142  N  N   . PRO A 1 45  ? 16.464  -1.431  4.967   1.00 38.62 ? 45  PRO A N   1 
ATOM   143  C  CA  . PRO A 1 45  ? 17.855  -1.306  4.539   1.00 39.83 ? 45  PRO A CA  1 
ATOM   144  C  C   . PRO A 1 45  ? 18.334  0.156   4.556   1.00 44.22 ? 45  PRO A C   1 
ATOM   145  O  O   . PRO A 1 45  ? 17.534  1.103   4.418   1.00 37.86 ? 45  PRO A O   1 
ATOM   146  C  CB  . PRO A 1 45  ? 17.884  -1.902  3.124   1.00 39.65 ? 45  PRO A CB  1 
ATOM   147  C  CG  . PRO A 1 45  ? 16.587  -2.665  2.969   1.00 40.92 ? 45  PRO A CG  1 
ATOM   148  C  CD  . PRO A 1 45  ? 15.611  -2.055  3.947   1.00 40.17 ? 45  PRO A CD  1 
ATOM   149  N  N   . ALA A 1 46  ? 19.636  0.332   4.789   1.00 42.34 ? 46  ALA A N   1 
ATOM   150  C  CA  . ALA A 1 46  ? 20.317  1.647   4.815   1.00 44.14 ? 46  ALA A CA  1 
ATOM   151  C  C   . ALA A 1 46  ? 19.815  2.543   3.677   1.00 36.94 ? 46  ALA A C   1 
ATOM   152  O  O   . ALA A 1 46  ? 19.886  2.124   2.544   1.00 40.05 ? 46  ALA A O   1 
ATOM   153  C  CB  . ALA A 1 46  ? 21.812  1.429   4.712   1.00 45.35 ? 46  ALA A CB  1 
ATOM   154  N  N   . ASP A 1 47  ? 19.364  3.757   4.001   1.00 39.96 ? 47  ASP A N   1 
ATOM   155  C  CA  . ASP A 1 47  ? 19.061  4.845   3.043   1.00 43.01 ? 47  ASP A CA  1 
ATOM   156  C  C   . ASP A 1 47  ? 17.742  4.583   2.297   1.00 44.01 ? 47  ASP A C   1 
ATOM   157  O  O   . ASP A 1 47  ? 17.367  5.476   1.525   1.00 38.55 ? 47  ASP A O   1 
ATOM   158  C  CB  . ASP A 1 47  ? 20.161  5.035   2.002   1.00 43.49 ? 47  ASP A CB  1 
ATOM   159  C  CG  . ASP A 1 47  ? 21.525  5.293   2.611   1.00 40.80 ? 47  ASP A CG  1 
ATOM   160  O  OD1 . ASP A 1 47  ? 21.578  5.973   3.625   1.00 41.33 ? 47  ASP A OD1 1 
ATOM   161  O  OD2 . ASP A 1 47  ? 22.492  4.765   2.077   1.00 48.87 ? 47  ASP A OD2 1 
ATOM   162  N  N   . TYR A 1 48  ? 17.084  3.430   2.501   1.00 39.36 ? 48  TYR A N   1 
ATOM   163  C  CA  . TYR A 1 48  ? 15.697  3.184   2.006   1.00 36.10 ? 48  TYR A CA  1 
ATOM   164  C  C   . TYR A 1 48  ? 14.744  3.835   2.985   1.00 34.46 ? 48  TYR A C   1 
ATOM   165  O  O   . TYR A 1 48  ? 15.045  3.821   4.185   1.00 35.89 ? 48  TYR A O   1 
ATOM   166  C  CB  . TYR A 1 48  ? 15.339  1.698   1.911   1.00 33.74 ? 48  TYR A CB  1 
ATOM   167  C  CG  . TYR A 1 48  ? 15.879  0.997   0.700   1.00 35.26 ? 48  TYR A CG  1 
ATOM   168  C  CD1 . TYR A 1 48  ? 17.248  0.978   0.440   1.00 35.17 ? 48  TYR A CD1 1 
ATOM   169  C  CD2 . TYR A 1 48  ? 15.042  0.290   -0.151  1.00 29.67 ? 48  TYR A CD2 1 
ATOM   170  C  CE1 . TYR A 1 48  ? 17.753  0.326   -0.671  1.00 36.17 ? 48  TYR A CE1 1 
ATOM   171  C  CE2 . TYR A 1 48  ? 15.533  -0.347  -1.282  1.00 31.13 ? 48  TYR A CE2 1 
ATOM   172  C  CZ  . TYR A 1 48  ? 16.897  -0.364  -1.513  1.00 36.97 ? 48  TYR A CZ  1 
ATOM   173  O  OH  . TYR A 1 48  ? 17.378  -1.008  -2.605  1.00 39.50 ? 48  TYR A OH  1 
ATOM   174  N  N   . THR A 1 49  ? 13.576  4.292   2.517   1.00 29.40 ? 49  THR A N   1 
ATOM   175  C  CA  . THR A 1 49  ? 12.563  4.858   3.419   1.00 30.27 ? 49  THR A CA  1 
ATOM   176  C  C   . THR A 1 49  ? 11.193  4.346   2.969   1.00 28.85 ? 49  THR A C   1 
ATOM   177  O  O   . THR A 1 49  ? 11.069  3.820   1.842   1.00 28.31 ? 49  THR A O   1 
ATOM   178  C  CB  . THR A 1 49  ? 12.642  6.382   3.451   1.00 36.64 ? 49  THR A CB  1 
ATOM   179  O  OG1 . THR A 1 49  ? 11.808  6.804   4.535   1.00 47.15 ? 49  THR A OG1 1 
ATOM   180  C  CG2 . THR A 1 49  ? 12.224  7.028   2.153   1.00 35.94 ? 49  THR A CG2 1 
ATOM   181  N  N   . ILE A 1 50  ? 10.256  4.478   3.869   1.00 29.03 ? 50  ILE A N   1 
ATOM   182  C  CA  . ILE A 1 50  ? 8.825   4.230   3.604   1.00 28.13 ? 50  ILE A CA  1 
ATOM   183  C  C   . ILE A 1 50  ? 8.092   5.467   4.067   1.00 29.02 ? 50  ILE A C   1 
ATOM   184  O  O   . ILE A 1 50  ? 8.415   6.026   5.175   1.00 29.80 ? 50  ILE A O   1 
ATOM   185  C  CB  . ILE A 1 50  ? 8.366   2.931   4.290   1.00 34.23 ? 50  ILE A CB  1 
ATOM   186  C  CG1 . ILE A 1 50  ? 6.885   2.650   4.086   1.00 37.00 ? 50  ILE A CG1 1 
ATOM   187  C  CG2 . ILE A 1 50  ? 8.701   2.905   5.764   1.00 40.87 ? 50  ILE A CG2 1 
ATOM   188  C  CD1 . ILE A 1 50  ? 6.583   1.189   4.400   1.00 43.75 ? 50  ILE A CD1 1 
ATOM   189  N  N   . ARG A 1 51  ? 7.112   5.880   3.283   1.00 25.53 ? 51  ARG A N   1 
ATOM   190  C  CA  . ARG A 1 51  ? 6.472   7.185   3.546   1.00 27.58 ? 51  ARG A CA  1 
ATOM   191  C  C   . ARG A 1 51  ? 5.166   7.236   2.770   1.00 25.60 ? 51  ARG A C   1 
ATOM   192  O  O   . ARG A 1 51  ? 4.982   6.479   1.807   1.00 22.94 ? 51  ARG A O   1 
ATOM   193  C  CB  . ARG A 1 51  ? 7.393   8.334   3.146   1.00 35.07 ? 51  ARG A CB  1 
ATOM   194  C  CG  . ARG A 1 51  ? 7.817   8.385   1.680   1.00 28.59 ? 51  ARG A CG  1 
ATOM   195  C  CD  . ARG A 1 51  ? 8.281   9.785   1.319   1.00 31.60 ? 51  ARG A CD  1 
ATOM   196  N  NE  . ARG A 1 51  ? 8.752   9.859   -0.048  1.00 30.61 ? 51  ARG A NE  1 
ATOM   197  C  CZ  . ARG A 1 51  ? 7.992   9.917   -1.140  1.00 33.40 ? 51  ARG A CZ  1 
ATOM   198  N  NH1 . ARG A 1 51  ? 6.663   9.892   -1.044  1.00 29.94 ? 51  ARG A NH1 1 
ATOM   199  N  NH2 . ARG A 1 51  ? 8.573   9.995   -2.338  1.00 33.72 ? 51  ARG A NH2 1 
ATOM   200  N  N   . PRO A 1 52  ? 4.274   8.157   3.137   1.00 25.12 ? 52  PRO A N   1 
ATOM   201  C  CA  . PRO A 1 52  ? 3.047   8.351   2.362   1.00 24.78 ? 52  PRO A CA  1 
ATOM   202  C  C   . PRO A 1 52  ? 3.381   8.762   0.922   1.00 25.45 ? 52  PRO A C   1 
ATOM   203  O  O   . PRO A 1 52  ? 4.397   9.411   0.650   1.00 24.85 ? 52  PRO A O   1 
ATOM   204  C  CB  . PRO A 1 52  ? 2.315   9.462   3.114   1.00 26.22 ? 52  PRO A CB  1 
ATOM   205  C  CG  . PRO A 1 52  ? 2.911   9.370   4.507   1.00 25.69 ? 52  PRO A CG  1 
ATOM   206  C  CD  . PRO A 1 52  ? 4.371   9.092   4.267   1.00 27.28 ? 52  PRO A CD  1 
ATOM   207  N  N   . LEU A 1 53  ? 2.479   8.434   0.011   1.00 24.81 ? 53  LEU A N   1 
ATOM   208  C  CA  . LEU A 1 53  ? 2.480   8.990   -1.361  1.00 25.07 ? 53  LEU A CA  1 
ATOM   209  C  C   . LEU A 1 53  ? 2.436   10.497  -1.257  1.00 25.61 ? 53  LEU A C   1 
ATOM   210  O  O   . LEU A 1 53  ? 1.855   11.023  -0.291  1.00 27.99 ? 53  LEU A O   1 
ATOM   211  C  CB  . LEU A 1 53  ? 1.220   8.504   -2.078  1.00 24.62 ? 53  LEU A CB  1 
ATOM   212  C  CG  . LEU A 1 53  ? 1.155   8.758   -3.576  1.00 25.99 ? 53  LEU A CG  1 
ATOM   213  C  CD1 . LEU A 1 53  ? 2.258   7.977   -4.288  1.00 27.27 ? 53  LEU A CD1 1 
ATOM   214  C  CD2 . LEU A 1 53  ? -0.225  8.338   -4.051  1.00 25.12 ? 53  LEU A CD2 1 
ATOM   215  N  N   . CYS A 1 54  ? 3.026   11.174  -2.222  1.00 30.03 ? 54  CYS A N   1 
ATOM   216  C  CA  . CYS A 1 54  ? 2.677   12.579  -2.473  1.00 31.45 ? 54  CYS A CA  1 
ATOM   217  C  C   . CYS A 1 54  ? 2.494   12.762  -3.973  1.00 28.02 ? 54  CYS A C   1 
ATOM   218  O  O   . CYS A 1 54  ? 2.888   11.881  -4.737  1.00 29.89 ? 54  CYS A O   1 
ATOM   219  C  CB  . CYS A 1 54  ? 3.724   13.508  -1.913  1.00 33.67 ? 54  CYS A CB  1 
ATOM   220  S  SG  . CYS A 1 54  ? 5.305   13.315  -2.736  1.00 40.34 ? 54  CYS A SG  1 
ATOM   221  N  N   . ARG A 1 55  ? 1.944   13.909  -4.369  1.00 31.10 ? 55  ARG A N   1 
ATOM   222  C  CA  . ARG A 1 55  ? 1.550   14.137  -5.781  1.00 32.96 ? 55  ARG A CA  1 
ATOM   223  C  C   . ARG A 1 55  ? 2.769   14.043  -6.713  1.00 31.82 ? 55  ARG A C   1 
ATOM   224  O  O   . ARG A 1 55  ? 2.616   13.447  -7.781  1.00 33.89 ? 55  ARG A O   1 
ATOM   225  C  CB  . ARG A 1 55  ? 0.753   15.439  -5.930  1.00 40.80 ? 55  ARG A CB  1 
ATOM   226  C  CG  . ARG A 1 55  ? -0.139  15.410  -7.168  1.00 47.27 ? 55  ARG A CG  1 
ATOM   227  C  CD  . ARG A 1 55  ? -1.059  16.601  -7.295  1.00 52.88 ? 55  ARG A CD  1 
ATOM   228  N  NE  . ARG A 1 55  ? -0.316  17.730  -7.837  1.00 60.34 ? 55  ARG A NE  1 
ATOM   229  C  CZ  . ARG A 1 55  ? 0.019   18.821  -7.171  1.00 67.63 ? 55  ARG A CZ  1 
ATOM   230  N  NH1 . ARG A 1 55  ? -0.324  18.978  -5.902  1.00 78.41 ? 55  ARG A NH1 1 
ATOM   231  N  NH2 . ARG A 1 55  ? 0.700   19.769  -7.788  1.00 70.11 ? 55  ARG A NH2 1 
ATOM   232  N  N   . SER A 1 56  ? 3.950   14.556  -6.326  1.00 29.45 ? 56  SER A N   1 
ATOM   233  C  CA  . SER A 1 56  ? 5.176   14.531  -7.156  1.00 34.67 ? 56  SER A CA  1 
ATOM   234  C  C   . SER A 1 56  ? 5.753   13.115  -7.315  1.00 34.51 ? 56  SER A C   1 
ATOM   235  O  O   . SER A 1 56  ? 6.620   12.918  -8.168  1.00 36.11 ? 56  SER A O   1 
ATOM   236  C  CB  . SER A 1 56  ? 6.224   15.501  -6.608  1.00 32.26 ? 56  SER A CB  1 
ATOM   237  O  OG  . SER A 1 56  ? 6.548   15.191  -5.281  1.00 34.94 ? 56  SER A OG  1 
ATOM   238  N  N   . ASP A 1 57  ? 5.216   12.113  -6.620  1.00 33.01 ? 57  ASP A N   1 
ATOM   239  C  CA  . ASP A 1 57  ? 5.611   10.703  -6.841  1.00 32.48 ? 57  ASP A CA  1 
ATOM   240  C  C   . ASP A 1 57  ? 5.316   10.248  -8.277  1.00 32.71 ? 57  ASP A C   1 
ATOM   241  O  O   . ASP A 1 57  ? 5.985   9.320   -8.737  1.00 30.83 ? 57  ASP A O   1 
ATOM   242  C  CB  . ASP A 1 57  ? 5.015   9.813   -5.761  1.00 29.44 ? 57  ASP A CB  1 
ATOM   243  C  CG  . ASP A 1 57  ? 5.750   9.950   -4.424  1.00 28.54 ? 57  ASP A CG  1 
ATOM   244  O  OD1 . ASP A 1 57  ? 6.914   10.390  -4.426  1.00 31.15 ? 57  ASP A OD1 1 
ATOM   245  O  OD2 . ASP A 1 57  ? 5.140   9.686   -3.397  1.00 28.27 ? 57  ASP A OD2 1 
ATOM   246  N  N   . TYR A 1 58  ? 4.421   10.897  -9.022  1.00 35.19 ? 58  TYR A N   1 
ATOM   247  C  CA  . TYR A 1 58  ? 4.264   10.616  -10.480 1.00 36.33 ? 58  TYR A CA  1 
ATOM   248  C  C   . TYR A 1 58  ? 5.651   10.615  -11.146 1.00 35.26 ? 58  TYR A C   1 
ATOM   249  O  O   . TYR A 1 58  ? 5.904   9.770   -12.036 1.00 33.23 ? 58  TYR A O   1 
ATOM   250  C  CB  . TYR A 1 58  ? 3.331   11.621  -11.160 1.00 37.06 ? 58  TYR A CB  1 
ATOM   251  C  CG  . TYR A 1 58  ? 3.087   11.348  -12.630 1.00 41.54 ? 58  TYR A CG  1 
ATOM   252  C  CD1 . TYR A 1 58  ? 2.232   10.343  -13.050 1.00 37.44 ? 58  TYR A CD1 1 
ATOM   253  C  CD2 . TYR A 1 58  ? 3.699   12.106  -13.622 1.00 46.96 ? 58  TYR A CD2 1 
ATOM   254  C  CE1 . TYR A 1 58  ? 2.006   10.083  -14.393 1.00 41.32 ? 58  TYR A CE1 1 
ATOM   255  C  CE2 . TYR A 1 58  ? 3.477   11.863  -14.973 1.00 43.69 ? 58  TYR A CE2 1 
ATOM   256  C  CZ  . TYR A 1 58  ? 2.635   10.839  -15.368 1.00 46.07 ? 58  TYR A CZ  1 
ATOM   257  O  OH  . TYR A 1 58  ? 2.391   10.572  -16.696 1.00 47.30 ? 58  TYR A OH  1 
ATOM   258  N  N   . LYS A 1 59  ? 6.538   11.504  -10.694 1.00 40.95 ? 59  LYS A N   1 
ATOM   259  C  CA  . LYS A 1 59  ? 7.878   11.716  -11.309 1.00 45.29 ? 59  LYS A CA  1 
ATOM   260  C  C   . LYS A 1 59  ? 8.976   10.925  -10.590 1.00 47.29 ? 59  LYS A C   1 
ATOM   261  O  O   . LYS A 1 59  ? 10.147  11.243  -10.815 1.00 52.77 ? 59  LYS A O   1 
ATOM   262  C  CB  . LYS A 1 59  ? 8.207   13.211  -11.288 1.00 47.88 ? 59  LYS A CB  1 
ATOM   263  C  CG  . LYS A 1 59  ? 7.392   14.020  -12.284 1.00 48.27 ? 59  LYS A CG  1 
ATOM   264  C  CD  . LYS A 1 59  ? 7.533   15.524  -12.197 1.00 57.67 ? 59  LYS A CD  1 
ATOM   265  C  CE  . LYS A 1 59  ? 7.007   16.193  -13.459 1.00 65.04 ? 59  LYS A CE  1 
ATOM   266  N  NZ  . LYS A 1 59  ? 6.272   17.448  -13.172 1.00 69.67 ? 59  LYS A NZ  1 
ATOM   267  N  N   . ARG A 1 60  ? 8.658   9.937   -9.758  1.00 43.19 ? 60  ARG A N   1 
ATOM   268  C  CA  . ARG A 1 60  ? 9.713   9.143   -9.068  1.00 41.00 ? 60  ARG A CA  1 
ATOM   269  C  C   . ARG A 1 60  ? 9.513   7.657   -9.392  1.00 36.82 ? 60  ARG A C   1 
ATOM   270  O  O   . ARG A 1 60  ? 9.952   6.821   -8.605  1.00 38.13 ? 60  ARG A O   1 
ATOM   271  C  CB  . ARG A 1 60  ? 9.645   9.426   -7.570  1.00 38.98 ? 60  ARG A CB  1 
ATOM   272  C  CG  . ARG A 1 60  ? 10.338  10.699  -7.088  1.00 40.46 ? 60  ARG A CG  1 
ATOM   273  C  CD  . ARG A 1 60  ? 10.134  10.720  -5.586  1.00 37.90 ? 60  ARG A CD  1 
ATOM   274  N  NE  . ARG A 1 60  ? 10.518  11.916  -4.861  1.00 42.87 ? 60  ARG A NE  1 
ATOM   275  C  CZ  . ARG A 1 60  ? 11.600  12.027  -4.108  1.00 41.88 ? 60  ARG A CZ  1 
ATOM   276  N  NH1 . ARG A 1 60  ? 12.405  10.990  -3.933  1.00 43.84 ? 60  ARG A NH1 1 
ATOM   277  N  NH2 . ARG A 1 60  ? 11.861  13.177  -3.511  1.00 42.39 ? 60  ARG A NH2 1 
ATOM   278  N  N   . GLY A 1 61  ? 8.810   7.356   -10.483 1.00 37.52 ? 61  GLY A N   1 
ATOM   279  C  CA  . GLY A 1 61  ? 8.650   5.998   -11.025 1.00 38.64 ? 61  GLY A CA  1 
ATOM   280  C  C   . GLY A 1 61  ? 7.497   5.240   -10.422 1.00 32.77 ? 61  GLY A C   1 
ATOM   281  O  O   . GLY A 1 61  ? 7.518   3.985   -10.465 1.00 37.44 ? 61  GLY A O   1 
ATOM   282  N  N   . TYR A 1 62  ? 6.482   5.923   -9.895  1.00 34.55 ? 62  TYR A N   1 
ATOM   283  C  CA  . TYR A 1 62  ? 5.441   5.211   -9.128  1.00 31.24 ? 62  TYR A CA  1 
ATOM   284  C  C   . TYR A 1 62  ? 4.696   4.209   -10.018 1.00 31.78 ? 62  TYR A C   1 
ATOM   285  O  O   . TYR A 1 62  ? 4.532   3.066   -9.615  1.00 32.37 ? 62  TYR A O   1 
ATOM   286  C  CB  . TYR A 1 62  ? 4.470   6.198   -8.475  1.00 30.42 ? 62  TYR A CB  1 
ATOM   287  C  CG  . TYR A 1 62  ? 3.341   5.539   -7.748  1.00 29.65 ? 62  TYR A CG  1 
ATOM   288  C  CD1 . TYR A 1 62  ? 3.472   5.126   -6.435  1.00 27.67 ? 62  TYR A CD1 1 
ATOM   289  C  CD2 . TYR A 1 62  ? 2.124   5.334   -8.376  1.00 30.51 ? 62  TYR A CD2 1 
ATOM   290  C  CE1 . TYR A 1 62  ? 2.426   4.532   -5.766  1.00 30.17 ? 62  TYR A CE1 1 
ATOM   291  C  CE2 . TYR A 1 62  ? 1.062   4.759   -7.710  1.00 30.95 ? 62  TYR A CE2 1 
ATOM   292  C  CZ  . TYR A 1 62  ? 1.209   4.345   -6.401  1.00 30.86 ? 62  TYR A CZ  1 
ATOM   293  O  OH  . TYR A 1 62  ? 0.188   3.758   -5.700  1.00 32.66 ? 62  TYR A OH  1 
ATOM   294  N  N   . LEU A 1 63  ? 4.210   4.633   -11.184 1.00 34.88 ? 63  LEU A N   1 
ATOM   295  C  CA  . LEU A 1 63  ? 3.298   3.775   -11.982 1.00 34.84 ? 63  LEU A CA  1 
ATOM   296  C  C   . LEU A 1 63  ? 4.074   2.609   -12.581 1.00 33.47 ? 63  LEU A C   1 
ATOM   297  O  O   . LEU A 1 63  ? 3.512   1.495   -12.713 1.00 36.45 ? 63  LEU A O   1 
ATOM   298  C  CB  . LEU A 1 63  ? 2.633   4.626   -13.062 1.00 35.48 ? 63  LEU A CB  1 
ATOM   299  C  CG  . LEU A 1 63  ? 1.644   5.654   -12.533 1.00 37.86 ? 63  LEU A CG  1 
ATOM   300  C  CD1 . LEU A 1 63  ? 1.195   6.564   -13.657 1.00 42.32 ? 63  LEU A CD1 1 
ATOM   301  C  CD2 . LEU A 1 63  ? 0.433   4.969   -11.877 1.00 40.23 ? 63  LEU A CD2 1 
ATOM   302  N  N   . ASP A 1 64  ? 5.363   2.816   -12.851 1.00 32.09 ? 64  ASP A N   1 
ATOM   303  C  CA  . ASP A 1 64  ? 6.260   1.729   -13.315 1.00 37.68 ? 64  ASP A CA  1 
ATOM   304  C  C   . ASP A 1 64  ? 6.314   0.620   -12.274 1.00 34.60 ? 64  ASP A C   1 
ATOM   305  O  O   . ASP A 1 64  ? 6.387   -0.553  -12.662 1.00 33.47 ? 64  ASP A O   1 
ATOM   306  C  CB  . ASP A 1 64  ? 7.671   2.248   -13.609 1.00 41.10 ? 64  ASP A CB  1 
ATOM   307  C  CG  . ASP A 1 64  ? 7.738   3.037   -14.910 1.00 48.11 ? 64  ASP A CG  1 
ATOM   308  O  OD1 . ASP A 1 64  ? 6.863   2.826   -15.789 1.00 53.66 ? 64  ASP A OD1 1 
ATOM   309  O  OD2 . ASP A 1 64  ? 8.633   3.885   -15.019 1.00 62.32 ? 64  ASP A OD2 1 
ATOM   310  N  N   . VAL A 1 65  ? 6.294   0.965   -10.991 1.00 31.83 ? 65  VAL A N   1 
ATOM   311  C  CA  . VAL A 1 65  ? 6.287   -0.093  -9.965  1.00 30.39 ? 65  VAL A CA  1 
ATOM   312  C  C   . VAL A 1 65  ? 4.998   -0.913  -10.128 1.00 32.02 ? 65  VAL A C   1 
ATOM   313  O  O   . VAL A 1 65  ? 5.085   -2.129  -9.927  1.00 28.74 ? 65  VAL A O   1 
ATOM   314  C  CB  . VAL A 1 65  ? 6.493   0.440   -8.536  1.00 32.53 ? 65  VAL A CB  1 
ATOM   315  C  CG1 . VAL A 1 65  ? 6.407   -0.675  -7.502  1.00 32.79 ? 65  VAL A CG1 1 
ATOM   316  C  CG2 . VAL A 1 65  ? 7.852   1.110   -8.436  1.00 35.44 ? 65  VAL A CG2 1 
ATOM   317  N  N   . LEU A 1 66  ? 3.838   -0.283  -10.372 1.00 35.31 ? 66  LEU A N   1 
ATOM   318  C  CA  . LEU A 1 66  ? 2.540   -1.038  -10.382 1.00 35.72 ? 66  LEU A CA  1 
ATOM   319  C  C   . LEU A 1 66  ? 2.502   -2.008  -11.568 1.00 38.13 ? 66  LEU A C   1 
ATOM   320  O  O   . LEU A 1 66  ? 1.745   -2.977  -11.498 1.00 39.32 ? 66  LEU A O   1 
ATOM   321  C  CB  . LEU A 1 66  ? 1.343   -0.087  -10.436 1.00 36.31 ? 66  LEU A CB  1 
ATOM   322  C  CG  . LEU A 1 66  ? 1.166   0.818   -9.216  1.00 37.76 ? 66  LEU A CG  1 
ATOM   323  C  CD1 . LEU A 1 66  ? -0.005  1.753   -9.442  1.00 39.89 ? 66  LEU A CD1 1 
ATOM   324  C  CD2 . LEU A 1 66  ? 0.952   -0.009  -7.955  1.00 42.31 ? 66  LEU A CD2 1 
ATOM   325  N  N   . ARG A 1 67  ? 3.324   -1.804  -12.595 1.00 38.54 ? 67  ARG A N   1 
ATOM   326  C  CA  . ARG A 1 67  ? 3.342   -2.715  -13.773 1.00 43.62 ? 67  ARG A CA  1 
ATOM   327  C  C   . ARG A 1 67  ? 3.707   -4.143  -13.367 1.00 42.34 ? 67  ARG A C   1 
ATOM   328  O  O   . ARG A 1 67  ? 3.339   -5.061  -14.111 1.00 42.24 ? 67  ARG A O   1 
ATOM   329  C  CB  . ARG A 1 67  ? 4.272   -2.147  -14.849 1.00 54.20 ? 67  ARG A CB  1 
ATOM   330  C  CG  . ARG A 1 67  ? 3.803   -0.777  -15.320 1.00 62.05 ? 67  ARG A CG  1 
ATOM   331  C  CD  . ARG A 1 67  ? 4.505   -0.250  -16.551 1.00 71.91 ? 67  ARG A CD  1 
ATOM   332  N  NE  . ARG A 1 67  ? 4.341   1.198   -16.576 1.00 78.61 ? 67  ARG A NE  1 
ATOM   333  C  CZ  . ARG A 1 67  ? 3.236   1.841   -16.936 1.00 73.53 ? 67  ARG A CZ  1 
ATOM   334  N  NH1 . ARG A 1 67  ? 2.170   1.177   -17.354 1.00 70.36 ? 67  ARG A NH1 1 
ATOM   335  N  NH2 . ARG A 1 67  ? 3.211   3.162   -16.893 1.00 71.46 ? 67  ARG A NH2 1 
ATOM   336  N  N   . VAL A 1 68  ? 4.359   -4.391  -12.229 1.00 36.19 ? 68  VAL A N   1 
ATOM   337  C  CA  . VAL A 1 68  ? 4.627   -5.807  -11.829 1.00 37.29 ? 68  VAL A CA  1 
ATOM   338  C  C   . VAL A 1 68  ? 3.316   -6.503  -11.468 1.00 38.60 ? 68  VAL A C   1 
ATOM   339  O  O   . VAL A 1 68  ? 3.308   -7.752  -11.412 1.00 43.74 ? 68  VAL A O   1 
ATOM   340  C  CB  . VAL A 1 68  ? 5.666   -5.910  -10.701 1.00 42.92 ? 68  VAL A CB  1 
ATOM   341  C  CG1 . VAL A 1 68  ? 6.896   -5.085  -11.052 1.00 44.82 ? 68  VAL A CG1 1 
ATOM   342  C  CG2 . VAL A 1 68  ? 5.081   -5.485  -9.368  1.00 41.96 ? 68  VAL A CG2 1 
ATOM   343  N  N   . LEU A 1 69  ? 2.276   -5.734  -11.145 1.00 39.82 ? 69  LEU A N   1 
ATOM   344  C  CA  . LEU A 1 69  ? 0.996   -6.282  -10.613 1.00 45.61 ? 69  LEU A CA  1 
ATOM   345  C  C   . LEU A 1 69  ? 0.188   -6.845  -11.763 1.00 50.14 ? 69  LEU A C   1 
ATOM   346  O  O   . LEU A 1 69  ? -0.211  -8.023  -11.725 1.00 43.01 ? 69  LEU A O   1 
ATOM   347  C  CB  . LEU A 1 69  ? 0.173   -5.161  -9.978  1.00 48.84 ? 69  LEU A CB  1 
ATOM   348  C  CG  . LEU A 1 69  ? 0.275   -5.094  -8.467  1.00 51.14 ? 69  LEU A CG  1 
ATOM   349  C  CD1 . LEU A 1 69  ? -0.525  -3.899  -7.933  1.00 51.95 ? 69  LEU A CD1 1 
ATOM   350  C  CD2 . LEU A 1 69  ? -0.190  -6.418  -7.867  1.00 46.69 ? 69  LEU A CD2 1 
ATOM   351  N  N   . THR A 1 70  ? -0.079  -5.943  -12.693 1.00 49.22 ? 70  THR A N   1 
ATOM   352  C  CA  . THR A 1 70  ? -1.004  -6.111  -13.824 1.00 55.07 ? 70  THR A CA  1 
ATOM   353  C  C   . THR A 1 70  ? -0.865  -4.860  -14.686 1.00 57.38 ? 70  THR A C   1 
ATOM   354  O  O   . THR A 1 70  ? -0.051  -3.948  -14.331 1.00 47.35 ? 70  THR A O   1 
ATOM   355  C  CB  . THR A 1 70  ? -2.434  -6.334  -13.309 1.00 61.45 ? 70  THR A CB  1 
ATOM   356  O  OG1 . THR A 1 70  ? -3.294  -6.544  -14.432 1.00 56.06 ? 70  THR A OG1 1 
ATOM   357  C  CG2 . THR A 1 70  ? -2.927  -5.178  -12.463 1.00 59.73 ? 70  THR A CG2 1 
ATOM   358  N  N   . THR A 1 71  ? -1.635  -4.833  -15.767 1.00 55.28 ? 71  THR A N   1 
ATOM   359  C  CA  . THR A 1 71  ? -1.719  -3.694  -16.698 1.00 52.34 ? 71  THR A CA  1 
ATOM   360  C  C   . THR A 1 71  ? -2.085  -2.456  -15.892 1.00 46.15 ? 71  THR A C   1 
ATOM   361  O  O   . THR A 1 71  ? -3.084  -2.484  -15.142 1.00 42.10 ? 71  THR A O   1 
ATOM   362  C  CB  . THR A 1 71  ? -2.748  -3.942  -17.806 1.00 58.07 ? 71  THR A CB  1 
ATOM   363  O  OG1 . THR A 1 71  ? -2.105  -4.813  -18.737 1.00 61.84 ? 71  THR A OG1 1 
ATOM   364  C  CG2 . THR A 1 71  ? -3.212  -2.672  -18.490 1.00 56.27 ? 71  THR A CG2 1 
ATOM   365  N  N   . VAL A 1 72  ? -1.328  -1.391  -16.094 1.00 42.54 ? 72  VAL A N   1 
ATOM   366  C  CA  . VAL A 1 72  ? -1.635  -0.076  -15.475 1.00 45.22 ? 72  VAL A CA  1 
ATOM   367  C  C   . VAL A 1 72  ? -2.392  0.773   -16.492 1.00 45.42 ? 72  VAL A C   1 
ATOM   368  O  O   . VAL A 1 72  ? -3.300  1.507   -16.060 1.00 44.39 ? 72  VAL A O   1 
ATOM   369  C  CB  . VAL A 1 72  ? -0.337  0.595   -14.987 1.00 46.89 ? 72  VAL A CB  1 
ATOM   370  C  CG1 . VAL A 1 72  ? -0.607  1.998   -14.476 1.00 42.96 ? 72  VAL A CG1 1 
ATOM   371  C  CG2 . VAL A 1 72  ? 0.359   -0.267  -13.943 1.00 49.83 ? 72  VAL A CG2 1 
ATOM   372  N  N   . GLY A 1 73  ? -2.033  0.644   -17.781 1.00 50.82 ? 73  GLY A N   1 
ATOM   373  C  CA  . GLY A 1 73  ? -2.473  1.530   -18.887 1.00 49.93 ? 73  GLY A CA  1 
ATOM   374  C  C   . GLY A 1 73  ? -1.493  2.681   -19.079 1.00 54.35 ? 73  GLY A C   1 
ATOM   375  O  O   . GLY A 1 73  ? -0.425  2.665   -18.438 1.00 61.52 ? 73  GLY A O   1 
ATOM   376  N  N   . ASP A 1 74  ? -1.801  3.634   -19.961 1.00 63.79 ? 74  ASP A N   1 
ATOM   377  C  CA  . ASP A 1 74  ? -1.049  4.915   -20.098 1.00 58.91 ? 74  ASP A CA  1 
ATOM   378  C  C   . ASP A 1 74  ? -1.833  5.987   -19.343 1.00 57.37 ? 74  ASP A C   1 
ATOM   379  O  O   . ASP A 1 74  ? -2.978  6.266   -19.729 1.00 54.86 ? 74  ASP A O   1 
ATOM   380  C  CB  . ASP A 1 74  ? -0.856  5.359   -21.553 1.00 69.66 ? 74  ASP A CB  1 
ATOM   381  C  CG  . ASP A 1 74  ? 0.285   4.667   -22.286 1.00 76.87 ? 74  ASP A CG  1 
ATOM   382  O  OD1 . ASP A 1 74  ? 1.435   4.712   -21.769 1.00 72.25 ? 74  ASP A OD1 1 
ATOM   383  O  OD2 . ASP A 1 74  ? 0.015   4.090   -23.370 1.00 69.90 ? 74  ASP A OD2 1 
ATOM   384  N  N   . ILE A 1 75  ? -1.243  6.541   -18.285 1.00 49.39 ? 75  ILE A N   1 
ATOM   385  C  CA  . ILE A 1 75  ? -1.832  7.637   -17.472 1.00 42.20 ? 75  ILE A CA  1 
ATOM   386  C  C   . ILE A 1 75  ? -0.901  8.847   -17.621 1.00 43.69 ? 75  ILE A C   1 
ATOM   387  O  O   . ILE A 1 75  ? 0.290   8.743   -17.241 1.00 42.60 ? 75  ILE A O   1 
ATOM   388  C  CB  . ILE A 1 75  ? -1.985  7.161   -16.010 1.00 40.83 ? 75  ILE A CB  1 
ATOM   389  C  CG1 . ILE A 1 75  ? -2.879  5.919   -15.910 1.00 41.50 ? 75  ILE A CG1 1 
ATOM   390  C  CG2 . ILE A 1 75  ? -2.469  8.273   -15.100 1.00 39.97 ? 75  ILE A CG2 1 
ATOM   391  C  CD1 . ILE A 1 75  ? -2.741  5.176   -14.606 1.00 43.32 ? 75  ILE A CD1 1 
ATOM   392  N  N   . ASN A 1 76  ? -1.410  9.972   -18.108 1.00 39.07 ? 76  ASN A N   1 
ATOM   393  C  CA  . ASN A 1 76  ? -0.615  11.232  -18.192 1.00 37.79 ? 76  ASN A CA  1 
ATOM   394  C  C   . ASN A 1 76  ? -0.689  11.973  -16.850 1.00 39.67 ? 76  ASN A C   1 
ATOM   395  O  O   . ASN A 1 76  ? -1.421  11.519  -15.940 1.00 40.07 ? 76  ASN A O   1 
ATOM   396  C  CB  . ASN A 1 76  ? -1.008  12.089  -19.406 1.00 38.43 ? 76  ASN A CB  1 
ATOM   397  C  CG  . ASN A 1 76  ? -2.295  12.855  -19.241 1.00 41.38 ? 76  ASN A CG  1 
ATOM   398  O  OD1 . ASN A 1 76  ? -2.893  12.860  -18.167 1.00 36.02 ? 76  ASN A OD1 1 
ATOM   399  N  ND2 . ASN A 1 76  ? -2.718  13.535  -20.305 1.00 37.66 ? 76  ASN A ND2 1 
ATOM   400  N  N   . GLU A 1 77  ? 0.069   13.065  -16.712 1.00 36.82 ? 77  GLU A N   1 
ATOM   401  C  CA  . GLU A 1 77  ? 0.259   13.736  -15.406 1.00 42.24 ? 77  GLU A CA  1 
ATOM   402  C  C   . GLU A 1 77  ? -1.055  14.392  -14.975 1.00 43.52 ? 77  GLU A C   1 
ATOM   403  O  O   . GLU A 1 77  ? -1.323  14.438  -13.775 1.00 42.91 ? 77  GLU A O   1 
ATOM   404  C  CB  . GLU A 1 77  ? 1.397   14.760  -15.455 1.00 41.81 ? 77  GLU A CB  1 
ATOM   405  C  CG  . GLU A 1 77  ? 1.532   15.526  -14.144 1.00 48.62 ? 77  GLU A CG  1 
ATOM   406  C  CD  . GLU A 1 77  ? 2.896   16.131  -13.852 1.00 57.34 ? 77  GLU A CD  1 
ATOM   407  O  OE1 . GLU A 1 77  ? 3.916   15.432  -14.050 1.00 61.77 ? 77  GLU A OE1 1 
ATOM   408  O  OE2 . GLU A 1 77  ? 2.921   17.292  -13.406 1.00 63.81 ? 77  GLU A OE2 1 
ATOM   409  N  N   . GLU A 1 78  ? -1.830  14.916  -15.927 1.00 40.47 ? 78  GLU A N   1 
ATOM   410  C  CA  . GLU A 1 78  ? -3.117  15.571  -15.628 1.00 36.55 ? 78  GLU A CA  1 
ATOM   411  C  C   . GLU A 1 78  ? -4.061  14.556  -14.984 1.00 32.10 ? 78  GLU A C   1 
ATOM   412  O  O   . GLU A 1 78  ? -4.715  14.922  -14.008 1.00 36.57 ? 78  GLU A O   1 
ATOM   413  C  CB  . GLU A 1 78  ? -3.734  16.155  -16.905 1.00 42.39 ? 78  GLU A CB  1 
ATOM   414  C  CG  . GLU A 1 78  ? -3.028  17.420  -17.379 1.00 48.03 ? 78  GLU A CG  1 
ATOM   415  C  CD  . GLU A 1 78  ? -1.911  17.239  -18.397 1.00 59.74 ? 78  GLU A CD  1 
ATOM   416  O  OE1 . GLU A 1 78  ? -1.180  16.206  -18.336 1.00 65.59 ? 78  GLU A OE1 1 
ATOM   417  O  OE2 . GLU A 1 78  ? -1.758  18.145  -19.260 1.00 73.31 ? 78  GLU A OE2 1 
ATOM   418  N  N   . GLN A 1 79  ? -4.144  13.373  -15.557 1.00 30.85 ? 79  GLN A N   1 
ATOM   419  C  CA  . GLN A 1 79  ? -5.067  12.291  -15.101 1.00 32.24 ? 79  GLN A CA  1 
ATOM   420  C  C   . GLN A 1 79  ? -4.596  11.860  -13.699 1.00 34.60 ? 79  GLN A C   1 
ATOM   421  O  O   . GLN A 1 79  ? -5.408  11.736  -12.819 1.00 33.86 ? 79  GLN A O   1 
ATOM   422  C  CB  . GLN A 1 79  ? -5.028  11.102  -16.038 1.00 38.14 ? 79  GLN A CB  1 
ATOM   423  C  CG  . GLN A 1 79  ? -5.919  11.225  -17.275 1.00 40.72 ? 79  GLN A CG  1 
ATOM   424  C  CD  . GLN A 1 79  ? -5.683  10.026  -18.161 1.00 38.49 ? 79  GLN A CD  1 
ATOM   425  O  OE1 . GLN A 1 79  ? -4.561  9.785   -18.611 1.00 41.70 ? 79  GLN A OE1 1 
ATOM   426  N  NE2 . GLN A 1 79  ? -6.725  9.243   -18.402 1.00 39.12 ? 79  GLN A NE2 1 
ATOM   427  N  N   . TRP A 1 80  ? -3.287  11.724  -13.514 1.00 32.50 ? 80  TRP A N   1 
ATOM   428  C  CA  . TRP A 1 80  ? -2.669  11.396  -12.191 1.00 34.10 ? 80  TRP A CA  1 
ATOM   429  C  C   . TRP A 1 80  ? -3.104  12.407  -11.132 1.00 32.33 ? 80  TRP A C   1 
ATOM   430  O  O   . TRP A 1 80  ? -3.620  11.977  -10.089 1.00 36.35 ? 80  TRP A O   1 
ATOM   431  C  CB  . TRP A 1 80  ? -1.143  11.327  -12.303 1.00 35.79 ? 80  TRP A CB  1 
ATOM   432  C  CG  . TRP A 1 80  ? -0.481  11.347  -10.950 1.00 38.49 ? 80  TRP A CG  1 
ATOM   433  C  CD1 . TRP A 1 80  ? -0.093  12.427  -10.213 1.00 42.10 ? 80  TRP A CD1 1 
ATOM   434  C  CD2 . TRP A 1 80  ? -0.178  10.190  -10.153 1.00 34.79 ? 80  TRP A CD2 1 
ATOM   435  N  NE1 . TRP A 1 80  ? 0.465   12.020  -9.019  1.00 37.64 ? 80  TRP A NE1 1 
ATOM   436  C  CE2 . TRP A 1 80  ? 0.401   10.655  -8.952  1.00 35.87 ? 80  TRP A CE2 1 
ATOM   437  C  CE3 . TRP A 1 80  ? -0.342  8.816   -10.345 1.00 34.80 ? 80  TRP A CE3 1 
ATOM   438  C  CZ2 . TRP A 1 80  ? 0.807   9.774   -7.950  1.00 34.13 ? 80  TRP A CZ2 1 
ATOM   439  C  CZ3 . TRP A 1 80  ? 0.071   7.946   -9.364  1.00 33.49 ? 80  TRP A CZ3 1 
ATOM   440  C  CH2 . TRP A 1 80  ? 0.647   8.427   -8.183  1.00 34.75 ? 80  TRP A CH2 1 
ATOM   441  N  N   . ASN A 1 81  ? -2.816  13.680  -11.365 1.00 38.52 ? 81  ASN A N   1 
ATOM   442  C  CA  . ASN A 1 81  ? -3.201  14.839  -10.524 1.00 36.84 ? 81  ASN A CA  1 
ATOM   443  C  C   . ASN A 1 81  ? -4.688  14.730  -10.192 1.00 38.74 ? 81  ASN A C   1 
ATOM   444  O  O   . ASN A 1 81  ? -5.013  14.916  -9.027  1.00 34.12 ? 81  ASN A O   1 
ATOM   445  C  CB  . ASN A 1 81  ? -2.844  16.169  -11.184 1.00 38.01 ? 81  ASN A CB  1 
ATOM   446  C  CG  . ASN A 1 81  ? -1.369  16.496  -11.155 1.00 38.39 ? 81  ASN A CG  1 
ATOM   447  O  OD1 . ASN A 1 81  ? -0.590  15.902  -10.417 1.00 41.23 ? 81  ASN A OD1 1 
ATOM   448  N  ND2 . ASN A 1 81  ? -0.958  17.435  -11.985 1.00 37.05 ? 81  ASN A ND2 1 
ATOM   449  N  N   . SER A 1 82  ? -5.550  14.408  -11.165 1.00 36.78 ? 82  SER A N   1 
ATOM   450  C  CA  . SER A 1 82  ? -7.018  14.317  -10.920 1.00 40.39 ? 82  SER A CA  1 
ATOM   451  C  C   . SER A 1 82  ? -7.334  13.178  -9.954  1.00 33.90 ? 82  SER A C   1 
ATOM   452  O  O   . SER A 1 82  ? -8.036  13.443  -8.981  1.00 34.75 ? 82  SER A O   1 
ATOM   453  C  CB  . SER A 1 82  ? -7.827  14.189  -12.192 1.00 36.42 ? 82  SER A CB  1 
ATOM   454  O  OG  . SER A 1 82  ? -7.898  15.476  -12.788 1.00 43.18 ? 82  SER A OG  1 
ATOM   455  N  N   . ARG A 1 83  ? -6.815  11.975  -10.204 1.00 36.14 ? 83  ARG A N   1 
ATOM   456  C  CA  . ARG A 1 83  ? -7.086  10.833  -9.308  1.00 35.05 ? 83  ARG A CA  1 
ATOM   457  C  C   . ARG A 1 83  ? -6.440  11.121  -7.946  1.00 32.20 ? 83  ARG A C   1 
ATOM   458  O  O   . ARG A 1 83  ? -7.097  10.856  -6.932  1.00 36.15 ? 83  ARG A O   1 
ATOM   459  C  CB  . ARG A 1 83  ? -6.564  9.525   -9.899  1.00 35.08 ? 83  ARG A CB  1 
ATOM   460  C  CG  . ARG A 1 83  ? -6.932  8.315   -9.057  1.00 36.85 ? 83  ARG A CG  1 
ATOM   461  C  CD  . ARG A 1 83  ? -8.440  8.067   -9.088  1.00 42.22 ? 83  ARG A CD  1 
ATOM   462  N  NE  . ARG A 1 83  ? -8.649  6.669   -9.446  1.00 49.87 ? 83  ARG A NE  1 
ATOM   463  C  CZ  . ARG A 1 83  ? -9.565  6.205   -10.280 1.00 39.95 ? 83  ARG A CZ  1 
ATOM   464  N  NH1 . ARG A 1 83  ? -10.405 7.018   -10.876 1.00 44.38 ? 83  ARG A NH1 1 
ATOM   465  N  NH2 . ARG A 1 83  ? -9.629  4.914   -10.515 1.00 48.07 ? 83  ARG A NH2 1 
ATOM   466  N  N   . TYR A 1 84  ? -5.210  11.642  -7.938  1.00 30.65 ? 84  TYR A N   1 
ATOM   467  C  CA  . TYR A 1 84  ? -4.482  11.965  -6.678  1.00 34.16 ? 84  TYR A CA  1 
ATOM   468  C  C   . TYR A 1 84  ? -5.367  12.854  -5.814  1.00 32.63 ? 84  TYR A C   1 
ATOM   469  O  O   . TYR A 1 84  ? -5.533  12.567  -4.667  1.00 33.25 ? 84  TYR A O   1 
ATOM   470  C  CB  . TYR A 1 84  ? -3.128  12.650  -6.870  1.00 32.69 ? 84  TYR A CB  1 
ATOM   471  C  CG  . TYR A 1 84  ? -2.434  12.875  -5.547  1.00 31.75 ? 84  TYR A CG  1 
ATOM   472  C  CD1 . TYR A 1 84  ? -1.693  11.860  -4.969  1.00 33.94 ? 84  TYR A CD1 1 
ATOM   473  C  CD2 . TYR A 1 84  ? -2.618  14.029  -4.806  1.00 34.88 ? 84  TYR A CD2 1 
ATOM   474  C  CE1 . TYR A 1 84  ? -1.065  12.030  -3.750  1.00 31.90 ? 84  TYR A CE1 1 
ATOM   475  C  CE2 . TYR A 1 84  ? -2.041  14.201  -3.553  1.00 32.48 ? 84  TYR A CE2 1 
ATOM   476  C  CZ  . TYR A 1 84  ? -1.292  13.173  -3.002  1.00 32.76 ? 84  TYR A CZ  1 
ATOM   477  O  OH  . TYR A 1 84  ? -0.674  13.344  -1.788  1.00 32.68 ? 84  TYR A OH  1 
ATOM   478  N  N   . GLU A 1 85  ? -5.961  13.903  -6.371  1.00 35.82 ? 85  GLU A N   1 
ATOM   479  C  CA  . GLU A 1 85  ? -6.758  14.864  -5.571  1.00 32.49 ? 85  GLU A CA  1 
ATOM   480  C  C   . GLU A 1 85  ? -8.046  14.192  -5.081  1.00 30.30 ? 85  GLU A C   1 
ATOM   481  O  O   . GLU A 1 85  ? -8.465  14.552  -3.986  1.00 31.67 ? 85  GLU A O   1 
ATOM   482  C  CB  . GLU A 1 85  ? -7.015  16.135  -6.389  1.00 43.70 ? 85  GLU A CB  1 
ATOM   483  C  CG  . GLU A 1 85  ? -5.751  16.942  -6.629  1.00 40.91 ? 85  GLU A CG  1 
ATOM   484  C  CD  . GLU A 1 85  ? -5.016  17.402  -5.380  1.00 45.83 ? 85  GLU A CD  1 
ATOM   485  O  OE1 . GLU A 1 85  ? -3.770  17.580  -5.447  1.00 54.26 ? 85  GLU A OE1 1 
ATOM   486  O  OE2 . GLU A 1 85  ? -5.684  17.625  -4.344  1.00 54.93 ? 85  GLU A OE2 1 
ATOM   487  N  N   . TRP A 1 86  ? -8.650  13.318  -5.898  1.00 33.05 ? 86  TRP A N   1 
ATOM   488  C  CA  . TRP A 1 86  ? -9.812  12.465  -5.518  1.00 34.99 ? 86  TRP A CA  1 
ATOM   489  C  C   . TRP A 1 86  ? -9.414  11.668  -4.269  1.00 33.83 ? 86  TRP A C   1 
ATOM   490  O  O   . TRP A 1 86  ? -10.157 11.679  -3.274  1.00 32.81 ? 86  TRP A O   1 
ATOM   491  C  CB  . TRP A 1 86  ? -10.262 11.535  -6.672  1.00 33.32 ? 86  TRP A CB  1 
ATOM   492  C  CG  . TRP A 1 86  ? -11.573 10.876  -6.363  1.00 38.25 ? 86  TRP A CG  1 
ATOM   493  C  CD1 . TRP A 1 86  ? -12.830 11.352  -6.631  1.00 43.06 ? 86  TRP A CD1 1 
ATOM   494  C  CD2 . TRP A 1 86  ? -11.766 9.634   -5.664  1.00 37.86 ? 86  TRP A CD2 1 
ATOM   495  N  NE1 . TRP A 1 86  ? -13.777 10.471  -6.186  1.00 42.98 ? 86  TRP A NE1 1 
ATOM   496  C  CE2 . TRP A 1 86  ? -13.163 9.420   -5.565  1.00 39.10 ? 86  TRP A CE2 1 
ATOM   497  C  CE3 . TRP A 1 86  ? -10.899 8.685   -5.112  1.00 39.85 ? 86  TRP A CE3 1 
ATOM   498  C  CZ2 . TRP A 1 86  ? -13.708 8.309   -4.918  1.00 36.72 ? 86  TRP A CZ2 1 
ATOM   499  C  CZ3 . TRP A 1 86  ? -11.441 7.575   -4.494  1.00 35.66 ? 86  TRP A CZ3 1 
ATOM   500  C  CH2 . TRP A 1 86  ? -12.826 7.396   -4.399  1.00 35.78 ? 86  TRP A CH2 1 
ATOM   501  N  N   . ILE A 1 87  ? -8.280  10.975  -4.344  1.00 32.01 ? 87  ILE A N   1 
ATOM   502  C  CA  . ILE A 1 87  ? -7.747  10.159  -3.214  1.00 34.21 ? 87  ILE A CA  1 
ATOM   503  C  C   . ILE A 1 87  ? -7.436  11.076  -2.021  1.00 32.51 ? 87  ILE A C   1 
ATOM   504  O  O   . ILE A 1 87  ? -7.763  10.665  -0.882  1.00 33.46 ? 87  ILE A O   1 
ATOM   505  C  CB  . ILE A 1 87  ? -6.516  9.330   -3.639  1.00 37.45 ? 87  ILE A CB  1 
ATOM   506  C  CG1 . ILE A 1 87  ? -6.891  8.257   -4.667  1.00 41.90 ? 87  ILE A CG1 1 
ATOM   507  C  CG2 . ILE A 1 87  ? -5.836  8.700   -2.430  1.00 35.44 ? 87  ILE A CG2 1 
ATOM   508  C  CD1 . ILE A 1 87  ? -5.691  7.644   -5.351  1.00 46.13 ? 87  ILE A CD1 1 
ATOM   509  N  N   . ARG A 1 88  ? -6.812  12.232  -2.248  1.00 29.66 ? 88  ARG A N   1 
ATOM   510  C  CA  . ARG A 1 88  ? -6.395  13.134  -1.140  1.00 36.43 ? 88  ARG A CA  1 
ATOM   511  C  C   . ARG A 1 88  ? -7.652  13.652  -0.430  1.00 34.37 ? 88  ARG A C   1 
ATOM   512  O  O   . ARG A 1 88  ? -7.565  13.850  0.768   1.00 35.98 ? 88  ARG A O   1 
ATOM   513  C  CB  . ARG A 1 88  ? -5.486  14.257  -1.645  1.00 39.66 ? 88  ARG A CB  1 
ATOM   514  C  CG  . ARG A 1 88  ? -5.106  15.313  -0.601  1.00 48.24 ? 88  ARG A CG  1 
ATOM   515  C  CD  . ARG A 1 88  ? -5.146  16.761  -1.113  1.00 61.39 ? 88  ARG A CD  1 
ATOM   516  N  NE  . ARG A 1 88  ? -6.227  16.950  -2.083  1.00 71.11 ? 88  ARG A NE  1 
ATOM   517  C  CZ  . ARG A 1 88  ? -7.484  17.350  -1.833  1.00 73.41 ? 88  ARG A CZ  1 
ATOM   518  N  NH1 . ARG A 1 88  ? -7.878  17.710  -0.617  1.00 62.11 ? 88  ARG A NH1 1 
ATOM   519  N  NH2 . ARG A 1 88  ? -8.342  17.407  -2.841  1.00 67.63 ? 88  ARG A NH2 1 
ATOM   520  N  N   . ALA A 1 89  ? -8.769  13.851  -1.145  1.00 39.19 ? 89  ALA A N   1 
ATOM   521  C  CA  . ALA A 1 89  ? -10.056 14.291  -0.567  1.00 41.45 ? 89  ALA A CA  1 
ATOM   522  C  C   . ALA A 1 89  ? -10.626 13.186  0.326   1.00 43.10 ? 89  ALA A C   1 
ATOM   523  O  O   . ALA A 1 89  ? -11.524 13.496  1.098   1.00 41.85 ? 89  ALA A O   1 
ATOM   524  C  CB  . ALA A 1 89  ? -11.019 14.647  -1.662  1.00 44.58 ? 89  ALA A CB  1 
ATOM   525  N  N   . ARG A 1 90  ? -10.099 11.956  0.204   1.00 40.17 ? 90  ARG A N   1 
ATOM   526  C  CA  . ARG A 1 90  ? -10.522 10.752  0.955   1.00 38.07 ? 90  ARG A CA  1 
ATOM   527  C  C   . ARG A 1 90  ? -9.319  10.132  1.683   1.00 39.64 ? 90  ARG A C   1 
ATOM   528  O  O   . ARG A 1 90  ? -9.176  8.909   1.739   1.00 32.26 ? 90  ARG A O   1 
ATOM   529  C  CB  . ARG A 1 90  ? -11.219 9.816   -0.033  1.00 34.20 ? 90  ARG A CB  1 
ATOM   530  C  CG  . ARG A 1 90  ? -12.504 10.425  -0.548  1.00 41.26 ? 90  ARG A CG  1 
ATOM   531  C  CD  . ARG A 1 90  ? -12.960 9.718   -1.781  1.00 42.81 ? 90  ARG A CD  1 
ATOM   532  N  NE  . ARG A 1 90  ? -14.236 10.256  -2.208  1.00 47.86 ? 90  ARG A NE  1 
ATOM   533  C  CZ  . ARG A 1 90  ? -14.385 11.346  -2.962  1.00 53.68 ? 90  ARG A CZ  1 
ATOM   534  N  NH1 . ARG A 1 90  ? -13.338 12.059  -3.372  1.00 47.78 ? 90  ARG A NH1 1 
ATOM   535  N  NH2 . ARG A 1 90  ? -15.606 11.712  -3.305  1.00 56.10 ? 90  ARG A NH2 1 
ATOM   536  N  N   . SER A 1 91  ? -8.472  10.934  2.306   1.00 37.64 ? 91  SER A N   1 
ATOM   537  C  CA  . SER A 1 91  ? -7.261  10.386  2.953   1.00 31.49 ? 91  SER A CA  1 
ATOM   538  C  C   . SER A 1 91  ? -7.556  9.768   4.331   1.00 37.28 ? 91  SER A C   1 
ATOM   539  O  O   . SER A 1 91  ? -6.564  9.274   4.913   1.00 36.01 ? 91  SER A O   1 
ATOM   540  C  CB  . SER A 1 91  ? -6.193  11.486  3.066   1.00 44.89 ? 91  SER A CB  1 
ATOM   541  O  OG  . SER A 1 91  ? -6.580  12.492  3.989   1.00 39.97 ? 91  SER A OG  1 
ATOM   542  N  N   . ASP A 1 92  ? -8.811  9.791   4.842   1.00 32.24 ? 92  ASP A N   1 
ATOM   543  C  CA  . ASP A 1 92  ? -9.267  8.922   5.964   1.00 31.87 ? 92  ASP A CA  1 
ATOM   544  C  C   . ASP A 1 92  ? -9.771  7.570   5.431   1.00 27.51 ? 92  ASP A C   1 
ATOM   545  O  O   . ASP A 1 92  ? -10.257 6.747   6.226   1.00 30.03 ? 92  ASP A O   1 
ATOM   546  C  CB  . ASP A 1 92  ? -10.380 9.526   6.810   1.00 36.71 ? 92  ASP A CB  1 
ATOM   547  C  CG  . ASP A 1 92  ? -11.630 9.760   5.991   1.00 46.77 ? 92  ASP A CG  1 
ATOM   548  O  OD1 . ASP A 1 92  ? -11.485 9.771   4.733   1.00 45.28 ? 92  ASP A OD1 1 
ATOM   549  O  OD2 . ASP A 1 92  ? -12.722 9.914   6.609   1.00 49.67 ? 92  ASP A OD2 1 
ATOM   550  N  N   . GLU A 1 93  ? -9.661  7.336   4.133   1.00 29.18 ? 93  GLU A N   1 
ATOM   551  C  CA  . GLU A 1 93  ? -10.074 6.040   3.550   1.00 28.76 ? 93  GLU A CA  1 
ATOM   552  C  C   . GLU A 1 93  ? -8.894  5.374   2.835   1.00 28.33 ? 93  GLU A C   1 
ATOM   553  O  O   . GLU A 1 93  ? -8.716  4.177   3.003   1.00 29.17 ? 93  GLU A O   1 
ATOM   554  C  CB  . GLU A 1 93  ? -11.165 6.227   2.505   1.00 31.62 ? 93  GLU A CB  1 
ATOM   555  C  CG  . GLU A 1 93  ? -12.432 6.886   3.012   1.00 37.35 ? 93  GLU A CG  1 
ATOM   556  C  CD  . GLU A 1 93  ? -13.415 7.066   1.874   1.00 43.09 ? 93  GLU A CD  1 
ATOM   557  O  OE1 . GLU A 1 93  ? -13.644 6.078   1.204   1.00 37.03 ? 93  GLU A OE1 1 
ATOM   558  O  OE2 . GLU A 1 93  ? -13.915 8.206   1.667   1.00 54.07 ? 93  GLU A OE2 1 
ATOM   559  N  N   . TYR A 1 94  ? -8.201  6.121   1.984   1.00 24.11 ? 94  TYR A N   1 
ATOM   560  C  CA  . TYR A 1 94  ? -7.142  5.616   1.069   1.00 22.95 ? 94  TYR A CA  1 
ATOM   561  C  C   . TYR A 1 94  ? -5.743  5.962   1.583   1.00 26.48 ? 94  TYR A C   1 
ATOM   562  O  O   . TYR A 1 94  ? -5.338  7.146   1.537   1.00 28.34 ? 94  TYR A O   1 
ATOM   563  C  CB  . TYR A 1 94  ? -7.356  6.216   -0.305  1.00 25.36 ? 94  TYR A CB  1 
ATOM   564  C  CG  . TYR A 1 94  ? -8.462  5.574   -1.084  1.00 27.83 ? 94  TYR A CG  1 
ATOM   565  C  CD1 . TYR A 1 94  ? -9.783  6.000   -0.900  1.00 28.89 ? 94  TYR A CD1 1 
ATOM   566  C  CD2 . TYR A 1 94  ? -8.208  4.560   -1.988  1.00 26.78 ? 94  TYR A CD2 1 
ATOM   567  C  CE1 . TYR A 1 94  ? -10.819 5.429   -1.608  1.00 28.30 ? 94  TYR A CE1 1 
ATOM   568  C  CE2 . TYR A 1 94  ? -9.238  3.960   -2.686  1.00 24.71 ? 94  TYR A CE2 1 
ATOM   569  C  CZ  . TYR A 1 94  ? -10.543 4.410   -2.494  1.00 26.72 ? 94  TYR A CZ  1 
ATOM   570  O  OH  . TYR A 1 94  ? -11.562 3.894   -3.216  1.00 29.39 ? 94  TYR A OH  1 
ATOM   571  N  N   . TYR A 1 95  ? -5.063  4.983   2.154   1.00 26.15 ? 95  TYR A N   1 
ATOM   572  C  CA  . TYR A 1 95  ? -3.690  5.140   2.683   1.00 25.32 ? 95  TYR A CA  1 
ATOM   573  C  C   . TYR A 1 95  ? -2.712  4.468   1.722   1.00 23.56 ? 95  TYR A C   1 
ATOM   574  O  O   . TYR A 1 95  ? -2.476  3.260   1.817   1.00 26.59 ? 95  TYR A O   1 
ATOM   575  C  CB  . TYR A 1 95  ? -3.580  4.593   4.093   1.00 23.36 ? 95  TYR A CB  1 
ATOM   576  C  CG  . TYR A 1 95  ? -4.505  5.253   5.082   1.00 26.00 ? 95  TYR A CG  1 
ATOM   577  C  CD1 . TYR A 1 95  ? -5.846  4.894   5.158   1.00 26.03 ? 95  TYR A CD1 1 
ATOM   578  C  CD2 . TYR A 1 95  ? -4.053  6.302   5.892   1.00 27.83 ? 95  TYR A CD2 1 
ATOM   579  C  CE1 . TYR A 1 95  ? -6.722  5.518   6.030   1.00 27.22 ? 95  TYR A CE1 1 
ATOM   580  C  CE2 . TYR A 1 95  ? -4.932  6.938   6.771   1.00 28.38 ? 95  TYR A CE2 1 
ATOM   581  C  CZ  . TYR A 1 95  ? -6.256  6.525   6.858   1.00 31.47 ? 95  TYR A CZ  1 
ATOM   582  O  OH  . TYR A 1 95  ? -7.150  7.126   7.712   1.00 31.83 ? 95  TYR A OH  1 
ATOM   583  N  N   . LEU A 1 96  ? -2.164  5.262   0.822   1.00 22.71 ? 96  LEU A N   1 
ATOM   584  C  CA  . LEU A 1 96  ? -1.168  4.749   -0.140  1.00 22.38 ? 96  LEU A CA  1 
ATOM   585  C  C   . LEU A 1 96  ? 0.237   5.149   0.281   1.00 24.49 ? 96  LEU A C   1 
ATOM   586  O  O   . LEU A 1 96  ? 0.484   6.361   0.554   1.00 23.74 ? 96  LEU A O   1 
ATOM   587  C  CB  . LEU A 1 96  ? -1.460  5.306   -1.517  1.00 22.42 ? 96  LEU A CB  1 
ATOM   588  C  CG  . LEU A 1 96  ? -2.512  4.556   -2.326  1.00 27.06 ? 96  LEU A CG  1 
ATOM   589  C  CD1 . LEU A 1 96  ? -3.873  4.581   -1.654  1.00 31.15 ? 96  LEU A CD1 1 
ATOM   590  C  CD2 . LEU A 1 96  ? -2.574  5.181   -3.714  1.00 30.44 ? 96  LEU A CD2 1 
ATOM   591  N  N   . LEU A 1 97  ? 1.127   4.169   0.327   1.00 22.12 ? 97  LEU A N   1 
ATOM   592  C  CA  . LEU A 1 97  ? 2.510   4.495   0.754   1.00 22.51 ? 97  LEU A CA  1 
ATOM   593  C  C   . LEU A 1 97  ? 3.502   3.882   -0.218  1.00 25.53 ? 97  LEU A C   1 
ATOM   594  O  O   . LEU A 1 97  ? 3.115   3.006   -1.055  1.00 23.99 ? 97  LEU A O   1 
ATOM   595  C  CB  . LEU A 1 97  ? 2.700   4.093   2.225   1.00 23.84 ? 97  LEU A CB  1 
ATOM   596  C  CG  . LEU A 1 97  ? 2.386   2.658   2.640   1.00 24.02 ? 97  LEU A CG  1 
ATOM   597  C  CD1 . LEU A 1 97  ? 3.310   1.619   2.015   1.00 27.28 ? 97  LEU A CD1 1 
ATOM   598  C  CD2 . LEU A 1 97  ? 2.476   2.524   4.151   1.00 26.11 ? 97  LEU A CD2 1 
ATOM   599  N  N   . VAL A 1 98  ? 4.738   4.363   -0.151  1.00 23.93 ? 98  VAL A N   1 
ATOM   600  C  CA  . VAL A 1 98  ? 5.805   3.968   -1.093  1.00 24.66 ? 98  VAL A CA  1 
ATOM   601  C  C   . VAL A 1 98  ? 7.052   3.588   -0.330  1.00 27.25 ? 98  VAL A C   1 
ATOM   602  O  O   . VAL A 1 98  ? 7.246   4.079   0.790   1.00 24.80 ? 98  VAL A O   1 
ATOM   603  C  CB  . VAL A 1 98  ? 6.121   5.048   -2.125  1.00 24.75 ? 98  VAL A CB  1 
ATOM   604  C  CG1 . VAL A 1 98  ? 4.892   5.309   -2.990  1.00 26.14 ? 98  VAL A CG1 1 
ATOM   605  C  CG2 . VAL A 1 98  ? 6.602   6.304   -1.443  1.00 23.70 ? 98  VAL A CG2 1 
ATOM   606  N  N   . VAL A 1 99  ? 7.849   2.732   -0.961  1.00 25.30 ? 99  VAL A N   1 
ATOM   607  C  CA  . VAL A 1 99  ? 9.231   2.449   -0.485  1.00 24.56 ? 99  VAL A CA  1 
ATOM   608  C  C   . VAL A 1 99  ? 10.140  3.127   -1.492  1.00 25.12 ? 99  VAL A C   1 
ATOM   609  O  O   . VAL A 1 99  ? 9.956   2.941   -2.723  1.00 23.91 ? 99  VAL A O   1 
ATOM   610  C  CB  . VAL A 1 99  ? 9.528   0.956   -0.377  1.00 28.23 ? 99  VAL A CB  1 
ATOM   611  C  CG1 . VAL A 1 99  ? 10.998  0.691   -0.003  1.00 26.16 ? 99  VAL A CG1 1 
ATOM   612  C  CG2 . VAL A 1 99  ? 8.548   0.309   0.595   1.00 28.02 ? 99  VAL A CG2 1 
ATOM   613  N  N   . CYS A 1 100 ? 11.087  3.890   -0.979  1.00 28.94 ? 100 CYS A N   1 
ATOM   614  C  CA  . CYS A 1 100 ? 12.112  4.551   -1.817  1.00 28.99 ? 100 CYS A CA  1 
ATOM   615  C  C   . CYS A 1 100 ? 13.492  3.996   -1.488  1.00 29.24 ? 100 CYS A C   1 
ATOM   616  O  O   . CYS A 1 100 ? 13.793  3.821   -0.283  1.00 30.55 ? 100 CYS A O   1 
ATOM   617  C  CB  . CYS A 1 100 ? 12.113  6.049   -1.589  1.00 32.98 ? 100 CYS A CB  1 
ATOM   618  S  SG  . CYS A 1 100 ? 10.595  6.881   -2.120  1.00 36.35 ? 100 CYS A SG  1 
ATOM   619  N  N   . ASP A 1 101 ? 14.293  3.818   -2.532  1.00 28.70 ? 101 ASP A N   1 
ATOM   620  C  CA  . ASP A 1 101 ? 15.689  3.342   -2.429  1.00 30.57 ? 101 ASP A CA  1 
ATOM   621  C  C   . ASP A 1 101 ? 16.547  4.542   -2.002  1.00 35.85 ? 101 ASP A C   1 
ATOM   622  O  O   . ASP A 1 101 ? 15.984  5.640   -1.815  1.00 30.17 ? 101 ASP A O   1 
ATOM   623  C  CB  . ASP A 1 101 ? 16.139  2.675   -3.736  1.00 28.42 ? 101 ASP A CB  1 
ATOM   624  C  CG  . ASP A 1 101 ? 16.287  3.564   -4.962  1.00 29.57 ? 101 ASP A CG  1 
ATOM   625  O  OD1 . ASP A 1 101 ? 16.150  4.787   -4.832  1.00 31.74 ? 101 ASP A OD1 1 
ATOM   626  O  OD2 . ASP A 1 101 ? 16.485  3.013   -6.069  1.00 32.45 ? 101 ASP A OD2 1 
ATOM   627  N  N   . GLY A 1 102 ? 17.848  4.313   -1.808  1.00 36.49 ? 102 GLY A N   1 
ATOM   628  C  CA  . GLY A 1 102 ? 18.836  5.358   -1.454  1.00 39.84 ? 102 GLY A CA  1 
ATOM   629  C  C   . GLY A 1 102 ? 18.873  6.540   -2.410  1.00 36.88 ? 102 GLY A C   1 
ATOM   630  O  O   . GLY A 1 102 ? 19.377  7.603   -1.997  1.00 39.72 ? 102 GLY A O   1 
ATOM   631  N  N   . GLU A 1 103 ? 18.391  6.394   -3.649  1.00 34.56 ? 103 GLU A N   1 
ATOM   632  C  CA  . GLU A 1 103 ? 18.438  7.442   -4.692  1.00 34.41 ? 103 GLU A CA  1 
ATOM   633  C  C   . GLU A 1 103 ? 17.074  8.123   -4.867  1.00 31.74 ? 103 GLU A C   1 
ATOM   634  O  O   . GLU A 1 103 ? 16.908  8.856   -5.831  1.00 33.11 ? 103 GLU A O   1 
ATOM   635  C  CB  . GLU A 1 103 ? 18.960  6.808   -5.985  1.00 35.59 ? 103 GLU A CB  1 
ATOM   636  C  CG  . GLU A 1 103 ? 20.364  6.221   -5.871  1.00 43.86 ? 103 GLU A CG  1 
ATOM   637  C  CD  . GLU A 1 103 ? 20.503  4.969   -5.021  1.00 47.18 ? 103 GLU A CD  1 
ATOM   638  O  OE1 . GLU A 1 103 ? 19.716  4.000   -5.239  1.00 47.74 ? 103 GLU A OE1 1 
ATOM   639  O  OE2 . GLU A 1 103 ? 21.374  4.974   -4.114  1.00 54.58 ? 103 GLU A OE2 1 
ATOM   640  N  N   . GLY A 1 104 ? 16.101  7.920   -3.980  1.00 31.91 ? 104 GLY A N   1 
ATOM   641  C  CA  . GLY A 1 104 ? 14.792  8.569   -4.099  1.00 32.68 ? 104 GLY A CA  1 
ATOM   642  C  C   . GLY A 1 104 ? 13.903  7.964   -5.190  1.00 33.91 ? 104 GLY A C   1 
ATOM   643  O  O   . GLY A 1 104 ? 12.864  8.555   -5.458  1.00 34.30 ? 104 GLY A O   1 
ATOM   644  N  N   . ARG A 1 105 ? 14.251  6.811   -5.758  1.00 31.46 ? 105 ARG A N   1 
ATOM   645  C  CA  . ARG A 1 105 ? 13.390  6.093   -6.748  1.00 30.39 ? 105 ARG A CA  1 
ATOM   646  C  C   . ARG A 1 105 ? 12.354  5.265   -5.990  1.00 28.08 ? 105 ARG A C   1 
ATOM   647  O  O   . ARG A 1 105 ? 12.720  4.698   -4.961  1.00 27.28 ? 105 ARG A O   1 
ATOM   648  C  CB  . ARG A 1 105 ? 14.244  5.183   -7.636  1.00 32.93 ? 105 ARG A CB  1 
ATOM   649  C  CG  . ARG A 1 105 ? 15.280  5.964   -8.435  1.00 40.02 ? 105 ARG A CG  1 
ATOM   650  C  CD  . ARG A 1 105 ? 16.289  5.136   -9.223  1.00 43.24 ? 105 ARG A CD  1 
ATOM   651  N  NE  . ARG A 1 105 ? 17.271  4.415   -8.414  1.00 38.98 ? 105 ARG A NE  1 
ATOM   652  C  CZ  . ARG A 1 105 ? 18.447  3.978   -8.866  1.00 44.11 ? 105 ARG A CZ  1 
ATOM   653  N  NH1 . ARG A 1 105 ? 18.811  4.198   -10.120 1.00 45.34 ? 105 ARG A NH1 1 
ATOM   654  N  NH2 . ARG A 1 105 ? 19.276  3.356   -8.050  1.00 47.09 ? 105 ARG A NH2 1 
ATOM   655  N  N   . ILE A 1 106 ? 11.109  5.257   -6.445  1.00 29.74 ? 106 ILE A N   1 
ATOM   656  C  CA  . ILE A 1 106 ? 10.059  4.412   -5.815  1.00 29.49 ? 106 ILE A CA  1 
ATOM   657  C  C   . ILE A 1 106 ? 10.312  2.977   -6.282  1.00 27.07 ? 106 ILE A C   1 
ATOM   658  O  O   . ILE A 1 106 ? 10.458  2.759   -7.484  1.00 25.30 ? 106 ILE A O   1 
ATOM   659  C  CB  . ILE A 1 106 ? 8.641   4.928   -6.108  1.00 32.25 ? 106 ILE A CB  1 
ATOM   660  C  CG1 . ILE A 1 106 ? 8.435   6.303   -5.451  1.00 33.13 ? 106 ILE A CG1 1 
ATOM   661  C  CG2 . ILE A 1 106 ? 7.607   3.933   -5.610  1.00 31.39 ? 106 ILE A CG2 1 
ATOM   662  C  CD1 . ILE A 1 106 ? 7.134   6.957   -5.797  1.00 39.32 ? 106 ILE A CD1 1 
ATOM   663  N  N   . VAL A 1 107 ? 10.413  2.054   -5.345  1.00 26.22 ? 107 VAL A N   1 
ATOM   664  C  CA  . VAL A 1 107 ? 10.733  0.643   -5.691  1.00 27.02 ? 107 VAL A CA  1 
ATOM   665  C  C   . VAL A 1 107 ? 9.651   -0.272  -5.130  1.00 26.29 ? 107 VAL A C   1 
ATOM   666  O  O   . VAL A 1 107 ? 9.672   -1.463  -5.410  1.00 27.54 ? 107 VAL A O   1 
ATOM   667  C  CB  . VAL A 1 107 ? 12.124  0.246   -5.195  1.00 24.21 ? 107 VAL A CB  1 
ATOM   668  C  CG1 . VAL A 1 107 ? 13.203  1.018   -5.930  1.00 30.25 ? 107 VAL A CG1 1 
ATOM   669  C  CG2 . VAL A 1 107 ? 12.283  0.352   -3.682  1.00 26.92 ? 107 VAL A CG2 1 
ATOM   670  N  N   . GLY A 1 108 ? 8.728   0.272   -4.343  1.00 24.01 ? 108 GLY A N   1 
ATOM   671  C  CA  . GLY A 1 108 ? 7.633   -0.531  -3.793  1.00 24.48 ? 108 GLY A CA  1 
ATOM   672  C  C   . GLY A 1 108 ? 6.445   0.330   -3.476  1.00 25.60 ? 108 GLY A C   1 
ATOM   673  O  O   . GLY A 1 108 ? 6.634   1.509   -3.148  1.00 24.40 ? 108 GLY A O   1 
ATOM   674  N  N   . THR A 1 109 ? 5.256   -0.271  -3.530  1.00 24.52 ? 109 THR A N   1 
ATOM   675  C  CA  . THR A 1 109 ? 3.967   0.404   -3.292  1.00 23.49 ? 109 THR A CA  1 
ATOM   676  C  C   . THR A 1 109 ? 3.076   -0.499  -2.460  1.00 25.21 ? 109 THR A C   1 
ATOM   677  O  O   . THR A 1 109 ? 3.197   -1.706  -2.529  1.00 23.25 ? 109 THR A O   1 
ATOM   678  C  CB  . THR A 1 109 ? 3.196   0.675   -4.611  1.00 26.97 ? 109 THR A CB  1 
ATOM   679  O  OG1 . THR A 1 109 ? 2.768   -0.555  -5.219  1.00 33.04 ? 109 THR A OG1 1 
ATOM   680  C  CG2 . THR A 1 109 ? 4.021   1.392   -5.639  1.00 29.80 ? 109 THR A CG2 1 
ATOM   681  N  N   . GLY A 1 110 ? 2.204   0.110   -1.671  1.00 23.76 ? 110 GLY A N   1 
ATOM   682  C  CA  . GLY A 1 110 ? 1.089   -0.638  -1.053  1.00 24.38 ? 110 GLY A CA  1 
ATOM   683  C  C   . GLY A 1 110 ? -0.019  0.297   -0.673  1.00 24.07 ? 110 GLY A C   1 
ATOM   684  O  O   . GLY A 1 110 ? 0.250   1.489   -0.398  1.00 22.82 ? 110 GLY A O   1 
ATOM   685  N  N   . SER A 1 111 ? -1.246  -0.213  -0.684  1.00 24.04 ? 111 SER A N   1 
ATOM   686  C  CA  . SER A 1 111 ? -2.467  0.521   -0.287  1.00 25.45 ? 111 SER A CA  1 
ATOM   687  C  C   . SER A 1 111 ? -3.170  -0.151  0.885   1.00 23.62 ? 111 SER A C   1 
ATOM   688  O  O   . SER A 1 111 ? -3.241  -1.401  0.944   1.00 22.92 ? 111 SER A O   1 
ATOM   689  C  CB  . SER A 1 111 ? -3.394  0.602   -1.446  1.00 25.02 ? 111 SER A CB  1 
ATOM   690  O  OG  . SER A 1 111 ? -2.784  1.239   -2.527  1.00 26.62 ? 111 SER A OG  1 
ATOM   691  N  N   . LEU A 1 112 ? -3.669  0.688   1.789   1.00 23.34 ? 112 LEU A N   1 
ATOM   692  C  CA  . LEU A 1 112 ? -4.714  0.312   2.739   1.00 23.89 ? 112 LEU A CA  1 
ATOM   693  C  C   . LEU A 1 112 ? -5.958  1.136   2.464   1.00 25.39 ? 112 LEU A C   1 
ATOM   694  O  O   . LEU A 1 112 ? -5.904  2.380   2.434   1.00 23.81 ? 112 LEU A O   1 
ATOM   695  C  CB  . LEU A 1 112 ? -4.257  0.515   4.174   1.00 23.50 ? 112 LEU A CB  1 
ATOM   696  C  CG  . LEU A 1 112 ? -5.280  0.076   5.223   1.00 23.80 ? 112 LEU A CG  1 
ATOM   697  C  CD1 . LEU A 1 112 ? -5.170  -1.441  5.377   1.00 26.01 ? 112 LEU A CD1 1 
ATOM   698  C  CD2 . LEU A 1 112 ? -5.020  0.799   6.533   1.00 27.06 ? 112 LEU A CD2 1 
ATOM   699  N  N   . VAL A 1 113 ? -7.071  0.443   2.269   1.00 22.42 ? 113 VAL A N   1 
ATOM   700  C  CA  . VAL A 1 113 ? -8.366  1.124   2.061   1.00 22.73 ? 113 VAL A CA  1 
ATOM   701  C  C   . VAL A 1 113 ? -9.221  0.745   3.269   1.00 23.14 ? 113 VAL A C   1 
ATOM   702  O  O   . VAL A 1 113 ? -9.427  -0.418  3.529   1.00 23.08 ? 113 VAL A O   1 
ATOM   703  C  CB  . VAL A 1 113 ? -9.034  0.799   0.703   1.00 23.96 ? 113 VAL A CB  1 
ATOM   704  C  CG1 . VAL A 1 113 ? -10.260 1.680   0.492   1.00 27.03 ? 113 VAL A CG1 1 
ATOM   705  C  CG2 . VAL A 1 113 ? -8.084  0.977   -0.463  1.00 26.18 ? 113 VAL A CG2 1 
ATOM   706  N  N   . VAL A 1 114 ? -9.742  1.735   3.965   1.00 24.92 ? 114 VAL A N   1 
ATOM   707  C  CA  . VAL A 1 114 ? -10.511 1.500   5.205   1.00 24.10 ? 114 VAL A CA  1 
ATOM   708  C  C   . VAL A 1 114 ? -11.985 1.617   4.897   1.00 25.49 ? 114 VAL A C   1 
ATOM   709  O  O   . VAL A 1 114 ? -12.459 2.710   4.587   1.00 27.93 ? 114 VAL A O   1 
ATOM   710  C  CB  . VAL A 1 114 ? -10.078 2.465   6.304   1.00 26.99 ? 114 VAL A CB  1 
ATOM   711  C  CG1 . VAL A 1 114 ? -10.896 2.250   7.570   1.00 29.49 ? 114 VAL A CG1 1 
ATOM   712  C  CG2 . VAL A 1 114 ? -8.599  2.293   6.567   1.00 26.98 ? 114 VAL A CG2 1 
ATOM   713  N  N   . GLU A 1 115 ? -12.671 0.486   5.011   1.00 26.50 ? 115 GLU A N   1 
ATOM   714  C  CA  . GLU A 1 115 ? -14.107 0.327   4.714   1.00 26.73 ? 115 GLU A CA  1 
ATOM   715  C  C   . GLU A 1 115 ? -14.868 0.564   6.008   1.00 29.51 ? 115 GLU A C   1 
ATOM   716  O  O   . GLU A 1 115 ? -14.473 -0.005  7.021   1.00 27.21 ? 115 GLU A O   1 
ATOM   717  C  CB  . GLU A 1 115 ? -14.392 -1.110  4.307   1.00 28.24 ? 115 GLU A CB  1 
ATOM   718  C  CG  . GLU A 1 115 ? -15.850 -1.403  3.998   1.00 26.14 ? 115 GLU A CG  1 
ATOM   719  C  CD  . GLU A 1 115 ? -16.165 -2.883  3.968   1.00 28.32 ? 115 GLU A CD  1 
ATOM   720  O  OE1 . GLU A 1 115 ? -15.235 -3.678  4.215   1.00 27.20 ? 115 GLU A OE1 1 
ATOM   721  O  OE2 . GLU A 1 115 ? -17.355 -3.221  3.763   1.00 31.33 ? 115 GLU A OE2 1 
ATOM   722  N  N   . ARG A 1 116 ? -15.911 1.381   5.924   1.00 27.85 ? 116 ARG A N   1 
ATOM   723  C  CA  . ARG A 1 116 ? -16.856 1.600   7.037   1.00 29.00 ? 116 ARG A CA  1 
ATOM   724  C  C   . ARG A 1 116 ? -18.000 0.614   6.900   1.00 31.20 ? 116 ARG A C   1 
ATOM   725  O  O   . ARG A 1 116 ? -18.525 0.428   5.763   1.00 29.39 ? 116 ARG A O   1 
ATOM   726  C  CB  . ARG A 1 116 ? -17.374 3.036   7.028   1.00 31.10 ? 116 ARG A CB  1 
ATOM   727  C  CG  . ARG A 1 116 ? -16.487 3.985   7.800   1.00 36.20 ? 116 ARG A CG  1 
ATOM   728  C  CD  . ARG A 1 116 ? -15.109 4.079   7.205   1.00 34.74 ? 116 ARG A CD  1 
ATOM   729  N  NE  . ARG A 1 116 ? -14.422 5.212   7.809   1.00 34.13 ? 116 ARG A NE  1 
ATOM   730  C  CZ  . ARG A 1 116 ? -13.244 5.668   7.424   1.00 35.56 ? 116 ARG A CZ  1 
ATOM   731  N  NH1 . ARG A 1 116 ? -12.637 5.143   6.353   1.00 29.84 ? 116 ARG A NH1 1 
ATOM   732  N  NH2 . ARG A 1 116 ? -12.715 6.696   8.078   1.00 35.83 ? 116 ARG A NH2 1 
ATOM   733  N  N   . LYS A 1 117 ? -18.391 0.052   8.041   1.00 29.93 ? 117 LYS A N   1 
ATOM   734  C  CA  . LYS A 1 117 ? -19.500 -0.913  8.166   1.00 30.79 ? 117 LYS A CA  1 
ATOM   735  C  C   . LYS A 1 117 ? -20.536 -0.459  9.221   1.00 32.69 ? 117 LYS A C   1 
ATOM   736  O  O   . LYS A 1 117 ? -20.210 0.354   10.105  1.00 37.61 ? 117 LYS A O   1 
ATOM   737  C  CB  . LYS A 1 117 ? -18.874 -2.273  8.495   1.00 34.20 ? 117 LYS A CB  1 
ATOM   738  C  CG  . LYS A 1 117 ? -18.326 -3.023  7.280   1.00 30.36 ? 117 LYS A CG  1 
ATOM   739  C  CD  . LYS A 1 117 ? -17.998 -4.436  7.618   1.00 35.35 ? 117 LYS A CD  1 
ATOM   740  C  CE  . LYS A 1 117 ? -17.190 -5.141  6.564   1.00 36.73 ? 117 LYS A CE  1 
ATOM   741  N  NZ  . LYS A 1 117 ? -18.005 -5.489  5.380   1.00 34.58 ? 117 LYS A NZ  1 
ATOM   742  N  N   . PHE A 1 118 ? -21.766 -0.989  9.157   1.00 32.75 ? 118 PHE A N   1 
ATOM   743  C  CA  . PHE A 1 118 ? -22.726 -0.889  10.287  1.00 33.32 ? 118 PHE A CA  1 
ATOM   744  C  C   . PHE A 1 118 ? -22.405 -2.001  11.310  1.00 34.44 ? 118 PHE A C   1 
ATOM   745  O  O   . PHE A 1 118 ? -22.500 -1.741  12.535  1.00 36.62 ? 118 PHE A O   1 
ATOM   746  C  CB  . PHE A 1 118 ? -24.178 -0.864  9.796   1.00 33.58 ? 118 PHE A CB  1 
ATOM   747  C  CG  . PHE A 1 118 ? -24.598 0.452   9.190   1.00 31.65 ? 118 PHE A CG  1 
ATOM   748  C  CD1 . PHE A 1 118 ? -24.852 1.556   9.985   1.00 28.36 ? 118 PHE A CD1 1 
ATOM   749  C  CD2 . PHE A 1 118 ? -24.782 0.587   7.821   1.00 30.82 ? 118 PHE A CD2 1 
ATOM   750  C  CE1 . PHE A 1 118 ? -25.246 2.784   9.446   1.00 33.50 ? 118 PHE A CE1 1 
ATOM   751  C  CE2 . PHE A 1 118 ? -25.160 1.806   7.269   1.00 30.68 ? 118 PHE A CE2 1 
ATOM   752  C  CZ  . PHE A 1 118 ? -25.359 2.927   8.071   1.00 36.33 ? 118 PHE A CZ  1 
ATOM   753  N  N   . ILE A 1 119 ? -22.045 -3.211  10.853  1.00 32.85 ? 119 ILE A N   1 
ATOM   754  C  CA  . ILE A 1 119 ? -21.745 -4.368  11.747  1.00 32.54 ? 119 ILE A CA  1 
ATOM   755  C  C   . ILE A 1 119 ? -20.532 -4.057  12.629  1.00 32.37 ? 119 ILE A C   1 
ATOM   756  O  O   . ILE A 1 119 ? -19.773 -3.076  12.350  1.00 32.81 ? 119 ILE A O   1 
ATOM   757  C  CB  . ILE A 1 119 ? -21.540 -5.680  10.962  1.00 32.94 ? 119 ILE A CB  1 
ATOM   758  C  CG1 . ILE A 1 119 ? -20.342 -5.632  10.013  1.00 35.91 ? 119 ILE A CG1 1 
ATOM   759  C  CG2 . ILE A 1 119 ? -22.810 -6.028  10.212  1.00 35.97 ? 119 ILE A CG2 1 
ATOM   760  C  CD1 . ILE A 1 119 ? -19.962 -6.993  9.438   1.00 40.14 ? 119 ILE A CD1 1 
ATOM   761  N  N   . HIS A 1 120 ? -20.331 -4.893  13.639  1.00 33.14 ? 120 HIS A N   1 
ATOM   762  C  CA  . HIS A 1 120 ? -19.180 -4.780  14.585  1.00 36.89 ? 120 HIS A CA  1 
ATOM   763  C  C   . HIS A 1 120 ? -19.152 -3.399  15.239  1.00 36.89 ? 120 HIS A C   1 
ATOM   764  O  O   . HIS A 1 120 ? -18.055 -2.818  15.339  1.00 40.85 ? 120 HIS A O   1 
ATOM   765  C  CB  . HIS A 1 120 ? -17.888 -5.056  13.818  1.00 41.63 ? 120 HIS A CB  1 
ATOM   766  C  CG  . HIS A 1 120 ? -16.904 -5.893  14.549  1.00 46.07 ? 120 HIS A CG  1 
ATOM   767  N  ND1 . HIS A 1 120 ? -15.902 -5.329  15.342  1.00 55.27 ? 120 HIS A ND1 1 
ATOM   768  C  CD2 . HIS A 1 120 ? -16.767 -7.235  14.626  1.00 44.52 ? 120 HIS A CD2 1 
ATOM   769  C  CE1 . HIS A 1 120 ? -15.182 -6.300  15.875  1.00 49.45 ? 120 HIS A CE1 1 
ATOM   770  N  NE2 . HIS A 1 120 ? -15.687 -7.481  15.433  1.00 53.35 ? 120 HIS A NE2 1 
ATOM   771  N  N   . SER A 1 121 ? -20.310 -2.893  15.666  1.00 34.86 ? 121 SER A N   1 
ATOM   772  C  CA  . SER A 1 121 ? -20.497 -1.570  16.330  1.00 38.99 ? 121 SER A CA  1 
ATOM   773  C  C   . SER A 1 121 ? -19.925 -0.463  15.434  1.00 37.52 ? 121 SER A C   1 
ATOM   774  O  O   . SER A 1 121 ? -19.094 0.348   15.916  1.00 33.16 ? 121 SER A O   1 
ATOM   775  C  CB  . SER A 1 121 ? -19.913 -1.502  17.736  1.00 39.92 ? 121 SER A CB  1 
ATOM   776  O  OG  . SER A 1 121 ? -20.409 -2.557  18.554  1.00 44.54 ? 121 SER A OG  1 
ATOM   777  N  N   . LEU A 1 122 ? -20.429 -0.370  14.201  1.00 36.04 ? 122 LEU A N   1 
ATOM   778  C  CA  . LEU A 1 122 ? -19.968 0.658   13.242  1.00 33.61 ? 122 LEU A CA  1 
ATOM   779  C  C   . LEU A 1 122 ? -18.460 0.462   13.024  1.00 36.11 ? 122 LEU A C   1 
ATOM   780  O  O   . LEU A 1 122 ? -17.703 1.452   13.023  1.00 34.69 ? 122 LEU A O   1 
ATOM   781  C  CB  . LEU A 1 122 ? -20.271 2.043   13.805  1.00 34.83 ? 122 LEU A CB  1 
ATOM   782  C  CG  . LEU A 1 122 ? -21.738 2.291   14.176  1.00 37.43 ? 122 LEU A CG  1 
ATOM   783  C  CD1 . LEU A 1 122 ? -21.956 3.749   14.522  1.00 39.66 ? 122 LEU A CD1 1 
ATOM   784  C  CD2 . LEU A 1 122 ? -22.681 1.891   13.065  1.00 42.23 ? 122 LEU A CD2 1 
ATOM   785  N  N   . GLY A 1 123 ? -18.066 -0.783  12.784  1.00 35.15 ? 123 GLY A N   1 
ATOM   786  C  CA  . GLY A 1 123 ? -16.657 -1.166  12.658  1.00 39.02 ? 123 GLY A CA  1 
ATOM   787  C  C   . GLY A 1 123 ? -16.065 -0.702  11.339  1.00 34.77 ? 123 GLY A C   1 
ATOM   788  O  O   . GLY A 1 123 ? -16.811 -0.167  10.490  1.00 31.11 ? 123 GLY A O   1 
ATOM   789  N  N   . MET A 1 124 ? -14.750 -0.835  11.264  1.00 30.71 ? 124 MET A N   1 
ATOM   790  C  CA  . MET A 1 124 ? -13.904 -0.518  10.097  1.00 30.23 ? 124 MET A CA  1 
ATOM   791  C  C   . MET A 1 124 ? -13.014 -1.722  9.788   1.00 27.52 ? 124 MET A C   1 
ATOM   792  O  O   . MET A 1 124 ? -12.350 -2.274  10.699  1.00 27.51 ? 124 MET A O   1 
ATOM   793  C  CB  . MET A 1 124 ? -13.080 0.750   10.363  1.00 31.65 ? 124 MET A CB  1 
ATOM   794  C  CG  . MET A 1 124 ? -13.980 1.908   10.757  1.00 37.46 ? 124 MET A CG  1 
ATOM   795  S  SD  . MET A 1 124 ? -13.132 3.466   10.698  1.00 53.77 ? 124 MET A SD  1 
ATOM   796  C  CE  . MET A 1 124 ? -12.105 3.203   12.145  1.00 54.12 ? 124 MET A CE  1 
ATOM   797  N  N   . VAL A 1 125 ? -13.007 -2.122  8.515   1.00 28.66 ? 125 VAL A N   1 
ATOM   798  C  CA  . VAL A 1 125 ? -12.120 -3.206  8.005   1.00 29.08 ? 125 VAL A CA  1 
ATOM   799  C  C   . VAL A 1 125 ? -11.034 -2.581  7.121   1.00 25.76 ? 125 VAL A C   1 
ATOM   800  O  O   . VAL A 1 125 ? -11.375 -1.780  6.242   1.00 26.13 ? 125 VAL A O   1 
ATOM   801  C  CB  . VAL A 1 125 ? -12.949 -4.240  7.241   1.00 29.29 ? 125 VAL A CB  1 
ATOM   802  C  CG1 . VAL A 1 125 ? -12.055 -5.283  6.586   1.00 28.01 ? 125 VAL A CG1 1 
ATOM   803  C  CG2 . VAL A 1 125 ? -13.980 -4.863  8.174   1.00 31.55 ? 125 VAL A CG2 1 
ATOM   804  N  N   . GLY A 1 126 ? -9.775  -2.917  7.393   1.00 27.16 ? 126 GLY A N   1 
ATOM   805  C  CA  . GLY A 1 126 ? -8.649  -2.545  6.520   1.00 25.19 ? 126 GLY A CA  1 
ATOM   806  C  C   . GLY A 1 126 ? -8.525  -3.517  5.365   1.00 25.52 ? 126 GLY A C   1 
ATOM   807  O  O   . GLY A 1 126 ? -8.561  -4.745  5.593   1.00 30.42 ? 126 GLY A O   1 
ATOM   808  N  N   . HIS A 1 127 ? -8.440  -3.010  4.148   1.00 23.15 ? 127 HIS A N   1 
ATOM   809  C  CA  . HIS A 1 127 ? -8.227  -3.816  2.923   1.00 22.66 ? 127 HIS A CA  1 
ATOM   810  C  C   . HIS A 1 127 ? -6.858  -3.472  2.356   1.00 24.11 ? 127 HIS A C   1 
ATOM   811  O  O   . HIS A 1 127 ? -6.632  -2.315  1.904   1.00 23.88 ? 127 HIS A O   1 
ATOM   812  C  CB  . HIS A 1 127 ? -9.311  -3.524  1.904   1.00 22.42 ? 127 HIS A CB  1 
ATOM   813  C  CG  . HIS A 1 127 ? -10.642 -3.887  2.441   1.00 22.82 ? 127 HIS A CG  1 
ATOM   814  N  ND1 . HIS A 1 127 ? -11.127 -5.184  2.374   1.00 27.37 ? 127 HIS A ND1 1 
ATOM   815  C  CD2 . HIS A 1 127 ? -11.606 -3.134  3.033   1.00 26.11 ? 127 HIS A CD2 1 
ATOM   816  C  CE1 . HIS A 1 127 ? -12.349 -5.205  2.913   1.00 25.64 ? 127 HIS A CE1 1 
ATOM   817  N  NE2 . HIS A 1 127 ? -12.659 -3.954  3.326   1.00 25.54 ? 127 HIS A NE2 1 
ATOM   818  N  N   . ILE A 1 128 ? -6.016  -4.480  2.302   1.00 22.77 ? 128 ILE A N   1 
ATOM   819  C  CA  . ILE A 1 128 ? -4.658  -4.314  1.747   1.00 22.73 ? 128 ILE A CA  1 
ATOM   820  C  C   . ILE A 1 128 ? -4.742  -4.564  0.242   1.00 21.62 ? 128 ILE A C   1 
ATOM   821  O  O   . ILE A 1 128 ? -5.299  -5.643  -0.197  1.00 24.74 ? 128 ILE A O   1 
ATOM   822  C  CB  . ILE A 1 128 ? -3.687  -5.213  2.482   1.00 24.30 ? 128 ILE A CB  1 
ATOM   823  C  CG1 . ILE A 1 128 ? -3.317  -4.592  3.822   1.00 26.16 ? 128 ILE A CG1 1 
ATOM   824  C  CG2 . ILE A 1 128 ? -2.470  -5.482  1.621   1.00 26.14 ? 128 ILE A CG2 1 
ATOM   825  C  CD1 . ILE A 1 128 ? -2.274  -5.358  4.511   1.00 29.81 ? 128 ILE A CD1 1 
ATOM   826  N  N   . GLU A 1 129 ? -4.239  -3.632  -0.541  1.00 21.47 ? 129 GLU A N   1 
ATOM   827  C  CA  . GLU A 1 129 ? -4.380  -3.682  -2.008  1.00 23.54 ? 129 GLU A CA  1 
ATOM   828  C  C   . GLU A 1 129 ? -3.092  -3.263  -2.708  1.00 23.65 ? 129 GLU A C   1 
ATOM   829  O  O   . GLU A 1 129 ? -2.324  -2.415  -2.177  1.00 24.38 ? 129 GLU A O   1 
ATOM   830  C  CB  . GLU A 1 129 ? -5.510  -2.781  -2.512  1.00 26.79 ? 129 GLU A CB  1 
ATOM   831  C  CG  . GLU A 1 129 ? -6.838  -3.048  -1.839  1.00 28.82 ? 129 GLU A CG  1 
ATOM   832  C  CD  . GLU A 1 129 ? -7.569  -4.268  -2.364  1.00 33.01 ? 129 GLU A CD  1 
ATOM   833  O  OE1 . GLU A 1 129 ? -7.250  -4.682  -3.501  1.00 29.73 ? 129 GLU A OE1 1 
ATOM   834  O  OE2 . GLU A 1 129 ? -8.436  -4.825  -1.613  1.00 35.10 ? 129 GLU A OE2 1 
ATOM   835  N  N   . ASP A 1 130 ? -2.938  -3.801  -3.919  1.00 23.55 ? 130 ASP A N   1 
ATOM   836  C  CA  . ASP A 1 130 ? -2.004  -3.243  -4.922  1.00 25.08 ? 130 ASP A CA  1 
ATOM   837  C  C   . ASP A 1 130 ? -0.606  -3.182  -4.296  1.00 23.06 ? 130 ASP A C   1 
ATOM   838  O  O   . ASP A 1 130 ? 0.124   -2.123  -4.419  1.00 24.41 ? 130 ASP A O   1 
ATOM   839  C  CB  . ASP A 1 130 ? -2.535  -1.911  -5.428  1.00 25.31 ? 130 ASP A CB  1 
ATOM   840  C  CG  . ASP A 1 130 ? -3.885  -2.032  -6.143  1.00 30.45 ? 130 ASP A CG  1 
ATOM   841  O  OD1 . ASP A 1 130 ? -4.180  -3.115  -6.655  1.00 32.28 ? 130 ASP A OD1 1 
ATOM   842  O  OD2 . ASP A 1 130 ? -4.595  -1.033  -6.182  1.00 32.79 ? 130 ASP A OD2 1 
ATOM   843  N  N   . ILE A 1 131 ? -0.180  -4.322  -3.778  1.00 22.12 ? 131 ILE A N   1 
ATOM   844  C  CA  . ILE A 1 131 ? 1.192   -4.512  -3.192  1.00 24.42 ? 131 ILE A CA  1 
ATOM   845  C  C   . ILE A 1 131 ? 2.145   -4.872  -4.335  1.00 28.19 ? 131 ILE A C   1 
ATOM   846  O  O   . ILE A 1 131 ? 1.913   -5.881  -5.051  1.00 26.34 ? 131 ILE A O   1 
ATOM   847  C  CB  . ILE A 1 131 ? 1.211   -5.587  -2.100  1.00 26.65 ? 131 ILE A CB  1 
ATOM   848  C  CG1 . ILE A 1 131 ? 0.173   -5.301  -1.020  1.00 28.31 ? 131 ILE A CG1 1 
ATOM   849  C  CG2 . ILE A 1 131 ? 2.607   -5.765  -1.503  1.00 30.62 ? 131 ILE A CG2 1 
ATOM   850  C  CD1 . ILE A 1 131 ? 0.315   -3.945  -0.348  1.00 30.06 ? 131 ILE A CD1 1 
ATOM   851  N  N   . ALA A 1 132 ? 3.216   -4.112  -4.521  1.00 24.89 ? 132 ALA A N   1 
ATOM   852  C  CA  . ALA A 1 132 ? 4.113   -4.288  -5.685  1.00 25.41 ? 132 ALA A CA  1 
ATOM   853  C  C   . ALA A 1 132 ? 5.523   -3.877  -5.265  1.00 25.99 ? 132 ALA A C   1 
ATOM   854  O  O   . ALA A 1 132 ? 5.632   -2.809  -4.637  1.00 26.71 ? 132 ALA A O   1 
ATOM   855  C  CB  . ALA A 1 132 ? 3.658   -3.458  -6.815  1.00 25.21 ? 132 ALA A CB  1 
ATOM   856  N  N   . VAL A 1 133 ? 6.509   -4.707  -5.572  1.00 26.74 ? 133 VAL A N   1 
ATOM   857  C  CA  . VAL A 1 133 ? 7.958   -4.381  -5.443  1.00 25.67 ? 133 VAL A CA  1 
ATOM   858  C  C   . VAL A 1 133 ? 8.600   -4.598  -6.820  1.00 27.81 ? 133 VAL A C   1 
ATOM   859  O  O   . VAL A 1 133 ? 8.374   -5.685  -7.408  1.00 28.60 ? 133 VAL A O   1 
ATOM   860  C  CB  . VAL A 1 133 ? 8.628   -5.261  -4.395  1.00 25.19 ? 133 VAL A CB  1 
ATOM   861  C  CG1 . VAL A 1 133 ? 10.142  -5.053  -4.388  1.00 26.45 ? 133 VAL A CG1 1 
ATOM   862  C  CG2 . VAL A 1 133 ? 8.004   -5.109  -3.025  1.00 27.33 ? 133 VAL A CG2 1 
ATOM   863  N  N   . GLU A 1 134 ? 9.344   -3.612  -7.316  1.00 26.82 ? 134 GLU A N   1 
ATOM   864  C  CA  . GLU A 1 134 ? 10.209  -3.724  -8.516  1.00 32.51 ? 134 GLU A CA  1 
ATOM   865  C  C   . GLU A 1 134 ? 10.952  -5.075  -8.511  1.00 25.38 ? 134 GLU A C   1 
ATOM   866  O  O   . GLU A 1 134 ? 11.554  -5.466  -7.504  1.00 29.42 ? 134 GLU A O   1 
ATOM   867  C  CB  . GLU A 1 134 ? 11.189  -2.540  -8.459  1.00 35.11 ? 134 GLU A CB  1 
ATOM   868  C  CG  . GLU A 1 134 ? 11.944  -2.239  -9.713  1.00 46.40 ? 134 GLU A CG  1 
ATOM   869  C  CD  . GLU A 1 134 ? 12.761  -0.984  -9.424  1.00 48.31 ? 134 GLU A CD  1 
ATOM   870  O  OE1 . GLU A 1 134 ? 12.159  0.090   -9.465  1.00 47.76 ? 134 GLU A OE1 1 
ATOM   871  O  OE2 . GLU A 1 134 ? 13.933  -1.107  -8.990  1.00 50.36 ? 134 GLU A OE2 1 
ATOM   872  N  N   . LYS A 1 135 ? 10.918  -5.790  -9.630  1.00 32.55 ? 135 LYS A N   1 
ATOM   873  C  CA  . LYS A 1 135 ? 11.507  -7.147  -9.734  1.00 33.90 ? 135 LYS A CA  1 
ATOM   874  C  C   . LYS A 1 135 ? 12.925  -7.173  -9.158  1.00 32.07 ? 135 LYS A C   1 
ATOM   875  O  O   . LYS A 1 135 ? 13.239  -8.090  -8.332  1.00 34.33 ? 135 LYS A O   1 
ATOM   876  C  CB  . LYS A 1 135 ? 11.503  -7.608  -11.199 1.00 44.51 ? 135 LYS A CB  1 
ATOM   877  C  CG  . LYS A 1 135 ? 10.180  -8.207  -11.653 1.00 56.18 ? 135 LYS A CG  1 
ATOM   878  C  CD  . LYS A 1 135 ? 10.211  -8.913  -13.007 1.00 67.34 ? 135 LYS A CD  1 
ATOM   879  C  CE  . LYS A 1 135 ? 11.120  -10.125 -13.063 1.00 74.65 ? 135 LYS A CE  1 
ATOM   880  N  NZ  . LYS A 1 135 ? 10.852  -11.067 -11.953 1.00 74.90 ? 135 LYS A NZ  1 
ATOM   881  N  N   . GLY A 1 136 ? 13.776  -6.235  -9.569  1.00 33.01 ? 136 GLY A N   1 
ATOM   882  C  CA  . GLY A 1 136 ? 15.186  -6.233  -9.131  1.00 32.74 ? 136 GLY A CA  1 
ATOM   883  C  C   . GLY A 1 136 ? 15.308  -5.973  -7.645  1.00 32.18 ? 136 GLY A C   1 
ATOM   884  O  O   . GLY A 1 136 ? 16.394  -6.246  -7.072  1.00 36.70 ? 136 GLY A O   1 
ATOM   885  N  N   . GLN A 1 137 ? 14.235  -5.501  -6.994  1.00 31.23 ? 137 GLN A N   1 
ATOM   886  C  CA  . GLN A 1 137 ? 14.225  -5.199  -5.546  1.00 29.26 ? 137 GLN A CA  1 
ATOM   887  C  C   . GLN A 1 137 ? 13.452  -6.256  -4.750  1.00 26.87 ? 137 GLN A C   1 
ATOM   888  O  O   . GLN A 1 137 ? 13.358  -6.134  -3.536  1.00 29.07 ? 137 GLN A O   1 
ATOM   889  C  CB  . GLN A 1 137 ? 13.684  -3.791  -5.287  1.00 29.39 ? 137 GLN A CB  1 
ATOM   890  C  CG  . GLN A 1 137 ? 14.509  -2.710  -5.970  1.00 34.74 ? 137 GLN A CG  1 
ATOM   891  C  CD  . GLN A 1 137 ? 15.770  -2.436  -5.200  1.00 37.72 ? 137 GLN A CD  1 
ATOM   892  O  OE1 . GLN A 1 137 ? 15.787  -2.447  -3.976  1.00 38.97 ? 137 GLN A OE1 1 
ATOM   893  N  NE2 . GLN A 1 137 ? 16.867  -2.336  -5.931  1.00 49.10 ? 137 GLN A NE2 1 
ATOM   894  N  N   . GLN A 1 138 ? 12.954  -7.303  -5.401  1.00 28.02 ? 138 GLN A N   1 
ATOM   895  C  CA  . GLN A 1 138 ? 12.176  -8.344  -4.701  1.00 28.95 ? 138 GLN A CA  1 
ATOM   896  C  C   . GLN A 1 138 ? 13.108  -9.247  -3.911  1.00 28.08 ? 138 GLN A C   1 
ATOM   897  O  O   . GLN A 1 138 ? 14.337  -9.222  -4.140  1.00 32.49 ? 138 GLN A O   1 
ATOM   898  C  CB  . GLN A 1 138 ? 11.316  -9.113  -5.704  1.00 30.13 ? 138 GLN A CB  1 
ATOM   899  C  CG  . GLN A 1 138 ? 10.132  -8.342  -6.226  1.00 29.98 ? 138 GLN A CG  1 
ATOM   900  C  CD  . GLN A 1 138 ? 9.364   -9.121  -7.258  1.00 29.73 ? 138 GLN A CD  1 
ATOM   901  O  OE1 . GLN A 1 138 ? 9.601   -10.326 -7.417  1.00 31.29 ? 138 GLN A OE1 1 
ATOM   902  N  NE2 . GLN A 1 138 ? 8.476   -8.438  -7.964  1.00 31.16 ? 138 GLN A NE2 1 
ATOM   903  N  N   . GLY A 1 139 ? 12.569  -9.959  -2.931  1.00 31.71 ? 139 GLY A N   1 
ATOM   904  C  CA  . GLY A 1 139 ? 13.318  -10.918 -2.110  1.00 31.42 ? 139 GLY A CA  1 
ATOM   905  C  C   . GLY A 1 139 ? 14.293  -10.309 -1.124  1.00 34.76 ? 139 GLY A C   1 
ATOM   906  O  O   . GLY A 1 139 ? 15.142  -11.076 -0.596  1.00 35.57 ? 139 GLY A O   1 
ATOM   907  N  N   . LYS A 1 140 ? 14.090  -9.046  -0.735  1.00 32.80 ? 140 LYS A N   1 
ATOM   908  C  CA  . LYS A 1 140 ? 14.870  -8.353  0.323   1.00 33.90 ? 140 LYS A CA  1 
ATOM   909  C  C   . LYS A 1 140 ? 13.973  -7.847  1.444   1.00 34.52 ? 140 LYS A C   1 
ATOM   910  O  O   . LYS A 1 140 ? 14.384  -6.881  2.069   1.00 32.20 ? 140 LYS A O   1 
ATOM   911  C  CB  . LYS A 1 140 ? 15.542  -7.081  -0.203  1.00 37.20 ? 140 LYS A CB  1 
ATOM   912  C  CG  . LYS A 1 140 ? 16.195  -7.146  -1.565  1.00 42.97 ? 140 LYS A CG  1 
ATOM   913  C  CD  . LYS A 1 140 ? 16.407  -5.732  -2.129  1.00 51.42 ? 140 LYS A CD  1 
ATOM   914  C  CE  . LYS A 1 140 ? 17.808  -5.441  -2.620  1.00 60.23 ? 140 LYS A CE  1 
ATOM   915  N  NZ  . LYS A 1 140 ? 18.104  -6.163  -3.881  1.00 58.19 ? 140 LYS A NZ  1 
ATOM   916  N  N   . LYS A 1 141 ? 12.769  -8.413  1.638   1.00 30.41 ? 141 LYS A N   1 
ATOM   917  C  CA  . LYS A 1 141 ? 11.842  -8.090  2.752   1.00 27.22 ? 141 LYS A CA  1 
ATOM   918  C  C   . LYS A 1 141 ? 11.109  -6.761  2.521   1.00 24.40 ? 141 LYS A C   1 
ATOM   919  O  O   . LYS A 1 141 ? 10.454  -6.332  3.474   1.00 26.08 ? 141 LYS A O   1 
ATOM   920  C  CB  . LYS A 1 141 ? 12.551  -8.049  4.104   1.00 33.03 ? 141 LYS A CB  1 
ATOM   921  C  CG  . LYS A 1 141 ? 13.402  -9.270  4.420   1.00 37.23 ? 141 LYS A CG  1 
ATOM   922  C  CD  . LYS A 1 141 ? 12.623  -10.442 4.956   1.00 40.73 ? 141 LYS A CD  1 
ATOM   923  C  CE  . LYS A 1 141 ? 13.490  -11.530 5.575   1.00 43.35 ? 141 LYS A CE  1 
ATOM   924  N  NZ  . LYS A 1 141 ? 14.603  -11.885 4.669   1.00 42.25 ? 141 LYS A NZ  1 
ATOM   925  N  N   . LEU A 1 142 ? 11.212  -6.133  1.353   1.00 27.23 ? 142 LEU A N   1 
ATOM   926  C  CA  . LEU A 1 142 ? 10.495  -4.850  1.124   1.00 26.91 ? 142 LEU A CA  1 
ATOM   927  C  C   . LEU A 1 142 ? 8.979   -5.110  1.129   1.00 28.12 ? 142 LEU A C   1 
ATOM   928  O  O   . LEU A 1 142 ? 8.276   -4.307  1.758   1.00 24.49 ? 142 LEU A O   1 
ATOM   929  C  CB  . LEU A 1 142 ? 10.954  -4.177  -0.167  1.00 26.36 ? 142 LEU A CB  1 
ATOM   930  C  CG  . LEU A 1 142 ? 12.433  -3.754  -0.208  1.00 28.25 ? 142 LEU A CG  1 
ATOM   931  C  CD1 . LEU A 1 142 ? 12.694  -3.056  -1.526  1.00 29.01 ? 142 LEU A CD1 1 
ATOM   932  C  CD2 . LEU A 1 142 ? 12.805  -2.902  1.023   1.00 27.57 ? 142 LEU A CD2 1 
ATOM   933  N  N   . GLY A 1 143 ? 8.470   -6.191  0.516   1.00 24.88 ? 143 GLY A N   1 
ATOM   934  C  CA  . GLY A 1 143 ? 7.027   -6.509  0.617   1.00 23.02 ? 143 GLY A CA  1 
ATOM   935  C  C   . GLY A 1 143 ? 6.606   -6.713  2.063   1.00 23.33 ? 143 GLY A C   1 
ATOM   936  O  O   . GLY A 1 143 ? 5.560   -6.197  2.462   1.00 23.98 ? 143 GLY A O   1 
ATOM   937  N  N   . LEU A 1 144 ? 7.363   -7.473  2.832   1.00 23.40 ? 144 LEU A N   1 
ATOM   938  C  CA  . LEU A 1 144 ? 7.082   -7.664  4.277   1.00 24.66 ? 144 LEU A CA  1 
ATOM   939  C  C   . LEU A 1 144 ? 6.972   -6.291  4.947   1.00 25.33 ? 144 LEU A C   1 
ATOM   940  O  O   . LEU A 1 144 ? 6.054   -6.155  5.749   1.00 25.25 ? 144 LEU A O   1 
ATOM   941  C  CB  . LEU A 1 144 ? 8.156   -8.519  4.939   1.00 25.39 ? 144 LEU A CB  1 
ATOM   942  C  CG  . LEU A 1 144 ? 8.078   -8.654  6.447   1.00 26.90 ? 144 LEU A CG  1 
ATOM   943  C  CD1 . LEU A 1 144 ? 6.842   -9.420  6.880   1.00 33.81 ? 144 LEU A CD1 1 
ATOM   944  C  CD2 . LEU A 1 144 ? 9.308   -9.352  6.957   1.00 31.02 ? 144 LEU A CD2 1 
ATOM   945  N  N   . ARG A 1 145 ? 7.929   -5.397  4.722   1.00 24.94 ? 145 ARG A N   1 
ATOM   946  C  CA  . ARG A 1 145 ? 7.915   -4.071  5.385   1.00 26.50 ? 145 ARG A CA  1 
ATOM   947  C  C   . ARG A 1 145 ? 6.656   -3.299  4.954   1.00 22.08 ? 145 ARG A C   1 
ATOM   948  O  O   . ARG A 1 145 ? 6.044   -2.644  5.820   1.00 24.58 ? 145 ARG A O   1 
ATOM   949  C  CB  . ARG A 1 145 ? 9.195   -3.286  5.098   1.00 27.03 ? 145 ARG A CB  1 
ATOM   950  C  CG  . ARG A 1 145 ? 10.502  -3.981  5.469   1.00 29.78 ? 145 ARG A CG  1 
ATOM   951  C  CD  . ARG A 1 145 ? 10.458  -4.653  6.805   1.00 31.76 ? 145 ARG A CD  1 
ATOM   952  N  NE  . ARG A 1 145 ? 11.652  -5.436  7.123   1.00 29.20 ? 145 ARG A NE  1 
ATOM   953  C  CZ  . ARG A 1 145 ? 11.722  -6.289  8.131   1.00 28.73 ? 145 ARG A CZ  1 
ATOM   954  N  NH1 . ARG A 1 145 ? 10.683  -6.511  8.912   1.00 33.11 ? 145 ARG A NH1 1 
ATOM   955  N  NH2 . ARG A 1 145 ? 12.856  -6.927  8.373   1.00 34.49 ? 145 ARG A NH2 1 
ATOM   956  N  N   . ILE A 1 146 ? 6.265   -3.357  3.678   1.00 23.55 ? 146 ILE A N   1 
ATOM   957  C  CA  . ILE A 1 146 ? 5.022   -2.686  3.189   1.00 22.64 ? 146 ILE A CA  1 
ATOM   958  C  C   . ILE A 1 146 ? 3.813   -3.231  3.941   1.00 22.73 ? 146 ILE A C   1 
ATOM   959  O  O   . ILE A 1 146 ? 3.005   -2.431  4.461   1.00 22.70 ? 146 ILE A O   1 
ATOM   960  C  CB  . ILE A 1 146 ? 4.862   -2.811  1.668   1.00 23.36 ? 146 ILE A CB  1 
ATOM   961  C  CG1 . ILE A 1 146 ? 5.933   -2.001  0.942   1.00 23.18 ? 146 ILE A CG1 1 
ATOM   962  C  CG2 . ILE A 1 146 ? 3.483   -2.385  1.236   1.00 21.29 ? 146 ILE A CG2 1 
ATOM   963  C  CD1 . ILE A 1 146 ? 6.123   -2.390  -0.501  1.00 26.56 ? 146 ILE A CD1 1 
ATOM   964  N  N   . ILE A 1 147 ? 3.737   -4.552  4.087   1.00 22.84 ? 147 ILE A N   1 
ATOM   965  C  CA  . ILE A 1 147 ? 2.587   -5.169  4.804   1.00 24.85 ? 147 ILE A CA  1 
ATOM   966  C  C   . ILE A 1 147 ? 2.600   -4.744  6.277   1.00 25.84 ? 147 ILE A C   1 
ATOM   967  O  O   . ILE A 1 147 ? 1.540   -4.335  6.765   1.00 25.37 ? 147 ILE A O   1 
ATOM   968  C  CB  . ILE A 1 147 ? 2.556   -6.699  4.639   1.00 25.24 ? 147 ILE A CB  1 
ATOM   969  C  CG1 . ILE A 1 147 ? 2.402   -7.101  3.170   1.00 26.92 ? 147 ILE A CG1 1 
ATOM   970  C  CG2 . ILE A 1 147 ? 1.519   -7.295  5.555   1.00 25.13 ? 147 ILE A CG2 1 
ATOM   971  C  CD1 . ILE A 1 147 ? 1.195   -6.546  2.515   1.00 28.25 ? 147 ILE A CD1 1 
ATOM   972  N  N   . GLN A 1 148 ? 3.739   -4.837  6.958   1.00 26.17 ? 148 GLN A N   1 
ATOM   973  C  CA  . GLN A 1 148 ? 3.861   -4.415  8.365   1.00 24.86 ? 148 GLN A CA  1 
ATOM   974  C  C   . GLN A 1 148 ? 3.424   -2.946  8.483   1.00 24.66 ? 148 GLN A C   1 
ATOM   975  O  O   . GLN A 1 148 ? 2.698   -2.644  9.428   1.00 27.11 ? 148 GLN A O   1 
ATOM   976  C  CB  . GLN A 1 148 ? 5.282   -4.633  8.870   1.00 26.64 ? 148 GLN A CB  1 
ATOM   977  C  CG  . GLN A 1 148 ? 5.666   -6.098  8.947   1.00 28.85 ? 148 GLN A CG  1 
ATOM   978  C  CD  . GLN A 1 148 ? 7.092   -6.319  9.361   1.00 28.56 ? 148 GLN A CD  1 
ATOM   979  O  OE1 . GLN A 1 148 ? 7.983   -5.510  9.111   1.00 32.28 ? 148 GLN A OE1 1 
ATOM   980  N  NE2 . GLN A 1 148 ? 7.319   -7.479  9.966   1.00 29.69 ? 148 GLN A NE2 1 
ATOM   981  N  N   . ALA A 1 149 ? 3.848   -2.096  7.562   1.00 26.39 ? 149 ALA A N   1 
ATOM   982  C  CA  . ALA A 1 149 ? 3.503   -0.652  7.627   1.00 26.66 ? 149 ALA A CA  1 
ATOM   983  C  C   . ALA A 1 149 ? 1.986   -0.499  7.452   1.00 26.56 ? 149 ALA A C   1 
ATOM   984  O  O   . ALA A 1 149 ? 1.363   0.261   8.244   1.00 25.87 ? 149 ALA A O   1 
ATOM   985  C  CB  . ALA A 1 149 ? 4.318   0.108   6.624   1.00 24.62 ? 149 ALA A CB  1 
ATOM   986  N  N   . LEU A 1 150 ? 1.372   -1.194  6.489   1.00 25.18 ? 150 LEU A N   1 
ATOM   987  C  CA  . LEU A 1 150 ? -0.080  -1.065  6.247   1.00 23.63 ? 150 LEU A CA  1 
ATOM   988  C  C   . LEU A 1 150 ? -0.851  -1.597  7.452   1.00 22.97 ? 150 LEU A C   1 
ATOM   989  O  O   . LEU A 1 150 ? -1.905  -0.986  7.808   1.00 24.55 ? 150 LEU A O   1 
ATOM   990  C  CB  . LEU A 1 150 ? -0.462  -1.754  4.925   1.00 23.39 ? 150 LEU A CB  1 
ATOM   991  C  CG  . LEU A 1 150 ? 0.137   -1.151  3.657   1.00 23.86 ? 150 LEU A CG  1 
ATOM   992  C  CD1 . LEU A 1 150 ? -0.147  -2.074  2.456   1.00 23.61 ? 150 LEU A CD1 1 
ATOM   993  C  CD2 . LEU A 1 150 ? -0.372  0.276   3.395   1.00 24.89 ? 150 LEU A CD2 1 
ATOM   994  N  N   . ASP A 1 151 ? -0.419  -2.717  8.041   1.00 25.50 ? 151 ASP A N   1 
ATOM   995  C  CA  . ASP A 1 151 ? -1.074  -3.254  9.261   1.00 26.62 ? 151 ASP A CA  1 
ATOM   996  C  C   . ASP A 1 151 ? -0.977  -2.268  10.426  1.00 26.14 ? 151 ASP A C   1 
ATOM   997  O  O   . ASP A 1 151 ? -1.923  -2.178  11.212  1.00 28.53 ? 151 ASP A O   1 
ATOM   998  C  CB  . ASP A 1 151 ? -0.489  -4.602  9.672   1.00 27.40 ? 151 ASP A CB  1 
ATOM   999  C  CG  . ASP A 1 151 ? -1.037  -5.724  8.815   1.00 33.05 ? 151 ASP A CG  1 
ATOM   1000 O  OD1 . ASP A 1 151 ? -2.101  -5.515  8.190   1.00 36.53 ? 151 ASP A OD1 1 
ATOM   1001 O  OD2 . ASP A 1 151 ? -0.383  -6.797  8.782   1.00 34.92 ? 151 ASP A OD2 1 
ATOM   1002 N  N   . TYR A 1 152 ? 0.123   -1.545  10.522  1.00 26.26 ? 152 TYR A N   1 
ATOM   1003 C  CA  . TYR A 1 152 ? 0.309   -0.499  11.554  1.00 29.12 ? 152 TYR A CA  1 
ATOM   1004 C  C   . TYR A 1 152 ? -0.743  0.596   11.350  1.00 29.56 ? 152 TYR A C   1 
ATOM   1005 O  O   . TYR A 1 152 ? -1.435  1.002   12.318  1.00 28.10 ? 152 TYR A O   1 
ATOM   1006 C  CB  . TYR A 1 152 ? 1.744   -0.018  11.512  1.00 28.41 ? 152 TYR A CB  1 
ATOM   1007 C  CG  . TYR A 1 152 ? 2.015   1.045   12.551  1.00 32.03 ? 152 TYR A CG  1 
ATOM   1008 C  CD1 . TYR A 1 152 ? 2.448   0.727   13.828  1.00 37.22 ? 152 TYR A CD1 1 
ATOM   1009 C  CD2 . TYR A 1 152 ? 1.801   2.372   12.246  1.00 34.79 ? 152 TYR A CD2 1 
ATOM   1010 C  CE1 . TYR A 1 152 ? 2.716   1.729   14.757  1.00 37.51 ? 152 TYR A CE1 1 
ATOM   1011 C  CE2 . TYR A 1 152 ? 2.013   3.373   13.173  1.00 37.39 ? 152 TYR A CE2 1 
ATOM   1012 C  CZ  . TYR A 1 152 ? 2.489   3.052   14.427  1.00 41.23 ? 152 TYR A CZ  1 
ATOM   1013 O  OH  . TYR A 1 152 ? 2.706   4.077   15.305  1.00 42.13 ? 152 TYR A OH  1 
ATOM   1014 N  N   . VAL A 1 153 ? -0.909  1.063   10.114  1.00 26.94 ? 153 VAL A N   1 
ATOM   1015 C  CA  . VAL A 1 153 ? -1.915  2.124   9.827   1.00 26.84 ? 153 VAL A CA  1 
ATOM   1016 C  C   . VAL A 1 153 ? -3.282  1.618   10.267  1.00 28.31 ? 153 VAL A C   1 
ATOM   1017 O  O   . VAL A 1 153 ? -4.023  2.354   10.935  1.00 27.12 ? 153 VAL A O   1 
ATOM   1018 C  CB  . VAL A 1 153 ? -1.933  2.540   8.341   1.00 25.99 ? 153 VAL A CB  1 
ATOM   1019 C  CG1 . VAL A 1 153 ? -3.021  3.529   8.051   1.00 26.54 ? 153 VAL A CG1 1 
ATOM   1020 C  CG2 . VAL A 1 153 ? -0.587  3.080   7.934   1.00 25.14 ? 153 VAL A CG2 1 
ATOM   1021 N  N   . ALA A 1 154 ? -3.656  0.413   9.841   1.00 26.35 ? 154 ALA A N   1 
ATOM   1022 C  CA  . ALA A 1 154 ? -5.017  -0.108  10.066  1.00 27.53 ? 154 ALA A CA  1 
ATOM   1023 C  C   . ALA A 1 154 ? -5.317  -0.176  11.577  1.00 26.05 ? 154 ALA A C   1 
ATOM   1024 O  O   . ALA A 1 154 ? -6.415  0.184   11.983  1.00 31.29 ? 154 ALA A O   1 
ATOM   1025 C  CB  . ALA A 1 154 ? -5.118  -1.455  9.431   1.00 27.12 ? 154 ALA A CB  1 
ATOM   1026 N  N   . GLU A 1 155 ? -4.365  -0.637  12.360  1.00 31.46 ? 155 GLU A N   1 
ATOM   1027 C  CA  . GLU A 1 155 ? -4.562  -0.790  13.826  1.00 34.74 ? 155 GLU A CA  1 
ATOM   1028 C  C   . GLU A 1 155 ? -4.693  0.617   14.404  1.00 34.00 ? 155 GLU A C   1 
ATOM   1029 O  O   . GLU A 1 155 ? -5.615  0.861   15.177  1.00 34.51 ? 155 GLU A O   1 
ATOM   1030 C  CB  . GLU A 1 155 ? -3.396  -1.538  14.466  1.00 40.56 ? 155 GLU A CB  1 
ATOM   1031 C  CG  . GLU A 1 155 ? -3.615  -1.851  15.953  1.00 48.59 ? 155 GLU A CG  1 
ATOM   1032 C  CD  . GLU A 1 155 ? -2.462  -2.586  16.629  1.00 59.70 ? 155 GLU A CD  1 
ATOM   1033 O  OE1 . GLU A 1 155 ? -1.860  -3.494  15.973  1.00 55.86 ? 155 GLU A OE1 1 
ATOM   1034 O  OE2 . GLU A 1 155 ? -2.146  -2.245  17.801  1.00 61.66 ? 155 GLU A OE2 1 
ATOM   1035 N  N   . LYS A 1 156 ? -3.844  1.527   13.952  1.00 32.26 ? 156 LYS A N   1 
ATOM   1036 C  CA  . LYS A 1 156 ? -3.780  2.901   14.507  1.00 36.02 ? 156 LYS A CA  1 
ATOM   1037 C  C   . LYS A 1 156 ? -5.127  3.605   14.316  1.00 35.13 ? 156 LYS A C   1 
ATOM   1038 O  O   . LYS A 1 156 ? -5.609  4.261   15.288  1.00 32.88 ? 156 LYS A O   1 
ATOM   1039 C  CB  . LYS A 1 156 ? -2.584  3.648   13.916  1.00 38.75 ? 156 LYS A CB  1 
ATOM   1040 C  CG  . LYS A 1 156 ? -2.049  4.751   14.820  1.00 49.84 ? 156 LYS A CG  1 
ATOM   1041 C  CD  . LYS A 1 156 ? -0.820  4.410   15.626  1.00 50.70 ? 156 LYS A CD  1 
ATOM   1042 C  CE  . LYS A 1 156 ? -0.262  5.637   16.335  1.00 52.93 ? 156 LYS A CE  1 
ATOM   1043 N  NZ  . LYS A 1 156 ? 0.454   6.587   15.436  1.00 49.59 ? 156 LYS A NZ  1 
ATOM   1044 N  N   . VAL A 1 157 ? -5.735  3.499   13.127  1.00 29.61 ? 157 VAL A N   1 
ATOM   1045 C  CA  . VAL A 1 157 ? -7.006  4.205   12.810  1.00 30.55 ? 157 VAL A CA  1 
ATOM   1046 C  C   . VAL A 1 157 ? -8.221  3.411   13.312  1.00 32.42 ? 157 VAL A C   1 
ATOM   1047 O  O   . VAL A 1 157 ? -9.333  3.890   13.045  1.00 34.87 ? 157 VAL A O   1 
ATOM   1048 C  CB  . VAL A 1 157 ? -7.080  4.572   11.303  1.00 28.50 ? 157 VAL A CB  1 
ATOM   1049 C  CG1 . VAL A 1 157 ? -5.832  5.338   10.915  1.00 29.26 ? 157 VAL A CG1 1 
ATOM   1050 C  CG2 . VAL A 1 157 ? -7.222  3.393   10.359  1.00 27.53 ? 157 VAL A CG2 1 
ATOM   1051 N  N   . GLY A 1 158 ? -8.051  2.244   13.960  1.00 32.61 ? 158 GLY A N   1 
ATOM   1052 C  CA  . GLY A 1 158 ? -9.169  1.529   14.617  1.00 32.89 ? 158 GLY A CA  1 
ATOM   1053 C  C   . GLY A 1 158 ? -9.833  0.431   13.773  1.00 31.92 ? 158 GLY A C   1 
ATOM   1054 O  O   . GLY A 1 158 ? -10.958 0.035   14.111  1.00 33.08 ? 158 GLY A O   1 
ATOM   1055 N  N   . CYS A 1 159 ? -9.178  -0.130  12.747  1.00 32.69 ? 159 CYS A N   1 
ATOM   1056 C  CA  . CYS A 1 159 ? -9.719  -1.341  12.060  1.00 31.09 ? 159 CYS A CA  1 
ATOM   1057 C  C   . CYS A 1 159 ? -9.785  -2.529  13.040  1.00 30.66 ? 159 CYS A C   1 
ATOM   1058 O  O   . CYS A 1 159 ? -8.799  -2.758  13.753  1.00 31.68 ? 159 CYS A O   1 
ATOM   1059 C  CB  . CYS A 1 159 ? -8.854  -1.689  10.845  1.00 28.34 ? 159 CYS A CB  1 
ATOM   1060 S  SG  . CYS A 1 159 ? -8.975  -0.400  9.607   1.00 29.04 ? 159 CYS A SG  1 
ATOM   1061 N  N   . TYR A 1 160 ? -10.820 -3.368  12.943  1.00 30.47 ? 160 TYR A N   1 
ATOM   1062 C  CA  . TYR A 1 160 ? -10.939 -4.591  13.774  1.00 33.29 ? 160 TYR A CA  1 
ATOM   1063 C  C   . TYR A 1 160 ? -10.185 -5.737  13.106  1.00 35.40 ? 160 TYR A C   1 
ATOM   1064 O  O   . TYR A 1 160 ? -9.816  -6.682  13.814  1.00 35.88 ? 160 TYR A O   1 
ATOM   1065 C  CB  . TYR A 1 160 ? -12.390 -4.937  14.124  1.00 31.88 ? 160 TYR A CB  1 
ATOM   1066 C  CG  . TYR A 1 160 ? -13.317 -5.361  13.015  1.00 32.96 ? 160 TYR A CG  1 
ATOM   1067 C  CD1 . TYR A 1 160 ? -13.492 -6.693  12.665  1.00 31.82 ? 160 TYR A CD1 1 
ATOM   1068 C  CD2 . TYR A 1 160 ? -14.137 -4.416  12.418  1.00 35.99 ? 160 TYR A CD2 1 
ATOM   1069 C  CE1 . TYR A 1 160 ? -14.435 -7.064  11.708  1.00 35.57 ? 160 TYR A CE1 1 
ATOM   1070 C  CE2 . TYR A 1 160 ? -15.071 -4.763  11.455  1.00 36.49 ? 160 TYR A CE2 1 
ATOM   1071 C  CZ  . TYR A 1 160 ? -15.212 -6.087  11.092  1.00 37.02 ? 160 TYR A CZ  1 
ATOM   1072 O  OH  . TYR A 1 160 ? -16.165 -6.347  10.150  1.00 35.00 ? 160 TYR A OH  1 
ATOM   1073 N  N   . LYS A 1 161 ? -9.913  -5.632  11.797  1.00 28.50 ? 161 LYS A N   1 
ATOM   1074 C  CA  . LYS A 1 161 ? -9.069  -6.615  11.089  1.00 30.30 ? 161 LYS A CA  1 
ATOM   1075 C  C   . LYS A 1 161 ? -8.567  -5.956  9.808   1.00 26.13 ? 161 LYS A C   1 
ATOM   1076 O  O   . LYS A 1 161 ? -9.173  -4.954  9.382   1.00 28.75 ? 161 LYS A O   1 
ATOM   1077 C  CB  . LYS A 1 161 ? -9.833  -7.899  10.741  1.00 30.79 ? 161 LYS A CB  1 
ATOM   1078 C  CG  . LYS A 1 161 ? -10.983 -7.729  9.772   1.00 32.42 ? 161 LYS A CG  1 
ATOM   1079 C  CD  . LYS A 1 161 ? -11.822 -8.946  9.588   1.00 33.34 ? 161 LYS A CD  1 
ATOM   1080 C  CE  . LYS A 1 161 ? -12.925 -8.731  8.569   1.00 35.23 ? 161 LYS A CE  1 
ATOM   1081 N  NZ  . LYS A 1 161 ? -13.753 -9.950  8.402   1.00 38.67 ? 161 LYS A NZ  1 
ATOM   1082 N  N   . THR A 1 162 ? -7.560  -6.578  9.229   1.00 28.94 ? 162 THR A N   1 
ATOM   1083 C  CA  . THR A 1 162 ? -7.119  -6.309  7.844   1.00 27.12 ? 162 THR A CA  1 
ATOM   1084 C  C   . THR A 1 162 ? -7.271  -7.588  7.032   1.00 26.17 ? 162 THR A C   1 
ATOM   1085 O  O   . THR A 1 162 ? -6.957  -8.653  7.545   1.00 26.74 ? 162 THR A O   1 
ATOM   1086 C  CB  . THR A 1 162 ? -5.679  -5.830  7.819   1.00 31.27 ? 162 THR A CB  1 
ATOM   1087 O  OG1 . THR A 1 162 ? -5.677  -4.563  8.481   1.00 35.43 ? 162 THR A OG1 1 
ATOM   1088 C  CG2 . THR A 1 162 ? -5.177  -5.682  6.409   1.00 35.88 ? 162 THR A CG2 1 
ATOM   1089 N  N   . ILE A 1 163 ? -7.795  -7.453  5.838   1.00 27.24 ? 163 ILE A N   1 
ATOM   1090 C  CA  . ILE A 1 163 ? -7.961  -8.601  4.930   1.00 27.12 ? 163 ILE A CA  1 
ATOM   1091 C  C   . ILE A 1 163 ? -7.374  -8.226  3.577   1.00 26.16 ? 163 ILE A C   1 
ATOM   1092 O  O   . ILE A 1 163 ? -7.227  -7.063  3.252   1.00 25.16 ? 163 ILE A O   1 
ATOM   1093 C  CB  . ILE A 1 163 ? -9.442  -9.058  4.864   1.00 29.01 ? 163 ILE A CB  1 
ATOM   1094 C  CG1 . ILE A 1 163 ? -10.392 -8.000  4.321   1.00 29.52 ? 163 ILE A CG1 1 
ATOM   1095 C  CG2 . ILE A 1 163 ? -9.950  -9.563  6.235   1.00 26.73 ? 163 ILE A CG2 1 
ATOM   1096 C  CD1 . ILE A 1 163 ? -11.768 -8.574  3.949   1.00 32.60 ? 163 ILE A CD1 1 
ATOM   1097 N  N   . LEU A 1 164 ? -7.155  -9.228  2.769   1.00 25.21 ? 164 LEU A N   1 
ATOM   1098 C  CA  . LEU A 1 164 ? -6.687  -9.052  1.388   1.00 25.20 ? 164 LEU A CA  1 
ATOM   1099 C  C   . LEU A 1 164 ? -7.038  -10.339 0.671   1.00 25.86 ? 164 LEU A C   1 
ATOM   1100 O  O   . LEU A 1 164 ? -7.277  -11.359 1.361   1.00 26.33 ? 164 LEU A O   1 
ATOM   1101 C  CB  . LEU A 1 164 ? -5.175  -8.781  1.386   1.00 23.73 ? 164 LEU A CB  1 
ATOM   1102 C  CG  . LEU A 1 164 ? -4.269  -9.848  2.008   1.00 24.84 ? 164 LEU A CG  1 
ATOM   1103 C  CD1 . LEU A 1 164 ? -3.835  -10.951 1.034   1.00 25.82 ? 164 LEU A CD1 1 
ATOM   1104 C  CD2 . LEU A 1 164 ? -3.039  -9.201  2.604   1.00 24.91 ? 164 LEU A CD2 1 
ATOM   1105 N  N   . ASP A 1 165 ? -7.027  -10.262 -0.646  1.00 24.52 ? 165 ASP A N   1 
ATOM   1106 C  CA  . ASP A 1 165 ? -7.129  -11.416 -1.551  1.00 24.46 ? 165 ASP A CA  1 
ATOM   1107 C  C   . ASP A 1 165 ? -5.757  -11.656 -2.186  1.00 28.51 ? 165 ASP A C   1 
ATOM   1108 O  O   . ASP A 1 165 ? -5.090  -10.672 -2.586  1.00 26.70 ? 165 ASP A O   1 
ATOM   1109 C  CB  . ASP A 1 165 ? -8.204  -11.141 -2.574  1.00 26.66 ? 165 ASP A CB  1 
ATOM   1110 C  CG  . ASP A 1 165 ? -9.607  -10.981 -2.014  1.00 29.30 ? 165 ASP A CG  1 
ATOM   1111 O  OD1 . ASP A 1 165 ? -10.003 -11.781 -1.148  1.00 30.28 ? 165 ASP A OD1 1 
ATOM   1112 O  OD2 . ASP A 1 165 ? -10.293 -10.098 -2.491  1.00 30.78 ? 165 ASP A OD2 1 
ATOM   1113 N  N   . CYS A 1 166 ? -5.396  -12.920 -2.340  1.00 28.49 ? 166 CYS A N   1 
ATOM   1114 C  CA  . CYS A 1 166 ? -4.144  -13.336 -2.992  1.00 27.56 ? 166 CYS A CA  1 
ATOM   1115 C  C   . CYS A 1 166 ? -4.380  -14.558 -3.853  1.00 30.77 ? 166 CYS A C   1 
ATOM   1116 O  O   . CYS A 1 166 ? -5.467  -15.086 -3.862  1.00 28.57 ? 166 CYS A O   1 
ATOM   1117 C  CB  . CYS A 1 166 ? -3.041  -13.574 -1.964  1.00 27.28 ? 166 CYS A CB  1 
ATOM   1118 S  SG  . CYS A 1 166 ? -3.286  -15.007 -0.921  1.00 33.26 ? 166 CYS A SG  1 
ATOM   1119 N  N   . SER A 1 167 ? -3.347  -14.968 -4.576  1.00 35.93 ? 167 SER A N   1 
ATOM   1120 C  CA  . SER A 1 167 ? -3.355  -16.176 -5.432  1.00 38.79 ? 167 SER A CA  1 
ATOM   1121 C  C   . SER A 1 167 ? -2.827  -17.324 -4.599  1.00 41.38 ? 167 SER A C   1 
ATOM   1122 O  O   . SER A 1 167 ? -2.179  -17.067 -3.585  1.00 36.76 ? 167 SER A O   1 
ATOM   1123 C  CB  . SER A 1 167 ? -2.481  -15.971 -6.653  1.00 39.91 ? 167 SER A CB  1 
ATOM   1124 O  OG  . SER A 1 167 ? -1.137  -15.744 -6.241  1.00 35.25 ? 167 SER A OG  1 
ATOM   1125 N  N   . GLU A 1 168 ? -3.016  -18.559 -5.062  1.00 38.34 ? 168 GLU A N   1 
ATOM   1126 C  CA  . GLU A 1 168 ? -2.349  -19.718 -4.427  1.00 40.71 ? 168 GLU A CA  1 
ATOM   1127 C  C   . GLU A 1 168 ? -0.841  -19.478 -4.457  1.00 36.21 ? 168 GLU A C   1 
ATOM   1128 O  O   . GLU A 1 168 ? -0.194  -19.840 -3.478  1.00 39.77 ? 168 GLU A O   1 
ATOM   1129 C  CB  . GLU A 1 168 ? -2.761  -21.011 -5.123  1.00 45.78 ? 168 GLU A CB  1 
ATOM   1130 C  CG  . GLU A 1 168 ? -4.245  -21.305 -4.966  1.00 51.61 ? 168 GLU A CG  1 
ATOM   1131 C  CD  . GLU A 1 168 ? -4.609  -22.175 -3.780  1.00 53.15 ? 168 GLU A CD  1 
ATOM   1132 O  OE1 . GLU A 1 168 ? -3.700  -22.499 -2.977  1.00 58.33 ? 168 GLU A OE1 1 
ATOM   1133 O  OE2 . GLU A 1 168 ? -5.800  -22.538 -3.670  1.00 59.54 ? 168 GLU A OE2 1 
ATOM   1134 N  N   . ALA A 1 169 ? -0.317  -18.859 -5.518  1.00 35.78 ? 169 ALA A N   1 
ATOM   1135 C  CA  . ALA A 1 169 ? 1.143   -18.712 -5.808  1.00 36.62 ? 169 ALA A CA  1 
ATOM   1136 C  C   . ALA A 1 169 ? 1.799   -17.708 -4.837  1.00 38.39 ? 169 ALA A C   1 
ATOM   1137 O  O   . ALA A 1 169 ? 3.022   -17.860 -4.529  1.00 38.44 ? 169 ALA A O   1 
ATOM   1138 C  CB  . ALA A 1 169 ? 1.343   -18.253 -7.235  1.00 37.99 ? 169 ALA A CB  1 
ATOM   1139 N  N   . ASN A 1 170 ? 1.062   -16.735 -4.318  1.00 32.93 ? 170 ASN A N   1 
ATOM   1140 C  CA  . ASN A 1 170 ? 1.731   -15.787 -3.397  1.00 33.70 ? 170 ASN A CA  1 
ATOM   1141 C  C   . ASN A 1 170 ? 1.093   -15.948 -2.021  1.00 30.09 ? 170 ASN A C   1 
ATOM   1142 O  O   . ASN A 1 170 ? 1.464   -15.217 -1.124  1.00 28.22 ? 170 ASN A O   1 
ATOM   1143 C  CB  . ASN A 1 170 ? 1.926   -14.379 -3.994  1.00 39.15 ? 170 ASN A CB  1 
ATOM   1144 C  CG  . ASN A 1 170 ? 0.634   -13.663 -4.283  1.00 41.62 ? 170 ASN A CG  1 
ATOM   1145 O  OD1 . ASN A 1 170 ? 0.593   -12.681 -5.046  1.00 45.40 ? 170 ASN A OD1 1 
ATOM   1146 N  ND2 . ASN A 1 170 ? -0.420  -14.156 -3.674  1.00 38.13 ? 170 ASN A ND2 1 
ATOM   1147 N  N   . GLU A 1 171 ? 0.310   -17.001 -1.773  1.00 29.41 ? 171 GLU A N   1 
ATOM   1148 C  CA  . GLU A 1 171 ? -0.193  -17.239 -0.396  1.00 28.04 ? 171 GLU A CA  1 
ATOM   1149 C  C   . GLU A 1 171 ? 0.968   -17.333 0.600   1.00 29.15 ? 171 GLU A C   1 
ATOM   1150 O  O   . GLU A 1 171 ? 0.807   -16.852 1.723   1.00 31.33 ? 171 GLU A O   1 
ATOM   1151 C  CB  . GLU A 1 171 ? -1.080  -18.495 -0.335  1.00 28.63 ? 171 GLU A CB  1 
ATOM   1152 C  CG  . GLU A 1 171 ? -1.710  -18.700 1.021   1.00 32.31 ? 171 GLU A CG  1 
ATOM   1153 C  CD  . GLU A 1 171 ? -2.492  -19.978 1.260   1.00 32.97 ? 171 GLU A CD  1 
ATOM   1154 O  OE1 . GLU A 1 171 ? -2.522  -20.832 0.363   1.00 33.14 ? 171 GLU A OE1 1 
ATOM   1155 O  OE2 . GLU A 1 171 ? -3.080  -20.084 2.350   1.00 35.35 ? 171 GLU A OE2 1 
ATOM   1156 N  N   . GLY A 1 172 ? 2.092   -17.952 0.215   1.00 27.78 ? 172 GLY A N   1 
ATOM   1157 C  CA  . GLY A 1 172 ? 3.240   -18.190 1.103   1.00 32.38 ? 172 GLY A CA  1 
ATOM   1158 C  C   . GLY A 1 172 ? 3.858   -16.896 1.603   1.00 29.63 ? 172 GLY A C   1 
ATOM   1159 O  O   . GLY A 1 172 ? 4.305   -16.849 2.755   1.00 28.75 ? 172 GLY A O   1 
ATOM   1160 N  N   . PHE A 1 173 ? 3.825   -15.872 0.768   1.00 27.44 ? 173 PHE A N   1 
ATOM   1161 C  CA  . PHE A 1 173 ? 4.272   -14.510 1.129   1.00 28.36 ? 173 PHE A CA  1 
ATOM   1162 C  C   . PHE A 1 173 ? 3.383   -14.003 2.267   1.00 24.97 ? 173 PHE A C   1 
ATOM   1163 O  O   . PHE A 1 173 ? 3.954   -13.578 3.255   1.00 26.29 ? 173 PHE A O   1 
ATOM   1164 C  CB  . PHE A 1 173 ? 4.237   -13.583 -0.083  1.00 27.40 ? 173 PHE A CB  1 
ATOM   1165 C  CG  . PHE A 1 173 ? 4.450   -12.146 0.294   1.00 27.45 ? 173 PHE A CG  1 
ATOM   1166 C  CD1 . PHE A 1 173 ? 5.640   -11.727 0.878   1.00 29.18 ? 173 PHE A CD1 1 
ATOM   1167 C  CD2 . PHE A 1 173 ? 3.418   -11.237 0.131   1.00 26.70 ? 173 PHE A CD2 1 
ATOM   1168 C  CE1 . PHE A 1 173 ? 5.801   -10.406 1.284   1.00 31.31 ? 173 PHE A CE1 1 
ATOM   1169 C  CE2 . PHE A 1 173 ? 3.595   -9.913  0.489   1.00 27.26 ? 173 PHE A CE2 1 
ATOM   1170 C  CZ  . PHE A 1 173 ? 4.773   -9.505  1.084   1.00 31.64 ? 173 PHE A CZ  1 
ATOM   1171 N  N   . TYR A 1 174 ? 2.060   -14.079 2.123   1.00 24.72 ? 174 TYR A N   1 
ATOM   1172 C  CA  . TYR A 1 174 ? 1.101   -13.551 3.136   1.00 24.53 ? 174 TYR A CA  1 
ATOM   1173 C  C   . TYR A 1 174 ? 1.196   -14.363 4.414   1.00 26.08 ? 174 TYR A C   1 
ATOM   1174 O  O   . TYR A 1 174 ? 1.131   -13.745 5.477   1.00 26.51 ? 174 TYR A O   1 
ATOM   1175 C  CB  . TYR A 1 174 ? -0.290  -13.386 2.547   1.00 24.49 ? 174 TYR A CB  1 
ATOM   1176 C  CG  . TYR A 1 174 ? -0.295  -12.312 1.509   1.00 28.04 ? 174 TYR A CG  1 
ATOM   1177 C  CD1 . TYR A 1 174 ? -0.002  -11.017 1.907   1.00 26.64 ? 174 TYR A CD1 1 
ATOM   1178 C  CD2 . TYR A 1 174 ? -0.329  -12.586 0.152   1.00 26.95 ? 174 TYR A CD2 1 
ATOM   1179 C  CE1 . TYR A 1 174 ? 0.050   -9.984  0.997   1.00 26.48 ? 174 TYR A CE1 1 
ATOM   1180 C  CE2 . TYR A 1 174 ? -0.255  -11.555 -0.775  1.00 29.33 ? 174 TYR A CE2 1 
ATOM   1181 C  CZ  . TYR A 1 174 ? -0.035  -10.251 -0.342  1.00 26.19 ? 174 TYR A CZ  1 
ATOM   1182 O  OH  . TYR A 1 174 ? 0.127   -9.177  -1.171  1.00 31.03 ? 174 TYR A OH  1 
ATOM   1183 N  N   . ILE A 1 175 ? 1.434   -15.674 4.316   1.00 30.57 ? 175 ILE A N   1 
ATOM   1184 C  CA  . ILE A 1 175 ? 1.692   -16.517 5.521   1.00 31.05 ? 175 ILE A CA  1 
ATOM   1185 C  C   . ILE A 1 175 ? 2.915   -15.972 6.260   1.00 32.22 ? 175 ILE A C   1 
ATOM   1186 O  O   . ILE A 1 175 ? 2.795   -15.765 7.453   1.00 29.64 ? 175 ILE A O   1 
ATOM   1187 C  CB  . ILE A 1 175 ? 1.890   -18.004 5.170   1.00 36.19 ? 175 ILE A CB  1 
ATOM   1188 C  CG1 . ILE A 1 175 ? 0.645   -18.635 4.552   1.00 38.89 ? 175 ILE A CG1 1 
ATOM   1189 C  CG2 . ILE A 1 175 ? 2.355   -18.743 6.424   1.00 34.96 ? 175 ILE A CG2 1 
ATOM   1190 C  CD1 . ILE A 1 175 ? -0.552  -18.480 5.394   1.00 41.93 ? 175 ILE A CD1 1 
ATOM   1191 N  N   . LYS A 1 176 ? 4.017   -15.682 5.555   1.00 32.94 ? 176 LYS A N   1 
ATOM   1192 C  CA  . LYS A 1 176 ? 5.253   -15.151 6.200   1.00 32.99 ? 176 LYS A CA  1 
ATOM   1193 C  C   . LYS A 1 176 ? 5.007   -13.738 6.740   1.00 34.34 ? 176 LYS A C   1 
ATOM   1194 O  O   . LYS A 1 176 ? 5.745   -13.332 7.686   1.00 35.93 ? 176 LYS A O   1 
ATOM   1195 C  CB  . LYS A 1 176 ? 6.426   -15.237 5.225   1.00 33.88 ? 176 LYS A CB  1 
ATOM   1196 C  CG  . LYS A 1 176 ? 6.895   -16.672 4.962   1.00 40.62 ? 176 LYS A CG  1 
ATOM   1197 C  CD  . LYS A 1 176 ? 8.397   -16.851 4.869   1.00 44.51 ? 176 LYS A CD  1 
ATOM   1198 C  CE  . LYS A 1 176 ? 8.855   -18.306 4.771   1.00 40.20 ? 176 LYS A CE  1 
ATOM   1199 N  NZ  . LYS A 1 176 ? 10.012  -18.430 3.847   1.00 40.85 ? 176 LYS A NZ  1 
ATOM   1200 N  N   . CYS A 1 177 ? 3.962   -13.034 6.267   1.00 31.41 ? 177 CYS A N   1 
ATOM   1201 C  CA  . CYS A 1 177 ? 3.561   -11.720 6.847   1.00 32.15 ? 177 CYS A CA  1 
ATOM   1202 C  C   . CYS A 1 177 ? 2.607   -11.879 8.048   1.00 34.64 ? 177 CYS A C   1 
ATOM   1203 O  O   . CYS A 1 177 ? 2.156   -10.860 8.575   1.00 36.16 ? 177 CYS A O   1 
ATOM   1204 C  CB  . CYS A 1 177 ? 2.950   -10.816 5.785   1.00 29.20 ? 177 CYS A CB  1 
ATOM   1205 S  SG  . CYS A 1 177 ? 4.076   -10.354 4.448   1.00 31.27 ? 177 CYS A SG  1 
ATOM   1206 N  N   . GLY A 1 178 ? 2.283   -13.100 8.455   1.00 35.26 ? 178 GLY A N   1 
ATOM   1207 C  CA  . GLY A 1 178 ? 1.413   -13.355 9.624   1.00 35.35 ? 178 GLY A CA  1 
ATOM   1208 C  C   . GLY A 1 178 ? -0.061  -13.315 9.272   1.00 38.09 ? 178 GLY A C   1 
ATOM   1209 O  O   . GLY A 1 178 ? -0.881  -13.204 10.204  1.00 37.90 ? 178 GLY A O   1 
ATOM   1210 N  N   . PHE A 1 179 ? -0.421  -13.422 7.990   1.00 30.91 ? 179 PHE A N   1 
ATOM   1211 C  CA  . PHE A 1 179 ? -1.850  -13.570 7.589   1.00 28.38 ? 179 PHE A CA  1 
ATOM   1212 C  C   . PHE A 1 179 ? -2.230  -15.054 7.576   1.00 28.79 ? 179 PHE A C   1 
ATOM   1213 O  O   . PHE A 1 179 ? -1.346  -15.883 7.335   1.00 29.88 ? 179 PHE A O   1 
ATOM   1214 C  CB  . PHE A 1 179 ? -2.134  -12.919 6.238   1.00 26.44 ? 179 PHE A CB  1 
ATOM   1215 C  CG  . PHE A 1 179 ? -2.239  -11.422 6.282   1.00 27.95 ? 179 PHE A CG  1 
ATOM   1216 C  CD1 . PHE A 1 179 ? -1.135  -10.650 6.625   1.00 31.67 ? 179 PHE A CD1 1 
ATOM   1217 C  CD2 . PHE A 1 179 ? -3.455  -10.784 6.050   1.00 28.17 ? 179 PHE A CD2 1 
ATOM   1218 C  CE1 . PHE A 1 179 ? -1.249  -9.270  6.716   1.00 30.80 ? 179 PHE A CE1 1 
ATOM   1219 C  CE2 . PHE A 1 179 ? -3.567  -9.405  6.146   1.00 31.92 ? 179 PHE A CE2 1 
ATOM   1220 C  CZ  . PHE A 1 179 ? -2.455  -8.652  6.464   1.00 30.67 ? 179 PHE A CZ  1 
ATOM   1221 N  N   . LYS A 1 180 ? -3.524  -15.338 7.727   1.00 31.58 ? 180 LYS A N   1 
ATOM   1222 C  CA  . LYS A 1 180 ? -4.080  -16.716 7.653   1.00 35.65 ? 180 LYS A CA  1 
ATOM   1223 C  C   . LYS A 1 180 ? -5.223  -16.770 6.648   1.00 32.30 ? 180 LYS A C   1 
ATOM   1224 O  O   . LYS A 1 180 ? -5.986  -15.778 6.535   1.00 29.64 ? 180 LYS A O   1 
ATOM   1225 C  CB  . LYS A 1 180 ? -4.582  -17.129 9.038   1.00 38.44 ? 180 LYS A CB  1 
ATOM   1226 C  CG  . LYS A 1 180 ? -3.518  -17.117 10.128  1.00 49.63 ? 180 LYS A CG  1 
ATOM   1227 C  CD  . LYS A 1 180 ? -4.076  -16.713 11.486  1.00 59.85 ? 180 LYS A CD  1 
ATOM   1228 C  CE  . LYS A 1 180 ? -3.110  -16.952 12.630  1.00 65.42 ? 180 LYS A CE  1 
ATOM   1229 N  NZ  . LYS A 1 180 ? -1.736  -16.497 12.309  1.00 66.74 ? 180 LYS A NZ  1 
ATOM   1230 N  N   . ARG A 1 181 ? -5.413  -17.939 6.039   1.00 31.48 ? 181 ARG A N   1 
ATOM   1231 C  CA  . ARG A 1 181 ? -6.546  -18.166 5.120   1.00 34.91 ? 181 ARG A CA  1 
ATOM   1232 C  C   . ARG A 1 181 ? -7.838  -17.972 5.915   1.00 33.08 ? 181 ARG A C   1 
ATOM   1233 O  O   . ARG A 1 181 ? -7.915  -18.456 7.033   1.00 33.68 ? 181 ARG A O   1 
ATOM   1234 C  CB  . ARG A 1 181 ? -6.411  -19.548 4.472   1.00 36.74 ? 181 ARG A CB  1 
ATOM   1235 C  CG  . ARG A 1 181 ? -7.337  -19.726 3.281   1.00 46.70 ? 181 ARG A CG  1 
ATOM   1236 C  CD  . ARG A 1 181 ? -7.441  -21.188 2.930   1.00 57.09 ? 181 ARG A CD  1 
ATOM   1237 N  NE  . ARG A 1 181 ? -6.306  -21.595 2.124   1.00 68.45 ? 181 ARG A NE  1 
ATOM   1238 C  CZ  . ARG A 1 181 ? -6.401  -22.316 1.013   1.00 67.28 ? 181 ARG A CZ  1 
ATOM   1239 N  NH1 . ARG A 1 181 ? -7.591  -22.723 0.598   1.00 60.47 ? 181 ARG A NH1 1 
ATOM   1240 N  NH2 . ARG A 1 181 ? -5.308  -22.637 0.334   1.00 68.87 ? 181 ARG A NH2 1 
ATOM   1241 N  N   . ALA A 1 182 ? -8.775  -17.191 5.402   1.00 29.88 ? 182 ALA A N   1 
ATOM   1242 C  CA  . ALA A 1 182 ? -10.038 -16.830 6.105   1.00 29.51 ? 182 ALA A CA  1 
ATOM   1243 C  C   . ALA A 1 182 ? -11.257 -17.096 5.235   1.00 32.79 ? 182 ALA A C   1 
ATOM   1244 O  O   . ALA A 1 182 ? -12.360 -17.003 5.750   1.00 37.51 ? 182 ALA A O   1 
ATOM   1245 C  CB  . ALA A 1 182 ? -10.017 -15.399 6.531   1.00 30.17 ? 182 ALA A CB  1 
ATOM   1246 N  N   . GLY A 1 183 ? -11.084 -17.319 3.942   1.00 30.82 ? 183 GLY A N   1 
ATOM   1247 C  CA  . GLY A 1 183 ? -12.213 -17.646 3.070   1.00 28.95 ? 183 GLY A CA  1 
ATOM   1248 C  C   . GLY A 1 183 ? -11.786 -17.607 1.634   1.00 26.18 ? 183 GLY A C   1 
ATOM   1249 O  O   . GLY A 1 183 ? -10.599 -17.758 1.363   1.00 27.36 ? 183 GLY A O   1 
ATOM   1250 N  N   . LEU A 1 184 ? -12.742 -17.430 0.744   1.00 26.62 ? 184 LEU A N   1 
ATOM   1251 C  CA  . LEU A 1 184 ? -12.526 -17.538 -0.709  1.00 26.52 ? 184 LEU A CA  1 
ATOM   1252 C  C   . LEU A 1 184 ? -12.853 -16.184 -1.317  1.00 29.49 ? 184 LEU A C   1 
ATOM   1253 O  O   . LEU A 1 184 ? -13.813 -15.543 -0.854  1.00 32.45 ? 184 LEU A O   1 
ATOM   1254 C  CB  . LEU A 1 184 ? -13.449 -18.586 -1.321  1.00 31.30 ? 184 LEU A CB  1 
ATOM   1255 C  CG  . LEU A 1 184 ? -13.282 -19.996 -0.774  1.00 36.77 ? 184 LEU A CG  1 
ATOM   1256 C  CD1 . LEU A 1 184 ? -14.426 -20.891 -1.238  1.00 38.45 ? 184 LEU A CD1 1 
ATOM   1257 C  CD2 . LEU A 1 184 ? -11.935 -20.570 -1.182  1.00 41.35 ? 184 LEU A CD2 1 
ATOM   1258 N  N   . GLU A 1 185 ? -12.102 -15.825 -2.347  1.00 26.79 ? 185 GLU A N   1 
ATOM   1259 C  CA  . GLU A 1 185 ? -12.386 -14.669 -3.204  1.00 25.30 ? 185 GLU A CA  1 
ATOM   1260 C  C   . GLU A 1 185 ? -13.196 -15.168 -4.392  1.00 25.88 ? 185 GLU A C   1 
ATOM   1261 O  O   . GLU A 1 185 ? -12.799 -16.123 -5.044  1.00 26.68 ? 185 GLU A O   1 
ATOM   1262 C  CB  . GLU A 1 185 ? -11.107 -13.959 -3.625  1.00 26.16 ? 185 GLU A CB  1 
ATOM   1263 C  CG  . GLU A 1 185 ? -11.394 -12.825 -4.589  1.00 27.58 ? 185 GLU A CG  1 
ATOM   1264 C  CD  . GLU A 1 185 ? -10.259 -12.264 -5.419  1.00 31.49 ? 185 GLU A CD  1 
ATOM   1265 O  OE1 . GLU A 1 185 ? -9.141  -12.853 -5.416  1.00 30.12 ? 185 GLU A OE1 1 
ATOM   1266 O  OE2 . GLU A 1 185 ? -10.545 -11.267 -6.115  1.00 30.19 ? 185 GLU A OE2 1 
ATOM   1267 N  N   . MET A 1 186 ? -14.348 -14.554 -4.628  1.00 24.29 ? 186 MET A N   1 
ATOM   1268 C  CA  . MET A 1 186 ? -15.239 -14.893 -5.751  1.00 23.81 ? 186 MET A CA  1 
ATOM   1269 C  C   . MET A 1 186 ? -15.299 -13.661 -6.646  1.00 27.16 ? 186 MET A C   1 
ATOM   1270 O  O   . MET A 1 186 ? -15.257 -12.495 -6.130  1.00 27.17 ? 186 MET A O   1 
ATOM   1271 C  CB  . MET A 1 186 ? -16.645 -15.247 -5.255  1.00 28.29 ? 186 MET A CB  1 
ATOM   1272 C  CG  . MET A 1 186 ? -16.672 -16.321 -4.201  1.00 30.37 ? 186 MET A CG  1 
ATOM   1273 S  SD  . MET A 1 186 ? -16.129 -17.944 -4.840  1.00 29.82 ? 186 MET A SD  1 
ATOM   1274 C  CE  . MET A 1 186 ? -17.488 -18.310 -5.942  1.00 30.47 ? 186 MET A CE  1 
ATOM   1275 N  N   . ALA A 1 187 ? -15.424 -13.855 -7.945  1.00 25.61 ? 187 ALA A N   1 
ATOM   1276 C  CA  . ALA A 1 187 ? -15.359 -12.729 -8.890  1.00 25.99 ? 187 ALA A CA  1 
ATOM   1277 C  C   . ALA A 1 187 ? -16.463 -12.857 -9.921  1.00 29.15 ? 187 ALA A C   1 
ATOM   1278 O  O   . ALA A 1 187 ? -16.805 -14.000 -10.332 1.00 29.63 ? 187 ALA A O   1 
ATOM   1279 C  CB  . ALA A 1 187 ? -14.000 -12.627 -9.574  1.00 27.82 ? 187 ALA A CB  1 
ATOM   1280 N  N   . HIS A 1 188 ? -16.913 -11.698 -10.397 1.00 29.25 ? 188 HIS A N   1 
ATOM   1281 C  CA  . HIS A 1 188 ? -17.870 -11.580 -11.537 1.00 35.88 ? 188 HIS A CA  1 
ATOM   1282 C  C   . HIS A 1 188 ? -17.347 -10.497 -12.486 1.00 37.41 ? 188 HIS A C   1 
ATOM   1283 O  O   . HIS A 1 188 ? -17.130 -9.385  -12.011 1.00 33.89 ? 188 HIS A O   1 
ATOM   1284 C  CB  . HIS A 1 188 ? -19.250 -11.250 -10.959 1.00 36.94 ? 188 HIS A CB  1 
ATOM   1285 C  CG  . HIS A 1 188 ? -20.365 -11.261 -11.938 1.00 43.47 ? 188 HIS A CG  1 
ATOM   1286 N  ND1 . HIS A 1 188 ? -20.713 -10.139 -12.666 1.00 46.92 ? 188 HIS A ND1 1 
ATOM   1287 C  CD2 . HIS A 1 188 ? -21.231 -12.238 -12.294 1.00 46.94 ? 188 HIS A CD2 1 
ATOM   1288 C  CE1 . HIS A 1 188 ? -21.722 -10.435 -13.468 1.00 45.07 ? 188 HIS A CE1 1 
ATOM   1289 N  NE2 . HIS A 1 188 ? -22.061 -11.719 -13.255 1.00 49.73 ? 188 HIS A NE2 1 
ATOM   1290 N  N   . TYR A 1 189 ? -17.075 -10.809 -13.754 1.00 46.81 ? 189 TYR A N   1 
ATOM   1291 C  CA  . TYR A 1 189 ? -16.447 -9.836  -14.697 1.00 52.70 ? 189 TYR A CA  1 
ATOM   1292 C  C   . TYR A 1 189 ? -17.492 -9.285  -15.662 1.00 58.67 ? 189 TYR A C   1 
ATOM   1293 O  O   . TYR A 1 189 ? -18.554 -9.912  -15.813 1.00 53.75 ? 189 TYR A O   1 
ATOM   1294 C  CB  . TYR A 1 189 ? -15.285 -10.446 -15.478 1.00 51.33 ? 189 TYR A CB  1 
ATOM   1295 C  CG  . TYR A 1 189 ? -14.122 -10.828 -14.611 1.00 49.11 ? 189 TYR A CG  1 
ATOM   1296 C  CD1 . TYR A 1 189 ? -14.132 -12.037 -13.939 1.00 47.80 ? 189 TYR A CD1 1 
ATOM   1297 C  CD2 . TYR A 1 189 ? -13.020 -9.998  -14.472 1.00 47.83 ? 189 TYR A CD2 1 
ATOM   1298 C  CE1 . TYR A 1 189 ? -13.076 -12.422 -13.138 1.00 50.72 ? 189 TYR A CE1 1 
ATOM   1299 C  CE2 . TYR A 1 189 ? -11.939 -10.380 -13.688 1.00 48.58 ? 189 TYR A CE2 1 
ATOM   1300 C  CZ  . TYR A 1 189 ? -11.982 -11.588 -13.006 1.00 49.66 ? 189 TYR A CZ  1 
ATOM   1301 O  OH  . TYR A 1 189 ? -10.963 -12.010 -12.213 1.00 57.46 ? 189 TYR A OH  1 
ATOM   1302 N  N   . TYR A 1 190 ? -17.170 -8.120  -16.240 1.00 65.38 ? 190 TYR A N   1 
ATOM   1303 C  CA  . TYR A 1 190 ? -17.996 -7.340  -17.200 1.00 67.22 ? 190 TYR A CA  1 
ATOM   1304 C  C   . TYR A 1 190 ? -17.196 -7.123  -18.487 1.00 68.61 ? 190 TYR A C   1 
ATOM   1305 O  O   . TYR A 1 190 ? -15.966 -7.191  -18.438 1.00 73.44 ? 190 TYR A O   1 
ATOM   1306 C  CB  . TYR A 1 190 ? -18.375 -5.977  -16.612 1.00 63.04 ? 190 TYR A CB  1 
ATOM   1307 C  CG  . TYR A 1 190 ? -19.003 -6.051  -15.246 1.00 61.51 ? 190 TYR A CG  1 
ATOM   1308 C  CD1 . TYR A 1 190 ? -20.222 -6.685  -15.064 1.00 59.24 ? 190 TYR A CD1 1 
ATOM   1309 C  CD2 . TYR A 1 190 ? -18.375 -5.502  -14.134 1.00 60.92 ? 190 TYR A CD2 1 
ATOM   1310 C  CE1 . TYR A 1 190 ? -20.794 -6.786  -13.805 1.00 61.45 ? 190 TYR A CE1 1 
ATOM   1311 C  CE2 . TYR A 1 190 ? -18.929 -5.598  -12.869 1.00 54.63 ? 190 TYR A CE2 1 
ATOM   1312 C  CZ  . TYR A 1 190 ? -20.149 -6.236  -12.710 1.00 58.21 ? 190 TYR A CZ  1 
ATOM   1313 O  OH  . TYR A 1 190 ? -20.727 -6.327  -11.481 1.00 58.08 ? 190 TYR A OH  1 
ATOM   1314 O  OXT . TYR A 1 190 ? -17.752 -6.859  -19.553 1.00 80.22 ? 190 TYR A OXT 1 
HETATM 1315 N  N1A . ACO B 2 .   ? 5.672   -17.440 -2.097  1.00 27.69 ? 201 ACO A N1A 1 
HETATM 1316 C  C2A . ACO B 2 .   ? 6.278   -17.836 -0.978  1.00 30.03 ? 201 ACO A C2A 1 
HETATM 1317 N  N3A . ACO B 2 .   ? 7.186   -17.080 -0.286  1.00 30.34 ? 201 ACO A N3A 1 
HETATM 1318 C  C4A . ACO B 2 .   ? 7.404   -15.803 -0.766  1.00 29.24 ? 201 ACO A C4A 1 
HETATM 1319 C  C5A . ACO B 2 .   ? 6.742   -15.323 -1.960  1.00 28.00 ? 201 ACO A C5A 1 
HETATM 1320 C  C6A . ACO B 2 .   ? 5.863   -16.221 -2.648  1.00 29.10 ? 201 ACO A C6A 1 
HETATM 1321 N  N6A . ACO B 2 .   ? 5.238   -15.801 -3.789  1.00 28.86 ? 201 ACO A N6A 1 
HETATM 1322 N  N7A . ACO B 2 .   ? 7.193   -14.065 -2.226  1.00 29.13 ? 201 ACO A N7A 1 
HETATM 1323 C  C8A . ACO B 2 .   ? 8.029   -13.760 -1.248  1.00 28.56 ? 201 ACO A C8A 1 
HETATM 1324 N  N9A . ACO B 2 .   ? 8.184   -14.811 -0.410  1.00 27.82 ? 201 ACO A N9A 1 
HETATM 1325 C  C1B . ACO B 2 .   ? 8.970   -14.870 0.825   1.00 29.30 ? 201 ACO A C1B 1 
HETATM 1326 C  C2B . ACO B 2 .   ? 10.327  -14.247 0.727   1.00 30.22 ? 201 ACO A C2B 1 
HETATM 1327 O  O2B . ACO B 2 .   ? 11.306  -15.136 0.231   1.00 29.65 ? 201 ACO A O2B 1 
HETATM 1328 C  C3B . ACO B 2 .   ? 10.557  -13.902 2.186   1.00 28.20 ? 201 ACO A C3B 1 
HETATM 1329 O  O3B . ACO B 2 .   ? 10.858  -15.113 2.864   1.00 33.81 ? 201 ACO A O3B 1 
HETATM 1330 P  P3B . ACO B 2 .   ? 11.862  -15.121 4.205   1.00 37.62 ? 201 ACO A P3B 1 
HETATM 1331 O  O7A . ACO B 2 .   ? 11.121  -14.422 5.279   1.00 42.25 ? 201 ACO A O7A 1 
HETATM 1332 O  O8A . ACO B 2 .   ? 11.957  -16.602 4.360   1.00 37.60 ? 201 ACO A O8A 1 
HETATM 1333 O  O9A . ACO B 2 .   ? 13.065  -14.452 3.602   1.00 32.86 ? 201 ACO A O9A 1 
HETATM 1334 C  C4B . ACO B 2 .   ? 9.192   -13.463 2.684   1.00 28.92 ? 201 ACO A C4B 1 
HETATM 1335 O  O4B . ACO B 2 .   ? 8.263   -14.187 1.879   1.00 29.97 ? 201 ACO A O4B 1 
HETATM 1336 C  C5B . ACO B 2 .   ? 8.928   -11.960 2.624   1.00 26.20 ? 201 ACO A C5B 1 
HETATM 1337 O  O5B . ACO B 2 .   ? 9.094   -11.592 1.271   1.00 28.17 ? 201 ACO A O5B 1 
HETATM 1338 P  P1A . ACO B 2 .   ? 9.740   -10.261 0.693   1.00 29.95 ? 201 ACO A P1A 1 
HETATM 1339 O  O1A . ACO B 2 .   ? 11.232  -10.403 0.514   1.00 30.38 ? 201 ACO A O1A 1 
HETATM 1340 O  O2A . ACO B 2 .   ? 9.278   -9.190  1.631   1.00 28.17 ? 201 ACO A O2A 1 
HETATM 1341 O  O3A . ACO B 2 .   ? 9.067   -10.201 -0.706  1.00 26.40 ? 201 ACO A O3A 1 
HETATM 1342 P  P2A . ACO B 2 .   ? 9.020   -9.205  -1.905  1.00 30.30 ? 201 ACO A P2A 1 
HETATM 1343 O  O4A . ACO B 2 .   ? 9.468   -9.853  -3.132  1.00 30.58 ? 201 ACO A O4A 1 
HETATM 1344 O  O5A . ACO B 2 .   ? 9.700   -7.937  -1.387  1.00 29.43 ? 201 ACO A O5A 1 
HETATM 1345 O  O6A . ACO B 2 .   ? 7.415   -8.873  -1.949  1.00 30.89 ? 201 ACO A O6A 1 
HETATM 1346 C  CBP . ACO B 2 .   ? 5.620   -9.373  -3.438  1.00 31.03 ? 201 ACO A CBP 1 
HETATM 1347 C  CCP . ACO B 2 .   ? 6.430   -9.869  -2.257  1.00 29.26 ? 201 ACO A CCP 1 
HETATM 1348 C  CDP . ACO B 2 .   ? 4.906   -8.097  -3.111  1.00 32.51 ? 201 ACO A CDP 1 
HETATM 1349 C  CEP . ACO B 2 .   ? 4.580   -10.456 -3.811  1.00 30.74 ? 201 ACO A CEP 1 
HETATM 1350 C  CAP . ACO B 2 .   ? 6.520   -9.110  -4.615  1.00 28.91 ? 201 ACO A CAP 1 
HETATM 1351 O  OAP . ACO B 2 .   ? 7.269   -10.297 -4.943  1.00 32.82 ? 201 ACO A OAP 1 
HETATM 1352 C  C9P . ACO B 2 .   ? 5.783   -8.709  -5.832  1.00 30.91 ? 201 ACO A C9P 1 
HETATM 1353 O  O9P . ACO B 2 .   ? 5.541   -7.555  -6.091  1.00 28.33 ? 201 ACO A O9P 1 
HETATM 1354 N  N8P . ACO B 2 .   ? 5.315   -9.666  -6.667  1.00 29.24 ? 201 ACO A N8P 1 
HETATM 1355 C  C7P . ACO B 2 .   ? 4.587   -9.205  -7.781  1.00 26.97 ? 201 ACO A C7P 1 
HETATM 1356 C  C6P . ACO B 2 .   ? 3.231   -8.557  -7.589  1.00 29.99 ? 201 ACO A C6P 1 
HETATM 1357 C  C5P . ACO B 2 .   ? 2.357   -9.335  -6.609  1.00 37.00 ? 201 ACO A C5P 1 
HETATM 1358 O  O5P . ACO B 2 .   ? 2.174   -10.557 -6.585  1.00 32.27 ? 201 ACO A O5P 1 
HETATM 1359 N  N4P . ACO B 2 .   ? 1.783   -8.569  -5.696  1.00 31.51 ? 201 ACO A N4P 1 
HETATM 1360 C  C3P . ACO B 2 .   ? 0.909   -9.120  -4.643  1.00 30.00 ? 201 ACO A C3P 1 
HETATM 1361 C  C2P . ACO B 2 .   ? -0.512  -8.923  -5.129  1.00 28.89 ? 201 ACO A C2P 1 
HETATM 1362 S  S1P . ACO B 2 .   ? -1.634  -9.535  -3.849  1.00 31.69 ? 201 ACO A S1P 1 
HETATM 1363 C  C   . ACO B 2 .   ? -2.049  -8.037  -3.165  1.00 32.26 ? 201 ACO A C   1 
HETATM 1364 O  O   . ACO B 2 .   ? -1.598  -6.947  -3.564  1.00 28.75 ? 201 ACO A O   1 
HETATM 1365 C  CH3 . ACO B 2 .   ? -2.970  -8.065  -1.997  1.00 29.08 ? 201 ACO A CH3 1 
HETATM 1366 CL CL1 . N3W C 3 .   ? -14.874 -2.644  0.616   0.50 28.35 ? 202 N3W A CL1 1 
HETATM 1367 C  CAD . N3W C 3 .   ? -13.304 -2.559  -0.086  0.50 25.86 ? 202 N3W A CAD 1 
HETATM 1368 C  CAE . N3W C 3 .   ? -12.715 -3.806  -0.337  0.50 25.20 ? 202 N3W A CAE 1 
HETATM 1369 N  NAM . N3W C 3 .   ? -13.435 -4.887  -0.074  0.50 27.68 ? 202 N3W A NAM 1 
HETATM 1370 C  CAF . N3W C 3 .   ? -11.472 -3.894  -0.883  0.50 24.37 ? 202 N3W A CAF 1 
HETATM 1371 C  CAA . N3W C 3 .   ? -10.795 -2.744  -1.195  0.50 22.59 ? 202 N3W A CAA 1 
HETATM 1372 C  CAB . N3W C 3 .   ? -11.360 -1.499  -0.972  0.50 25.01 ? 202 N3W A CAB 1 
HETATM 1373 C  CAC . N3W C 3 .   ? -12.620 -1.393  -0.414  0.50 24.49 ? 202 N3W A CAC 1 
HETATM 1374 C  CAG . N3W C 3 .   ? -13.052 -0.132  -0.223  0.50 25.62 ? 202 N3W A CAG 1 
HETATM 1375 N  NAK . N3W C 3 .   ? -13.114 0.760   -1.192  0.50 24.99 ? 202 N3W A NAK 1 
HETATM 1376 C  CAJ . N3W C 3 .   ? -13.584 1.882   -0.632  0.50 24.53 ? 202 N3W A CAJ 1 
HETATM 1377 N  NAI . N3W C 3 .   ? -13.760 1.641   0.670   0.50 24.76 ? 202 N3W A NAI 1 
HETATM 1378 N  NAH . N3W C 3 .   ? -13.470 0.422   0.911   0.50 25.07 ? 202 N3W A NAH 1 
HETATM 1379 O  O   . HOH D 4 .   ? 17.501  9.118   -8.160  1.00 37.30 ? 301 HOH A O   1 
HETATM 1380 O  O   . HOH D 4 .   ? 13.012  -12.066 1.070   1.00 40.41 ? 302 HOH A O   1 
HETATM 1381 O  O   . HOH D 4 .   ? 15.343  -11.346 2.330   1.00 49.18 ? 303 HOH A O   1 
HETATM 1382 O  O   . HOH D 4 .   ? 5.088   -2.193  12.894  1.00 38.63 ? 304 HOH A O   1 
HETATM 1383 O  O   . HOH D 4 .   ? 13.882  3.948   7.358   1.00 37.52 ? 305 HOH A O   1 
HETATM 1384 O  O   . HOH D 4 .   ? 2.820   -3.831  11.702  1.00 38.45 ? 306 HOH A O   1 
HETATM 1385 O  O   . HOH D 4 .   ? 1.817   -6.748  10.115  1.00 38.11 ? 307 HOH A O   1 
HETATM 1386 O  O   . HOH D 4 .   ? 13.567  -4.447  -11.412 1.00 49.17 ? 308 HOH A O   1 
HETATM 1387 O  O   . HOH D 4 .   ? -6.307  8.981   9.308   1.00 38.39 ? 309 HOH A O   1 
HETATM 1388 O  O   . HOH D 4 .   ? 2.764   2.375   8.788   1.00 23.94 ? 310 HOH A O   1 
HETATM 1389 O  O   . HOH D 4 .   ? -9.950  15.218  -8.861  1.00 44.30 ? 311 HOH A O   1 
HETATM 1390 O  O   . HOH D 4 .   ? -4.684  0.896   -4.421  1.00 35.45 ? 312 HOH A O   1 
HETATM 1391 O  O   . HOH D 4 .   ? -5.551  17.334  -13.448 1.00 39.73 ? 313 HOH A O   1 
HETATM 1392 O  O   . HOH D 4 .   ? 12.220  -7.176  -1.257  1.00 29.52 ? 314 HOH A O   1 
HETATM 1393 O  O   . HOH D 4 .   ? 8.321   -13.313 8.271   1.00 50.33 ? 315 HOH A O   1 
HETATM 1394 O  O   . HOH D 4 .   ? 10.283  -12.360 -3.434  1.00 33.94 ? 316 HOH A O   1 
HETATM 1395 O  O   . HOH D 4 .   ? -19.265 -1.382  3.880   1.00 31.91 ? 317 HOH A O   1 
HETATM 1396 O  O   . HOH D 4 .   ? -7.748  5.111   16.611  1.00 39.50 ? 318 HOH A O   1 
HETATM 1397 O  O   . HOH D 4 .   ? 5.755   -11.846 9.910   1.00 46.42 ? 319 HOH A O   1 
HETATM 1398 O  O   . HOH D 4 .   ? -12.267 15.992  1.711   1.00 51.33 ? 320 HOH A O   1 
HETATM 1399 O  O   . HOH D 4 .   ? 15.047  7.173   0.174   1.00 41.43 ? 321 HOH A O   1 
HETATM 1400 O  O   . HOH D 4 .   ? 1.884   13.352  -18.674 1.00 49.79 ? 322 HOH A O   1 
HETATM 1401 O  O   . HOH D 4 .   ? 9.113   -4.255  11.206  1.00 43.15 ? 323 HOH A O   1 
HETATM 1402 O  O   . HOH D 4 .   ? 0.677   2.969   -3.159  1.00 32.27 ? 324 HOH A O   1 
HETATM 1403 O  O   . HOH D 4 .   ? -1.359  15.414  -0.180  1.00 40.47 ? 325 HOH A O   1 
HETATM 1404 O  O   . HOH D 4 .   ? 13.372  -10.718 -9.007  1.00 49.86 ? 326 HOH A O   1 
HETATM 1405 O  O   . HOH D 4 .   ? 0.382   -14.640 -8.221  1.00 39.99 ? 327 HOH A O   1 
HETATM 1406 O  O   . HOH D 4 .   ? -6.489  -7.573  -1.719  1.00 25.99 ? 328 HOH A O   1 
HETATM 1407 O  O   . HOH D 4 .   ? -15.115 -6.412  4.283   1.00 32.63 ? 329 HOH A O   1 
HETATM 1408 O  O   . HOH D 4 .   ? 8.025   12.999  -4.524  1.00 43.91 ? 330 HOH A O   1 
HETATM 1409 O  O   . HOH D 4 .   ? 8.122   8.308   6.666   1.00 35.91 ? 331 HOH A O   1 
HETATM 1410 O  O   . HOH D 4 .   ? 1.091   15.942  -2.532  1.00 35.87 ? 332 HOH A O   1 
HETATM 1411 O  O   . HOH D 4 .   ? -13.453 -1.173  13.677  1.00 35.06 ? 333 HOH A O   1 
HETATM 1412 O  O   . HOH D 4 .   ? -9.330  -7.140  -2.828  1.00 47.77 ? 334 HOH A O   1 
HETATM 1413 O  O   . HOH D 4 .   ? 7.050   -13.099 -4.816  1.00 36.57 ? 335 HOH A O   1 
HETATM 1414 O  O   . HOH D 4 .   ? 7.233   8.842   9.212   1.00 38.10 ? 336 HOH A O   1 
HETATM 1415 O  O   . HOH D 4 .   ? -0.428  0.537   -3.876  1.00 27.39 ? 337 HOH A O   1 
HETATM 1416 O  O   . HOH D 4 .   ? -9.691  -7.098  0.976   1.00 35.66 ? 338 HOH A O   1 
HETATM 1417 O  O   . HOH D 4 .   ? 5.215   11.796  1.814   1.00 34.98 ? 339 HOH A O   1 
HETATM 1418 O  O   . HOH D 4 .   ? -1.812  1.901   -6.231  1.00 31.36 ? 340 HOH A O   1 
HETATM 1419 O  O   . HOH D 4 .   ? 14.051  -4.540  6.023   1.00 37.43 ? 341 HOH A O   1 
HETATM 1420 O  O   . HOH D 4 .   ? -3.570  0.823   -7.992  1.00 37.65 ? 342 HOH A O   1 
HETATM 1421 O  O   . HOH D 4 .   ? -6.507  -12.440 -6.288  1.00 46.79 ? 343 HOH A O   1 
HETATM 1422 O  O   . HOH D 4 .   ? -9.529  6.068   8.860   1.00 38.23 ? 344 HOH A O   1 
HETATM 1423 O  O   . HOH D 4 .   ? 8.019   -18.899 1.703   1.00 34.85 ? 345 HOH A O   1 
HETATM 1424 O  O   . HOH D 4 .   ? -3.148  15.051  2.117   1.00 46.38 ? 346 HOH A O   1 
HETATM 1425 O  O   . HOH D 4 .   ? 3.672   -19.453 -2.043  1.00 45.01 ? 347 HOH A O   1 
HETATM 1426 O  O   . HOH D 4 .   ? 6.174   0.522   15.183  1.00 39.31 ? 348 HOH A O   1 
HETATM 1427 O  O   . HOH D 4 .   ? 18.872  -6.936  -8.309  1.00 58.28 ? 349 HOH A O   1 
HETATM 1428 O  O   . HOH D 4 .   ? -17.394 -13.458 -14.798 1.00 48.46 ? 350 HOH A O   1 
HETATM 1429 O  O   . HOH D 4 .   ? -5.476  -8.535  -4.459  1.00 40.35 ? 351 HOH A O   1 
HETATM 1430 O  O   . HOH D 4 .   ? 20.159  8.189   0.701   1.00 47.32 ? 352 HOH A O   1 
HETATM 1431 O  O   . HOH D 4 .   ? 16.351  -2.674  -8.970  1.00 53.72 ? 353 HOH A O   1 
HETATM 1432 O  O   . HOH D 4 .   ? -3.385  11.871  8.070   1.00 38.90 ? 354 HOH A O   1 
HETATM 1433 O  O   . HOH D 4 .   ? 19.565  2.231   -2.889  1.00 48.22 ? 355 HOH A O   1 
HETATM 1434 O  O   . HOH D 4 .   ? 11.560  10.536  -0.517  1.00 53.83 ? 356 HOH A O   1 
HETATM 1435 O  O   . HOH D 4 .   ? -4.787  -5.969  -4.589  1.00 29.82 ? 357 HOH A O   1 
HETATM 1436 O  O   . HOH D 4 .   ? 5.255   -9.412  10.733  1.00 49.95 ? 358 HOH A O   1 
HETATM 1437 O  O   . HOH D 4 .   ? 10.384  -12.688 -5.850  1.00 41.41 ? 359 HOH A O   1 
HETATM 1438 O  O   . HOH D 4 .   ? -2.145  -12.093 -6.041  1.00 34.57 ? 360 HOH A O   1 
HETATM 1439 O  O   . HOH D 4 .   ? 7.015   -10.075 -9.990  1.00 39.91 ? 361 HOH A O   1 
HETATM 1440 O  O   . HOH D 4 .   ? 9.940   -8.577  10.941  1.00 43.10 ? 362 HOH A O   1 
HETATM 1441 O  O   . HOH D 4 .   ? -19.038 2.450   18.100  1.00 48.39 ? 363 HOH A O   1 
HETATM 1442 O  O   . HOH D 4 .   ? -1.674  -18.916 -8.263  1.00 38.78 ? 364 HOH A O   1 
HETATM 1443 O  O   . HOH D 4 .   ? -5.363  -18.590 -7.066  1.00 45.39 ? 365 HOH A O   1 
HETATM 1444 O  O   . HOH D 4 .   ? -15.252 -8.517  6.115   1.00 38.75 ? 366 HOH A O   1 
HETATM 1445 O  O   . HOH D 4 .   ? 9.861   -4.377  -12.187 1.00 38.23 ? 367 HOH A O   1 
HETATM 1446 O  O   . HOH D 4 .   ? 7.051   13.871  0.521   1.00 42.73 ? 368 HOH A O   1 
HETATM 1447 O  O   . HOH D 4 .   ? -14.744 -11.139 11.213  1.00 58.21 ? 369 HOH A O   1 
HETATM 1448 O  O   . HOH D 4 .   ? -14.656 -2.352  15.844  1.00 47.21 ? 370 HOH A O   1 
HETATM 1449 O  O   . HOH D 4 .   ? -24.313 -13.994 -14.015 1.00 53.31 ? 371 HOH A O   1 
HETATM 1450 O  O   . HOH D 4 .   ? 11.108  12.905  -0.222  1.00 48.50 ? 372 HOH A O   1 
HETATM 1451 O  O   . HOH D 4 .   ? 3.414   13.967  12.031  1.00 54.28 ? 373 HOH A O   1 
HETATM 1452 O  O   . HOH D 4 .   ? -10.423 13.226  4.541   1.00 52.45 ? 374 HOH A O   1 
HETATM 1453 O  O   . HOH D 4 .   ? 7.268   -4.205  12.741  1.00 43.79 ? 375 HOH A O   1 
HETATM 1454 O  O   . HOH D 4 .   ? 16.030  -8.226  -12.110 1.00 46.68 ? 376 HOH A O   1 
HETATM 1455 O  O   . HOH D 4 .   ? -7.963  -8.099  -5.498  1.00 41.33 ? 377 HOH A O   1 
HETATM 1456 O  O   . HOH D 4 .   ? 4.870   -6.112  12.955  1.00 57.24 ? 378 HOH A O   1 
HETATM 1457 O  O   . HOH D 4 .   ? -5.083  -6.316  -9.199  1.00 58.19 ? 379 HOH A O   1 
HETATM 1458 O  O   . HOH D 4 .   ? 0.911   15.597  7.117   1.00 51.88 ? 380 HOH A O   1 
HETATM 1459 O  O   . HOH D 4 .   ? 11.768  -11.660 8.479   1.00 51.74 ? 381 HOH A O   1 
HETATM 1460 O  O   . HOH D 4 .   ? 18.866  -5.776  1.920   1.00 50.34 ? 382 HOH A O   1 
HETATM 1461 O  O   . HOH D 4 .   ? -14.857 2.062   16.908  1.00 47.56 ? 383 HOH A O   1 
HETATM 1462 O  O   . HOH D 4 .   ? 6.516   12.175  4.157   1.00 36.49 ? 384 HOH A O   1 
HETATM 1463 O  O   . HOH D 4 .   ? 8.293   -12.846 11.633  1.00 63.96 ? 385 HOH A O   1 
HETATM 1464 O  O   . HOH D 4 .   ? 4.228   -5.363  16.258  1.00 60.55 ? 386 HOH A O   1 
HETATM 1465 O  O   . HOH D 4 .   ? -16.178 -0.135  20.212  1.00 44.49 ? 387 HOH A O   1 
HETATM 1466 O  O   . HOH D 4 .   ? 6.741   14.822  5.331   1.00 52.29 ? 388 HOH A O   1 
# 
